data_6GLH
# 
_entry.id   6GLH 
# 
_audit_conform.dict_name       mmcif_pdbx.dic 
_audit_conform.dict_version    5.392 
_audit_conform.dict_location   http://mmcif.pdb.org/dictionaries/ascii/mmcif_pdbx.dic 
# 
loop_
_database_2.database_id 
_database_2.database_code 
_database_2.pdbx_database_accession 
_database_2.pdbx_DOI 
PDB   6GLH         pdb_00006glh 10.2210/pdb6glh/pdb 
WWPDB D_1200010115 ?            ?                   
# 
loop_
_pdbx_audit_revision_history.ordinal 
_pdbx_audit_revision_history.data_content_type 
_pdbx_audit_revision_history.major_revision 
_pdbx_audit_revision_history.minor_revision 
_pdbx_audit_revision_history.revision_date 
1 'Structure model' 1 0 2019-02-20 
2 'Structure model' 1 1 2024-05-15 
# 
_pdbx_audit_revision_details.ordinal             1 
_pdbx_audit_revision_details.revision_ordinal    1 
_pdbx_audit_revision_details.data_content_type   'Structure model' 
_pdbx_audit_revision_details.provider            repository 
_pdbx_audit_revision_details.type                'Initial release' 
_pdbx_audit_revision_details.description         ? 
_pdbx_audit_revision_details.details             ? 
# 
loop_
_pdbx_audit_revision_group.ordinal 
_pdbx_audit_revision_group.revision_ordinal 
_pdbx_audit_revision_group.data_content_type 
_pdbx_audit_revision_group.group 
1 2 'Structure model' 'Data collection'     
2 2 'Structure model' 'Database references' 
# 
loop_
_pdbx_audit_revision_category.ordinal 
_pdbx_audit_revision_category.revision_ordinal 
_pdbx_audit_revision_category.data_content_type 
_pdbx_audit_revision_category.category 
1 2 'Structure model' chem_comp_atom 
2 2 'Structure model' chem_comp_bond 
3 2 'Structure model' database_2     
# 
loop_
_pdbx_audit_revision_item.ordinal 
_pdbx_audit_revision_item.revision_ordinal 
_pdbx_audit_revision_item.data_content_type 
_pdbx_audit_revision_item.item 
1 2 'Structure model' '_database_2.pdbx_DOI'                
2 2 'Structure model' '_database_2.pdbx_database_accession' 
# 
_pdbx_database_status.status_code                     REL 
_pdbx_database_status.status_code_sf                  REL 
_pdbx_database_status.status_code_mr                  ? 
_pdbx_database_status.entry_id                        6GLH 
_pdbx_database_status.recvd_initial_deposition_date   2018-05-23 
_pdbx_database_status.SG_entry                        N 
_pdbx_database_status.deposit_site                    PDBE 
_pdbx_database_status.process_site                    PDBE 
_pdbx_database_status.status_code_cs                  ? 
_pdbx_database_status.methods_development_category    ? 
_pdbx_database_status.pdb_format_compatible           Y 
_pdbx_database_status.status_code_nmr_data            ? 
# 
loop_
_audit_author.name 
_audit_author.pdbx_ordinal 
_audit_author.identifier_ORCID 
'Eberle, S.A.' 1 ? 
'Wiedmer, L.'  2 ? 
'Sledz, P.'    3 ? 
'Caflisch, A.' 4 ? 
# 
_citation.abstract                  ? 
_citation.abstract_id_CAS           ? 
_citation.book_id_ISBN              ? 
_citation.book_publisher            ? 
_citation.book_publisher_city       ? 
_citation.book_title                ? 
_citation.coordinate_linkage        ? 
_citation.country                   ? 
_citation.database_id_Medline       ? 
_citation.details                   ? 
_citation.id                        primary 
_citation.journal_abbrev            'To Be Published' 
_citation.journal_id_ASTM           ? 
_citation.journal_id_CSD            0353 
_citation.journal_id_ISSN           ? 
_citation.journal_full              ? 
_citation.journal_issue             ? 
_citation.journal_volume            ? 
_citation.language                  ? 
_citation.page_first                ? 
_citation.page_last                 ? 
_citation.title                     'hMTH1 F27A in complex with LW14' 
_citation.year                      ? 
_citation.database_id_CSD           ? 
_citation.pdbx_database_id_DOI      ? 
_citation.pdbx_database_id_PubMed   ? 
_citation.unpublished_flag          ? 
# 
loop_
_citation_author.citation_id 
_citation_author.name 
_citation_author.ordinal 
_citation_author.identifier_ORCID 
primary 'Eberle, S.A.' 1 ? 
primary 'Wiedmer, L.'  2 ? 
primary 'Sledz, P.'    3 ? 
primary 'Caflisch, A.' 4 ? 
# 
loop_
_entity.id 
_entity.type 
_entity.src_method 
_entity.pdbx_description 
_entity.formula_weight 
_entity.pdbx_number_of_molecules 
_entity.pdbx_ec 
_entity.pdbx_mutation 
_entity.pdbx_fragment 
_entity.details 
1 polymer     man '7,8-dihydro-8-oxoguanine triphosphatase' 21028.830 1   3.6.1.55,3.6.1.56 ? ? ? 
2 non-polymer syn '1~{H}-imidazo[4,5-b]pyridin-2-amine'     134.139   1   ?                 ? ? ? 
3 non-polymer syn 'SULFATE ION'                             96.063    2   ?                 ? ? ? 
4 water       nat water                                     18.015    212 ?                 ? ? ? 
# 
_entity_name_com.entity_id   1 
_entity_name_com.name        
'2-hydroxy-dATP diphosphatase,8-oxo-dGTPase,Nucleoside diphosphate-linked moiety X motif 1,Nudix motif 1' 
# 
_entity_poly.entity_id                      1 
_entity_poly.type                           'polypeptide(L)' 
_entity_poly.nstd_linkage                   no 
_entity_poly.nstd_monomer                   no 
_entity_poly.pdbx_seq_one_letter_code       
;MKHHHHHHPMSDYDIPTTENLYFQGAMGASRLYTLVLVLQPQRVLLGMKKRGAGAGRWNGFGGKVQEGETIEDGARRELQ
EESGLTVDALHKVGQIVFEFVGEPELMDVHVFCTDSIQGTPVESDEMRPCWFQLDQIPFKDMWPDDSYWFPLLLQKKKFH
GYFKFQGQDTILDYTLREVDTV
;
_entity_poly.pdbx_seq_one_letter_code_can   
;MKHHHHHHPMSDYDIPTTENLYFQGAMGASRLYTLVLVLQPQRVLLGMKKRGAGAGRWNGFGGKVQEGETIEDGARRELQ
EESGLTVDALHKVGQIVFEFVGEPELMDVHVFCTDSIQGTPVESDEMRPCWFQLDQIPFKDMWPDDSYWFPLLLQKKKFH
GYFKFQGQDTILDYTLREVDTV
;
_entity_poly.pdbx_strand_id                 A 
_entity_poly.pdbx_target_identifier         ? 
# 
loop_
_pdbx_entity_nonpoly.entity_id 
_pdbx_entity_nonpoly.name 
_pdbx_entity_nonpoly.comp_id 
2 '1~{H}-imidazo[4,5-b]pyridin-2-amine' BU8 
3 'SULFATE ION'                         SO4 
4 water                                 HOH 
# 
loop_
_entity_poly_seq.entity_id 
_entity_poly_seq.num 
_entity_poly_seq.mon_id 
_entity_poly_seq.hetero 
1 1   MET n 
1 2   LYS n 
1 3   HIS n 
1 4   HIS n 
1 5   HIS n 
1 6   HIS n 
1 7   HIS n 
1 8   HIS n 
1 9   PRO n 
1 10  MET n 
1 11  SER n 
1 12  ASP n 
1 13  TYR n 
1 14  ASP n 
1 15  ILE n 
1 16  PRO n 
1 17  THR n 
1 18  THR n 
1 19  GLU n 
1 20  ASN n 
1 21  LEU n 
1 22  TYR n 
1 23  PHE n 
1 24  GLN n 
1 25  GLY n 
1 26  ALA n 
1 27  MET n 
1 28  GLY n 
1 29  ALA n 
1 30  SER n 
1 31  ARG n 
1 32  LEU n 
1 33  TYR n 
1 34  THR n 
1 35  LEU n 
1 36  VAL n 
1 37  LEU n 
1 38  VAL n 
1 39  LEU n 
1 40  GLN n 
1 41  PRO n 
1 42  GLN n 
1 43  ARG n 
1 44  VAL n 
1 45  LEU n 
1 46  LEU n 
1 47  GLY n 
1 48  MET n 
1 49  LYS n 
1 50  LYS n 
1 51  ARG n 
1 52  GLY n 
1 53  ALA n 
1 54  GLY n 
1 55  ALA n 
1 56  GLY n 
1 57  ARG n 
1 58  TRP n 
1 59  ASN n 
1 60  GLY n 
1 61  PHE n 
1 62  GLY n 
1 63  GLY n 
1 64  LYS n 
1 65  VAL n 
1 66  GLN n 
1 67  GLU n 
1 68  GLY n 
1 69  GLU n 
1 70  THR n 
1 71  ILE n 
1 72  GLU n 
1 73  ASP n 
1 74  GLY n 
1 75  ALA n 
1 76  ARG n 
1 77  ARG n 
1 78  GLU n 
1 79  LEU n 
1 80  GLN n 
1 81  GLU n 
1 82  GLU n 
1 83  SER n 
1 84  GLY n 
1 85  LEU n 
1 86  THR n 
1 87  VAL n 
1 88  ASP n 
1 89  ALA n 
1 90  LEU n 
1 91  HIS n 
1 92  LYS n 
1 93  VAL n 
1 94  GLY n 
1 95  GLN n 
1 96  ILE n 
1 97  VAL n 
1 98  PHE n 
1 99  GLU n 
1 100 PHE n 
1 101 VAL n 
1 102 GLY n 
1 103 GLU n 
1 104 PRO n 
1 105 GLU n 
1 106 LEU n 
1 107 MET n 
1 108 ASP n 
1 109 VAL n 
1 110 HIS n 
1 111 VAL n 
1 112 PHE n 
1 113 CYS n 
1 114 THR n 
1 115 ASP n 
1 116 SER n 
1 117 ILE n 
1 118 GLN n 
1 119 GLY n 
1 120 THR n 
1 121 PRO n 
1 122 VAL n 
1 123 GLU n 
1 124 SER n 
1 125 ASP n 
1 126 GLU n 
1 127 MET n 
1 128 ARG n 
1 129 PRO n 
1 130 CYS n 
1 131 TRP n 
1 132 PHE n 
1 133 GLN n 
1 134 LEU n 
1 135 ASP n 
1 136 GLN n 
1 137 ILE n 
1 138 PRO n 
1 139 PHE n 
1 140 LYS n 
1 141 ASP n 
1 142 MET n 
1 143 TRP n 
1 144 PRO n 
1 145 ASP n 
1 146 ASP n 
1 147 SER n 
1 148 TYR n 
1 149 TRP n 
1 150 PHE n 
1 151 PRO n 
1 152 LEU n 
1 153 LEU n 
1 154 LEU n 
1 155 GLN n 
1 156 LYS n 
1 157 LYS n 
1 158 LYS n 
1 159 PHE n 
1 160 HIS n 
1 161 GLY n 
1 162 TYR n 
1 163 PHE n 
1 164 LYS n 
1 165 PHE n 
1 166 GLN n 
1 167 GLY n 
1 168 GLN n 
1 169 ASP n 
1 170 THR n 
1 171 ILE n 
1 172 LEU n 
1 173 ASP n 
1 174 TYR n 
1 175 THR n 
1 176 LEU n 
1 177 ARG n 
1 178 GLU n 
1 179 VAL n 
1 180 ASP n 
1 181 THR n 
1 182 VAL n 
# 
_entity_src_gen.entity_id                          1 
_entity_src_gen.pdbx_src_id                        1 
_entity_src_gen.pdbx_alt_source_flag               sample 
_entity_src_gen.pdbx_seq_type                      'Biological sequence' 
_entity_src_gen.pdbx_beg_seq_num                   1 
_entity_src_gen.pdbx_end_seq_num                   182 
_entity_src_gen.gene_src_common_name               Human 
_entity_src_gen.gene_src_genus                     ? 
_entity_src_gen.pdbx_gene_src_gene                 'NUDT1, MTH1' 
_entity_src_gen.gene_src_species                   ? 
_entity_src_gen.gene_src_strain                    ? 
_entity_src_gen.gene_src_tissue                    ? 
_entity_src_gen.gene_src_tissue_fraction           ? 
_entity_src_gen.gene_src_details                   ? 
_entity_src_gen.pdbx_gene_src_fragment             ? 
_entity_src_gen.pdbx_gene_src_scientific_name      'Homo sapiens' 
_entity_src_gen.pdbx_gene_src_ncbi_taxonomy_id     9606 
_entity_src_gen.pdbx_gene_src_variant              ? 
_entity_src_gen.pdbx_gene_src_cell_line            ? 
_entity_src_gen.pdbx_gene_src_atcc                 ? 
_entity_src_gen.pdbx_gene_src_organ                ? 
_entity_src_gen.pdbx_gene_src_organelle            ? 
_entity_src_gen.pdbx_gene_src_cell                 ? 
_entity_src_gen.pdbx_gene_src_cellular_location    ? 
_entity_src_gen.host_org_common_name               ? 
_entity_src_gen.pdbx_host_org_scientific_name      'Escherichia coli BL21(DE3)' 
_entity_src_gen.pdbx_host_org_ncbi_taxonomy_id     469008 
_entity_src_gen.host_org_genus                     ? 
_entity_src_gen.pdbx_host_org_gene                 ? 
_entity_src_gen.pdbx_host_org_organ                ? 
_entity_src_gen.host_org_species                   ? 
_entity_src_gen.pdbx_host_org_tissue               ? 
_entity_src_gen.pdbx_host_org_tissue_fraction      ? 
_entity_src_gen.pdbx_host_org_strain               ? 
_entity_src_gen.pdbx_host_org_variant              ? 
_entity_src_gen.pdbx_host_org_cell_line            ? 
_entity_src_gen.pdbx_host_org_atcc                 ? 
_entity_src_gen.pdbx_host_org_culture_collection   ? 
_entity_src_gen.pdbx_host_org_cell                 ? 
_entity_src_gen.pdbx_host_org_organelle            ? 
_entity_src_gen.pdbx_host_org_cellular_location    ? 
_entity_src_gen.pdbx_host_org_vector_type          ? 
_entity_src_gen.pdbx_host_org_vector               ? 
_entity_src_gen.host_org_details                   ? 
_entity_src_gen.expression_system_id               ? 
_entity_src_gen.plasmid_name                       ? 
_entity_src_gen.plasmid_details                    ? 
_entity_src_gen.pdbx_description                   ? 
# 
loop_
_chem_comp.id 
_chem_comp.type 
_chem_comp.mon_nstd_flag 
_chem_comp.name 
_chem_comp.pdbx_synonyms 
_chem_comp.formula 
_chem_comp.formula_weight 
ALA 'L-peptide linking' y ALANINE                               ? 'C3 H7 N O2'     89.093  
ARG 'L-peptide linking' y ARGININE                              ? 'C6 H15 N4 O2 1' 175.209 
ASN 'L-peptide linking' y ASPARAGINE                            ? 'C4 H8 N2 O3'    132.118 
ASP 'L-peptide linking' y 'ASPARTIC ACID'                       ? 'C4 H7 N O4'     133.103 
BU8 non-polymer         . '1~{H}-imidazo[4,5-b]pyridin-2-amine' ? 'C6 H6 N4'       134.139 
CYS 'L-peptide linking' y CYSTEINE                              ? 'C3 H7 N O2 S'   121.158 
GLN 'L-peptide linking' y GLUTAMINE                             ? 'C5 H10 N2 O3'   146.144 
GLU 'L-peptide linking' y 'GLUTAMIC ACID'                       ? 'C5 H9 N O4'     147.129 
GLY 'peptide linking'   y GLYCINE                               ? 'C2 H5 N O2'     75.067  
HIS 'L-peptide linking' y HISTIDINE                             ? 'C6 H10 N3 O2 1' 156.162 
HOH non-polymer         . WATER                                 ? 'H2 O'           18.015  
ILE 'L-peptide linking' y ISOLEUCINE                            ? 'C6 H13 N O2'    131.173 
LEU 'L-peptide linking' y LEUCINE                               ? 'C6 H13 N O2'    131.173 
LYS 'L-peptide linking' y LYSINE                                ? 'C6 H15 N2 O2 1' 147.195 
MET 'L-peptide linking' y METHIONINE                            ? 'C5 H11 N O2 S'  149.211 
PHE 'L-peptide linking' y PHENYLALANINE                         ? 'C9 H11 N O2'    165.189 
PRO 'L-peptide linking' y PROLINE                               ? 'C5 H9 N O2'     115.130 
SER 'L-peptide linking' y SERINE                                ? 'C3 H7 N O3'     105.093 
SO4 non-polymer         . 'SULFATE ION'                         ? 'O4 S -2'        96.063  
THR 'L-peptide linking' y THREONINE                             ? 'C4 H9 N O3'     119.119 
TRP 'L-peptide linking' y TRYPTOPHAN                            ? 'C11 H12 N2 O2'  204.225 
TYR 'L-peptide linking' y TYROSINE                              ? 'C9 H11 N O3'    181.189 
VAL 'L-peptide linking' y VALINE                                ? 'C5 H11 N O2'    117.146 
# 
loop_
_pdbx_poly_seq_scheme.asym_id 
_pdbx_poly_seq_scheme.entity_id 
_pdbx_poly_seq_scheme.seq_id 
_pdbx_poly_seq_scheme.mon_id 
_pdbx_poly_seq_scheme.ndb_seq_num 
_pdbx_poly_seq_scheme.pdb_seq_num 
_pdbx_poly_seq_scheme.auth_seq_num 
_pdbx_poly_seq_scheme.pdb_mon_id 
_pdbx_poly_seq_scheme.auth_mon_id 
_pdbx_poly_seq_scheme.pdb_strand_id 
_pdbx_poly_seq_scheme.pdb_ins_code 
_pdbx_poly_seq_scheme.hetero 
A 1 1   MET 1   -25 ?   ?   ?   A . n 
A 1 2   LYS 2   -24 ?   ?   ?   A . n 
A 1 3   HIS 3   -23 ?   ?   ?   A . n 
A 1 4   HIS 4   -22 ?   ?   ?   A . n 
A 1 5   HIS 5   -21 ?   ?   ?   A . n 
A 1 6   HIS 6   -20 ?   ?   ?   A . n 
A 1 7   HIS 7   -19 ?   ?   ?   A . n 
A 1 8   HIS 8   -18 ?   ?   ?   A . n 
A 1 9   PRO 9   -17 ?   ?   ?   A . n 
A 1 10  MET 10  -16 ?   ?   ?   A . n 
A 1 11  SER 11  -15 ?   ?   ?   A . n 
A 1 12  ASP 12  -14 ?   ?   ?   A . n 
A 1 13  TYR 13  -13 ?   ?   ?   A . n 
A 1 14  ASP 14  -12 ?   ?   ?   A . n 
A 1 15  ILE 15  -11 ?   ?   ?   A . n 
A 1 16  PRO 16  -10 ?   ?   ?   A . n 
A 1 17  THR 17  -9  ?   ?   ?   A . n 
A 1 18  THR 18  -8  ?   ?   ?   A . n 
A 1 19  GLU 19  -7  ?   ?   ?   A . n 
A 1 20  ASN 20  -6  ?   ?   ?   A . n 
A 1 21  LEU 21  -5  ?   ?   ?   A . n 
A 1 22  TYR 22  -4  ?   ?   ?   A . n 
A 1 23  PHE 23  -3  ?   ?   ?   A . n 
A 1 24  GLN 24  -2  ?   ?   ?   A . n 
A 1 25  GLY 25  -1  ?   ?   ?   A . n 
A 1 26  ALA 26  0   ?   ?   ?   A . n 
A 1 27  MET 27  1   ?   ?   ?   A . n 
A 1 28  GLY 28  2   ?   ?   ?   A . n 
A 1 29  ALA 29  3   3   ALA ALA A . n 
A 1 30  SER 30  4   4   SER SER A . n 
A 1 31  ARG 31  5   5   ARG ARG A . n 
A 1 32  LEU 32  6   6   LEU LEU A . n 
A 1 33  TYR 33  7   7   TYR TYR A . n 
A 1 34  THR 34  8   8   THR THR A . n 
A 1 35  LEU 35  9   9   LEU LEU A . n 
A 1 36  VAL 36  10  10  VAL VAL A . n 
A 1 37  LEU 37  11  11  LEU LEU A . n 
A 1 38  VAL 38  12  12  VAL VAL A . n 
A 1 39  LEU 39  13  13  LEU LEU A . n 
A 1 40  GLN 40  14  14  GLN GLN A . n 
A 1 41  PRO 41  15  15  PRO PRO A . n 
A 1 42  GLN 42  16  16  GLN GLN A . n 
A 1 43  ARG 43  17  17  ARG ARG A . n 
A 1 44  VAL 44  18  18  VAL VAL A . n 
A 1 45  LEU 45  19  19  LEU LEU A . n 
A 1 46  LEU 46  20  20  LEU LEU A . n 
A 1 47  GLY 47  21  21  GLY GLY A . n 
A 1 48  MET 48  22  22  MET MET A . n 
A 1 49  LYS 49  23  23  LYS LYS A . n 
A 1 50  LYS 50  24  24  LYS LYS A . n 
A 1 51  ARG 51  25  25  ARG ARG A . n 
A 1 52  GLY 52  26  26  GLY GLY A . n 
A 1 53  ALA 53  27  27  ALA ALA A . n 
A 1 54  GLY 54  28  28  GLY GLY A . n 
A 1 55  ALA 55  29  29  ALA ALA A . n 
A 1 56  GLY 56  30  30  GLY GLY A . n 
A 1 57  ARG 57  31  31  ARG ARG A . n 
A 1 58  TRP 58  32  32  TRP TRP A . n 
A 1 59  ASN 59  33  33  ASN ASN A . n 
A 1 60  GLY 60  34  34  GLY GLY A . n 
A 1 61  PHE 61  35  35  PHE PHE A . n 
A 1 62  GLY 62  36  36  GLY GLY A . n 
A 1 63  GLY 63  37  37  GLY GLY A . n 
A 1 64  LYS 64  38  38  LYS LYS A . n 
A 1 65  VAL 65  39  39  VAL VAL A . n 
A 1 66  GLN 66  40  40  GLN GLN A . n 
A 1 67  GLU 67  41  41  GLU GLU A . n 
A 1 68  GLY 68  42  42  GLY GLY A . n 
A 1 69  GLU 69  43  43  GLU GLU A . n 
A 1 70  THR 70  44  44  THR THR A . n 
A 1 71  ILE 71  45  45  ILE ILE A . n 
A 1 72  GLU 72  46  46  GLU GLU A . n 
A 1 73  ASP 73  47  47  ASP ASP A . n 
A 1 74  GLY 74  48  48  GLY GLY A . n 
A 1 75  ALA 75  49  49  ALA ALA A . n 
A 1 76  ARG 76  50  50  ARG ARG A . n 
A 1 77  ARG 77  51  51  ARG ARG A . n 
A 1 78  GLU 78  52  52  GLU GLU A . n 
A 1 79  LEU 79  53  53  LEU LEU A . n 
A 1 80  GLN 80  54  54  GLN GLN A . n 
A 1 81  GLU 81  55  55  GLU GLU A . n 
A 1 82  GLU 82  56  56  GLU GLU A . n 
A 1 83  SER 83  57  57  SER SER A . n 
A 1 84  GLY 84  58  58  GLY GLY A . n 
A 1 85  LEU 85  59  59  LEU LEU A . n 
A 1 86  THR 86  60  60  THR THR A . n 
A 1 87  VAL 87  61  61  VAL VAL A . n 
A 1 88  ASP 88  62  62  ASP ASP A . n 
A 1 89  ALA 89  63  63  ALA ALA A . n 
A 1 90  LEU 90  64  64  LEU LEU A . n 
A 1 91  HIS 91  65  65  HIS HIS A . n 
A 1 92  LYS 92  66  66  LYS LYS A . n 
A 1 93  VAL 93  67  67  VAL VAL A . n 
A 1 94  GLY 94  68  68  GLY GLY A . n 
A 1 95  GLN 95  69  69  GLN GLN A . n 
A 1 96  ILE 96  70  70  ILE ILE A . n 
A 1 97  VAL 97  71  71  VAL VAL A . n 
A 1 98  PHE 98  72  72  PHE PHE A . n 
A 1 99  GLU 99  73  73  GLU GLU A . n 
A 1 100 PHE 100 74  74  PHE PHE A . n 
A 1 101 VAL 101 75  75  VAL VAL A . n 
A 1 102 GLY 102 76  76  GLY GLY A . n 
A 1 103 GLU 103 77  77  GLU GLU A . n 
A 1 104 PRO 104 78  78  PRO PRO A . n 
A 1 105 GLU 105 79  79  GLU GLU A . n 
A 1 106 LEU 106 80  80  LEU LEU A . n 
A 1 107 MET 107 81  81  MET MET A . n 
A 1 108 ASP 108 82  82  ASP ASP A . n 
A 1 109 VAL 109 83  83  VAL VAL A . n 
A 1 110 HIS 110 84  84  HIS HIS A . n 
A 1 111 VAL 111 85  85  VAL VAL A . n 
A 1 112 PHE 112 86  86  PHE PHE A . n 
A 1 113 CYS 113 87  87  CYS CYS A . n 
A 1 114 THR 114 88  88  THR THR A . n 
A 1 115 ASP 115 89  89  ASP ASP A . n 
A 1 116 SER 116 90  90  SER SER A . n 
A 1 117 ILE 117 91  91  ILE ILE A . n 
A 1 118 GLN 118 92  92  GLN GLN A . n 
A 1 119 GLY 119 93  93  GLY GLY A . n 
A 1 120 THR 120 94  94  THR THR A . n 
A 1 121 PRO 121 95  95  PRO PRO A . n 
A 1 122 VAL 122 96  96  VAL VAL A . n 
A 1 123 GLU 123 97  97  GLU GLU A . n 
A 1 124 SER 124 98  98  SER SER A . n 
A 1 125 ASP 125 99  99  ASP ASP A . n 
A 1 126 GLU 126 100 100 GLU GLU A . n 
A 1 127 MET 127 101 101 MET MET A . n 
A 1 128 ARG 128 102 102 ARG ARG A . n 
A 1 129 PRO 129 103 103 PRO PRO A . n 
A 1 130 CYS 130 104 104 CYS CYS A . n 
A 1 131 TRP 131 105 105 TRP TRP A . n 
A 1 132 PHE 132 106 106 PHE PHE A . n 
A 1 133 GLN 133 107 107 GLN GLN A . n 
A 1 134 LEU 134 108 108 LEU LEU A . n 
A 1 135 ASP 135 109 109 ASP ASP A . n 
A 1 136 GLN 136 110 110 GLN GLN A . n 
A 1 137 ILE 137 111 111 ILE ILE A . n 
A 1 138 PRO 138 112 112 PRO PRO A . n 
A 1 139 PHE 139 113 113 PHE PHE A . n 
A 1 140 LYS 140 114 114 LYS LYS A . n 
A 1 141 ASP 141 115 115 ASP ASP A . n 
A 1 142 MET 142 116 116 MET MET A . n 
A 1 143 TRP 143 117 117 TRP TRP A . n 
A 1 144 PRO 144 118 118 PRO PRO A . n 
A 1 145 ASP 145 119 119 ASP ASP A . n 
A 1 146 ASP 146 120 120 ASP ASP A . n 
A 1 147 SER 147 121 121 SER SER A . n 
A 1 148 TYR 148 122 122 TYR TYR A . n 
A 1 149 TRP 149 123 123 TRP TRP A . n 
A 1 150 PHE 150 124 124 PHE PHE A . n 
A 1 151 PRO 151 125 125 PRO PRO A . n 
A 1 152 LEU 152 126 126 LEU LEU A . n 
A 1 153 LEU 153 127 127 LEU LEU A . n 
A 1 154 LEU 154 128 128 LEU LEU A . n 
A 1 155 GLN 155 129 129 GLN GLN A . n 
A 1 156 LYS 156 130 130 LYS LYS A . n 
A 1 157 LYS 157 131 131 LYS LYS A . n 
A 1 158 LYS 158 132 132 LYS LYS A . n 
A 1 159 PHE 159 133 133 PHE PHE A . n 
A 1 160 HIS 160 134 134 HIS HIS A . n 
A 1 161 GLY 161 135 135 GLY GLY A . n 
A 1 162 TYR 162 136 136 TYR TYR A . n 
A 1 163 PHE 163 137 137 PHE PHE A . n 
A 1 164 LYS 164 138 138 LYS LYS A . n 
A 1 165 PHE 165 139 139 PHE PHE A . n 
A 1 166 GLN 166 140 140 GLN GLN A . n 
A 1 167 GLY 167 141 141 GLY GLY A . n 
A 1 168 GLN 168 142 142 GLN GLN A . n 
A 1 169 ASP 169 143 143 ASP ASP A . n 
A 1 170 THR 170 144 144 THR THR A . n 
A 1 171 ILE 171 145 145 ILE ILE A . n 
A 1 172 LEU 172 146 146 LEU LEU A . n 
A 1 173 ASP 173 147 147 ASP ASP A . n 
A 1 174 TYR 174 148 148 TYR TYR A . n 
A 1 175 THR 175 149 149 THR THR A . n 
A 1 176 LEU 176 150 150 LEU LEU A . n 
A 1 177 ARG 177 151 151 ARG ARG A . n 
A 1 178 GLU 178 152 152 GLU GLU A . n 
A 1 179 VAL 179 153 153 VAL VAL A . n 
A 1 180 ASP 180 154 154 ASP ASP A . n 
A 1 181 THR 181 155 155 THR THR A . n 
A 1 182 VAL 182 156 156 VAL VAL A . n 
# 
loop_
_pdbx_nonpoly_scheme.asym_id 
_pdbx_nonpoly_scheme.entity_id 
_pdbx_nonpoly_scheme.mon_id 
_pdbx_nonpoly_scheme.ndb_seq_num 
_pdbx_nonpoly_scheme.pdb_seq_num 
_pdbx_nonpoly_scheme.auth_seq_num 
_pdbx_nonpoly_scheme.pdb_mon_id 
_pdbx_nonpoly_scheme.auth_mon_id 
_pdbx_nonpoly_scheme.pdb_strand_id 
_pdbx_nonpoly_scheme.pdb_ins_code 
B 2 BU8 1   201 1   BU8 LIG A . 
C 3 SO4 1   202 1   SO4 SO4 A . 
D 3 SO4 1   203 2   SO4 SO4 A . 
E 4 HOH 1   301 198 HOH HOH A . 
E 4 HOH 2   302 208 HOH HOH A . 
E 4 HOH 3   303 186 HOH HOH A . 
E 4 HOH 4   304 5   HOH HOH A . 
E 4 HOH 5   305 177 HOH HOH A . 
E 4 HOH 6   306 23  HOH HOH A . 
E 4 HOH 7   307 109 HOH HOH A . 
E 4 HOH 8   308 225 HOH HOH A . 
E 4 HOH 9   309 236 HOH HOH A . 
E 4 HOH 10  310 116 HOH HOH A . 
E 4 HOH 11  311 117 HOH HOH A . 
E 4 HOH 12  312 217 HOH HOH A . 
E 4 HOH 13  313 123 HOH HOH A . 
E 4 HOH 14  314 27  HOH HOH A . 
E 4 HOH 15  315 65  HOH HOH A . 
E 4 HOH 16  316 119 HOH HOH A . 
E 4 HOH 17  317 131 HOH HOH A . 
E 4 HOH 18  318 68  HOH HOH A . 
E 4 HOH 19  319 172 HOH HOH A . 
E 4 HOH 20  320 28  HOH HOH A . 
E 4 HOH 21  321 103 HOH HOH A . 
E 4 HOH 22  322 55  HOH HOH A . 
E 4 HOH 23  323 175 HOH HOH A . 
E 4 HOH 24  324 188 HOH HOH A . 
E 4 HOH 25  325 76  HOH HOH A . 
E 4 HOH 26  326 49  HOH HOH A . 
E 4 HOH 27  327 43  HOH HOH A . 
E 4 HOH 28  328 62  HOH HOH A . 
E 4 HOH 29  329 22  HOH HOH A . 
E 4 HOH 30  330 19  HOH HOH A . 
E 4 HOH 31  331 97  HOH HOH A . 
E 4 HOH 32  332 87  HOH HOH A . 
E 4 HOH 33  333 84  HOH HOH A . 
E 4 HOH 34  334 54  HOH HOH A . 
E 4 HOH 35  335 51  HOH HOH A . 
E 4 HOH 36  336 81  HOH HOH A . 
E 4 HOH 37  337 53  HOH HOH A . 
E 4 HOH 38  338 163 HOH HOH A . 
E 4 HOH 39  339 73  HOH HOH A . 
E 4 HOH 40  340 184 HOH HOH A . 
E 4 HOH 41  341 220 HOH HOH A . 
E 4 HOH 42  342 11  HOH HOH A . 
E 4 HOH 43  343 167 HOH HOH A . 
E 4 HOH 44  344 104 HOH HOH A . 
E 4 HOH 45  345 182 HOH HOH A . 
E 4 HOH 46  346 40  HOH HOH A . 
E 4 HOH 47  347 61  HOH HOH A . 
E 4 HOH 48  348 99  HOH HOH A . 
E 4 HOH 49  349 6   HOH HOH A . 
E 4 HOH 50  350 89  HOH HOH A . 
E 4 HOH 51  351 91  HOH HOH A . 
E 4 HOH 52  352 95  HOH HOH A . 
E 4 HOH 53  353 226 HOH HOH A . 
E 4 HOH 54  354 155 HOH HOH A . 
E 4 HOH 55  355 85  HOH HOH A . 
E 4 HOH 56  356 194 HOH HOH A . 
E 4 HOH 57  357 14  HOH HOH A . 
E 4 HOH 58  358 228 HOH HOH A . 
E 4 HOH 59  359 13  HOH HOH A . 
E 4 HOH 60  360 196 HOH HOH A . 
E 4 HOH 61  361 107 HOH HOH A . 
E 4 HOH 62  362 38  HOH HOH A . 
E 4 HOH 63  363 56  HOH HOH A . 
E 4 HOH 64  364 57  HOH HOH A . 
E 4 HOH 65  365 210 HOH HOH A . 
E 4 HOH 66  366 10  HOH HOH A . 
E 4 HOH 67  367 48  HOH HOH A . 
E 4 HOH 68  368 80  HOH HOH A . 
E 4 HOH 69  369 46  HOH HOH A . 
E 4 HOH 70  370 98  HOH HOH A . 
E 4 HOH 71  371 25  HOH HOH A . 
E 4 HOH 72  372 29  HOH HOH A . 
E 4 HOH 73  373 24  HOH HOH A . 
E 4 HOH 74  374 32  HOH HOH A . 
E 4 HOH 75  375 145 HOH HOH A . 
E 4 HOH 76  376 212 HOH HOH A . 
E 4 HOH 77  377 58  HOH HOH A . 
E 4 HOH 78  378 35  HOH HOH A . 
E 4 HOH 79  379 7   HOH HOH A . 
E 4 HOH 80  380 197 HOH HOH A . 
E 4 HOH 81  381 8   HOH HOH A . 
E 4 HOH 82  382 207 HOH HOH A . 
E 4 HOH 83  383 21  HOH HOH A . 
E 4 HOH 84  384 66  HOH HOH A . 
E 4 HOH 85  385 47  HOH HOH A . 
E 4 HOH 86  386 64  HOH HOH A . 
E 4 HOH 87  387 34  HOH HOH A . 
E 4 HOH 88  388 17  HOH HOH A . 
E 4 HOH 89  389 193 HOH HOH A . 
E 4 HOH 90  390 195 HOH HOH A . 
E 4 HOH 91  391 101 HOH HOH A . 
E 4 HOH 92  392 102 HOH HOH A . 
E 4 HOH 93  393 92  HOH HOH A . 
E 4 HOH 94  394 148 HOH HOH A . 
E 4 HOH 95  395 77  HOH HOH A . 
E 4 HOH 96  396 37  HOH HOH A . 
E 4 HOH 97  397 50  HOH HOH A . 
E 4 HOH 98  398 154 HOH HOH A . 
E 4 HOH 99  399 4   HOH HOH A . 
E 4 HOH 100 400 15  HOH HOH A . 
E 4 HOH 101 401 31  HOH HOH A . 
E 4 HOH 102 402 39  HOH HOH A . 
E 4 HOH 103 403 9   HOH HOH A . 
E 4 HOH 104 404 223 HOH HOH A . 
E 4 HOH 105 405 59  HOH HOH A . 
E 4 HOH 106 406 12  HOH HOH A . 
E 4 HOH 107 407 189 HOH HOH A . 
E 4 HOH 108 408 44  HOH HOH A . 
E 4 HOH 109 409 125 HOH HOH A . 
E 4 HOH 110 410 20  HOH HOH A . 
E 4 HOH 111 411 113 HOH HOH A . 
E 4 HOH 112 412 88  HOH HOH A . 
E 4 HOH 113 413 1   HOH HOH A . 
E 4 HOH 114 414 16  HOH HOH A . 
E 4 HOH 115 415 18  HOH HOH A . 
E 4 HOH 116 416 63  HOH HOH A . 
E 4 HOH 117 417 36  HOH HOH A . 
E 4 HOH 118 418 45  HOH HOH A . 
E 4 HOH 119 419 201 HOH HOH A . 
E 4 HOH 120 420 90  HOH HOH A . 
E 4 HOH 121 421 209 HOH HOH A . 
E 4 HOH 122 422 3   HOH HOH A . 
E 4 HOH 123 423 130 HOH HOH A . 
E 4 HOH 124 424 160 HOH HOH A . 
E 4 HOH 125 425 82  HOH HOH A . 
E 4 HOH 126 426 86  HOH HOH A . 
E 4 HOH 127 427 26  HOH HOH A . 
E 4 HOH 128 428 138 HOH HOH A . 
E 4 HOH 129 429 42  HOH HOH A . 
E 4 HOH 130 430 78  HOH HOH A . 
E 4 HOH 131 431 93  HOH HOH A . 
E 4 HOH 132 432 33  HOH HOH A . 
E 4 HOH 133 433 67  HOH HOH A . 
E 4 HOH 134 434 173 HOH HOH A . 
E 4 HOH 135 435 214 HOH HOH A . 
E 4 HOH 136 436 60  HOH HOH A . 
E 4 HOH 137 437 203 HOH HOH A . 
E 4 HOH 138 438 200 HOH HOH A . 
E 4 HOH 139 439 2   HOH HOH A . 
E 4 HOH 140 440 178 HOH HOH A . 
E 4 HOH 141 441 231 HOH HOH A . 
E 4 HOH 142 442 205 HOH HOH A . 
E 4 HOH 143 443 115 HOH HOH A . 
E 4 HOH 144 444 237 HOH HOH A . 
E 4 HOH 145 445 110 HOH HOH A . 
E 4 HOH 146 446 41  HOH HOH A . 
E 4 HOH 147 447 147 HOH HOH A . 
E 4 HOH 148 448 229 HOH HOH A . 
E 4 HOH 149 449 199 HOH HOH A . 
E 4 HOH 150 450 126 HOH HOH A . 
E 4 HOH 151 451 100 HOH HOH A . 
E 4 HOH 152 452 169 HOH HOH A . 
E 4 HOH 153 453 74  HOH HOH A . 
E 4 HOH 154 454 129 HOH HOH A . 
E 4 HOH 155 455 52  HOH HOH A . 
E 4 HOH 156 456 75  HOH HOH A . 
E 4 HOH 157 457 213 HOH HOH A . 
E 4 HOH 158 458 128 HOH HOH A . 
E 4 HOH 159 459 69  HOH HOH A . 
E 4 HOH 160 460 133 HOH HOH A . 
E 4 HOH 161 461 79  HOH HOH A . 
E 4 HOH 162 462 156 HOH HOH A . 
E 4 HOH 163 463 164 HOH HOH A . 
E 4 HOH 164 464 111 HOH HOH A . 
E 4 HOH 165 465 139 HOH HOH A . 
E 4 HOH 166 466 71  HOH HOH A . 
E 4 HOH 167 467 135 HOH HOH A . 
E 4 HOH 168 468 185 HOH HOH A . 
E 4 HOH 169 469 96  HOH HOH A . 
E 4 HOH 170 470 121 HOH HOH A . 
E 4 HOH 171 471 211 HOH HOH A . 
E 4 HOH 172 472 170 HOH HOH A . 
E 4 HOH 173 473 191 HOH HOH A . 
E 4 HOH 174 474 106 HOH HOH A . 
E 4 HOH 175 475 202 HOH HOH A . 
E 4 HOH 176 476 152 HOH HOH A . 
E 4 HOH 177 477 227 HOH HOH A . 
E 4 HOH 178 478 234 HOH HOH A . 
E 4 HOH 179 479 222 HOH HOH A . 
E 4 HOH 180 480 70  HOH HOH A . 
E 4 HOH 181 481 204 HOH HOH A . 
E 4 HOH 182 482 180 HOH HOH A . 
E 4 HOH 183 483 157 HOH HOH A . 
E 4 HOH 184 484 166 HOH HOH A . 
E 4 HOH 185 485 105 HOH HOH A . 
E 4 HOH 186 486 151 HOH HOH A . 
E 4 HOH 187 487 233 HOH HOH A . 
E 4 HOH 188 488 216 HOH HOH A . 
E 4 HOH 189 489 176 HOH HOH A . 
E 4 HOH 190 490 30  HOH HOH A . 
E 4 HOH 191 491 153 HOH HOH A . 
E 4 HOH 192 492 218 HOH HOH A . 
E 4 HOH 193 493 146 HOH HOH A . 
E 4 HOH 194 494 206 HOH HOH A . 
E 4 HOH 195 495 224 HOH HOH A . 
E 4 HOH 196 496 149 HOH HOH A . 
E 4 HOH 197 497 118 HOH HOH A . 
E 4 HOH 198 498 159 HOH HOH A . 
E 4 HOH 199 499 150 HOH HOH A . 
E 4 HOH 200 500 72  HOH HOH A . 
E 4 HOH 201 501 108 HOH HOH A . 
E 4 HOH 202 502 232 HOH HOH A . 
E 4 HOH 203 503 114 HOH HOH A . 
E 4 HOH 204 504 192 HOH HOH A . 
E 4 HOH 205 505 221 HOH HOH A . 
E 4 HOH 206 506 124 HOH HOH A . 
E 4 HOH 207 507 190 HOH HOH A . 
E 4 HOH 208 508 94  HOH HOH A . 
E 4 HOH 209 509 165 HOH HOH A . 
E 4 HOH 210 510 230 HOH HOH A . 
E 4 HOH 211 511 219 HOH HOH A . 
E 4 HOH 212 512 181 HOH HOH A . 
# 
loop_
_pdbx_unobs_or_zero_occ_atoms.id 
_pdbx_unobs_or_zero_occ_atoms.PDB_model_num 
_pdbx_unobs_or_zero_occ_atoms.polymer_flag 
_pdbx_unobs_or_zero_occ_atoms.occupancy_flag 
_pdbx_unobs_or_zero_occ_atoms.auth_asym_id 
_pdbx_unobs_or_zero_occ_atoms.auth_comp_id 
_pdbx_unobs_or_zero_occ_atoms.auth_seq_id 
_pdbx_unobs_or_zero_occ_atoms.PDB_ins_code 
_pdbx_unobs_or_zero_occ_atoms.auth_atom_id 
_pdbx_unobs_or_zero_occ_atoms.label_alt_id 
_pdbx_unobs_or_zero_occ_atoms.label_asym_id 
_pdbx_unobs_or_zero_occ_atoms.label_comp_id 
_pdbx_unobs_or_zero_occ_atoms.label_seq_id 
_pdbx_unobs_or_zero_occ_atoms.label_atom_id 
1  1 Y 1 A ALA 3   ? CB  ? A ALA 29  CB  
2  1 Y 1 A GLN 16  ? OE1 ? A GLN 42  OE1 
3  1 Y 1 A GLN 16  ? NE2 ? A GLN 42  NE2 
4  1 Y 1 A LYS 23  ? CD  ? A LYS 49  CD  
5  1 Y 1 A LYS 23  ? CE  ? A LYS 49  CE  
6  1 Y 1 A LYS 23  ? NZ  ? A LYS 49  NZ  
7  1 Y 1 A ARG 25  ? CB  ? A ARG 51  CB  
8  1 Y 1 A ARG 25  ? CG  ? A ARG 51  CG  
9  1 Y 1 A ARG 25  ? CD  ? A ARG 51  CD  
10 1 Y 1 A ARG 25  ? NE  ? A ARG 51  NE  
11 1 Y 1 A ARG 25  ? CZ  ? A ARG 51  CZ  
12 1 Y 1 A ARG 25  ? NH1 ? A ARG 51  NH1 
13 1 Y 1 A ARG 25  ? NH2 ? A ARG 51  NH2 
14 1 Y 1 A ALA 27  ? CB  ? A ALA 53  CB  
15 1 Y 1 A LYS 66  ? NZ  ? A LYS 92  NZ  
16 1 Y 1 A LYS 114 ? CG  ? A LYS 140 CG  
17 1 Y 1 A LYS 114 ? CD  ? A LYS 140 CD  
18 1 Y 1 A LYS 114 ? CE  ? A LYS 140 CE  
19 1 Y 1 A LYS 114 ? NZ  ? A LYS 140 NZ  
20 1 Y 1 A LYS 130 ? CD  ? A LYS 156 CD  
21 1 Y 1 A LYS 130 ? CE  ? A LYS 156 CE  
22 1 Y 1 A LYS 130 ? NZ  ? A LYS 156 NZ  
# 
loop_
_software.citation_id 
_software.classification 
_software.compiler_name 
_software.compiler_version 
_software.contact_author 
_software.contact_author_email 
_software.date 
_software.description 
_software.dependencies 
_software.hardware 
_software.language 
_software.location 
_software.mods 
_software.name 
_software.os 
_software.os_version 
_software.type 
_software.version 
_software.pdbx_ordinal 
? refinement       ? ? ? ? ? ? ? ? ? ? ? PHENIX ? ? ? 1.12-2829 1 
? 'data reduction' ? ? ? ? ? ? ? ? ? ? ? XDS    ? ? ? .         2 
? phasing          ? ? ? ? ? ? ? ? ? ? ? PHASER ? ? ? .         3 
# 
_cell.angle_alpha                  90.00 
_cell.angle_alpha_esd              ? 
_cell.angle_beta                   90.00 
_cell.angle_beta_esd               ? 
_cell.angle_gamma                  90.00 
_cell.angle_gamma_esd              ? 
_cell.entry_id                     6GLH 
_cell.details                      ? 
_cell.formula_units_Z              ? 
_cell.length_a                     36.287 
_cell.length_a_esd                 ? 
_cell.length_b                     60.133 
_cell.length_b_esd                 ? 
_cell.length_c                     66.352 
_cell.length_c_esd                 ? 
_cell.volume                       ? 
_cell.volume_esd                   ? 
_cell.Z_PDB                        4 
_cell.reciprocal_angle_alpha       ? 
_cell.reciprocal_angle_beta        ? 
_cell.reciprocal_angle_gamma       ? 
_cell.reciprocal_angle_alpha_esd   ? 
_cell.reciprocal_angle_beta_esd    ? 
_cell.reciprocal_angle_gamma_esd   ? 
_cell.reciprocal_length_a          ? 
_cell.reciprocal_length_b          ? 
_cell.reciprocal_length_c          ? 
_cell.reciprocal_length_a_esd      ? 
_cell.reciprocal_length_b_esd      ? 
_cell.reciprocal_length_c_esd      ? 
_cell.pdbx_unique_axis             ? 
# 
_symmetry.entry_id                         6GLH 
_symmetry.cell_setting                     ? 
_symmetry.Int_Tables_number                18 
_symmetry.space_group_name_Hall            ? 
_symmetry.space_group_name_H-M             'P 2 21 21' 
_symmetry.pdbx_full_space_group_name_H-M   ? 
# 
_exptl.absorpt_coefficient_mu     ? 
_exptl.absorpt_correction_T_max   ? 
_exptl.absorpt_correction_T_min   ? 
_exptl.absorpt_correction_type    ? 
_exptl.absorpt_process_details    ? 
_exptl.entry_id                   6GLH 
_exptl.crystals_number            1 
_exptl.details                    ? 
_exptl.method                     'X-RAY DIFFRACTION' 
_exptl.method_details             ? 
# 
_exptl_crystal.colour                      ? 
_exptl_crystal.density_diffrn              ? 
_exptl_crystal.density_Matthews            1.72 
_exptl_crystal.density_method              ? 
_exptl_crystal.density_percent_sol         28.54 
_exptl_crystal.description                 ? 
_exptl_crystal.F_000                       ? 
_exptl_crystal.id                          1 
_exptl_crystal.preparation                 ? 
_exptl_crystal.size_max                    ? 
_exptl_crystal.size_mid                    ? 
_exptl_crystal.size_min                    ? 
_exptl_crystal.size_rad                    ? 
_exptl_crystal.colour_lustre               ? 
_exptl_crystal.colour_modifier             ? 
_exptl_crystal.colour_primary              ? 
_exptl_crystal.density_meas                ? 
_exptl_crystal.density_meas_esd            ? 
_exptl_crystal.density_meas_gt             ? 
_exptl_crystal.density_meas_lt             ? 
_exptl_crystal.density_meas_temp           ? 
_exptl_crystal.density_meas_temp_esd       ? 
_exptl_crystal.density_meas_temp_gt        ? 
_exptl_crystal.density_meas_temp_lt        ? 
_exptl_crystal.pdbx_crystal_image_url      ? 
_exptl_crystal.pdbx_crystal_image_format   ? 
_exptl_crystal.pdbx_mosaicity              ? 
_exptl_crystal.pdbx_mosaicity_esd          ? 
# 
_exptl_crystal_grow.apparatus       ? 
_exptl_crystal_grow.atmosphere      ? 
_exptl_crystal_grow.crystal_id      1 
_exptl_crystal_grow.details         ? 
_exptl_crystal_grow.method          'VAPOR DIFFUSION, HANGING DROP' 
_exptl_crystal_grow.method_ref      ? 
_exptl_crystal_grow.pH              4.5 
_exptl_crystal_grow.pressure        ? 
_exptl_crystal_grow.pressure_esd    ? 
_exptl_crystal_grow.seeding         ? 
_exptl_crystal_grow.seeding_ref     ? 
_exptl_crystal_grow.temp            293 
_exptl_crystal_grow.temp_details    ? 
_exptl_crystal_grow.temp_esd        ? 
_exptl_crystal_grow.time            ? 
_exptl_crystal_grow.pdbx_details    
;crystallized in: 23-27% PEG3350, 0.2 M LiSO4, 0.1 M sodium acetate pH 4.5

soaked in: 0.27 M ammonium sulfate, 17% glycerol, 27% PEG4000, 20% DMSO, 10 mM compound
;
_exptl_crystal_grow.pdbx_pH_range   ? 
# 
_diffrn.ambient_environment    ? 
_diffrn.ambient_temp           100 
_diffrn.ambient_temp_details   ? 
_diffrn.ambient_temp_esd       ? 
_diffrn.crystal_id             1 
_diffrn.crystal_support        ? 
_diffrn.crystal_treatment      ? 
_diffrn.details                ? 
_diffrn.id                     1 
_diffrn.ambient_pressure       ? 
_diffrn.ambient_pressure_esd   ? 
_diffrn.ambient_pressure_gt    ? 
_diffrn.ambient_pressure_lt    ? 
_diffrn.ambient_temp_gt        ? 
_diffrn.ambient_temp_lt        ? 
# 
_diffrn_detector.details                      ? 
_diffrn_detector.detector                     PIXEL 
_diffrn_detector.diffrn_id                    1 
_diffrn_detector.type                         'DECTRIS PILATUS 2M-F' 
_diffrn_detector.area_resol_mean              ? 
_diffrn_detector.dtime                        ? 
_diffrn_detector.pdbx_frames_total            ? 
_diffrn_detector.pdbx_collection_time_total   ? 
_diffrn_detector.pdbx_collection_date         2017-10-27 
# 
_diffrn_radiation.collimation                      ? 
_diffrn_radiation.diffrn_id                        1 
_diffrn_radiation.filter_edge                      ? 
_diffrn_radiation.inhomogeneity                    ? 
_diffrn_radiation.monochromator                    ? 
_diffrn_radiation.polarisn_norm                    ? 
_diffrn_radiation.polarisn_ratio                   ? 
_diffrn_radiation.probe                            ? 
_diffrn_radiation.type                             ? 
_diffrn_radiation.xray_symbol                      ? 
_diffrn_radiation.wavelength_id                    1 
_diffrn_radiation.pdbx_monochromatic_or_laue_m_l   M 
_diffrn_radiation.pdbx_wavelength_list             ? 
_diffrn_radiation.pdbx_wavelength                  ? 
_diffrn_radiation.pdbx_diffrn_protocol             'SINGLE WAVELENGTH' 
_diffrn_radiation.pdbx_analyzer                    ? 
_diffrn_radiation.pdbx_scattering_type             x-ray 
# 
_diffrn_radiation_wavelength.id           1 
_diffrn_radiation_wavelength.wavelength   1 
_diffrn_radiation_wavelength.wt           1.0 
# 
_diffrn_source.current                     ? 
_diffrn_source.details                     ? 
_diffrn_source.diffrn_id                   1 
_diffrn_source.power                       ? 
_diffrn_source.size                        ? 
_diffrn_source.source                      SYNCHROTRON 
_diffrn_source.target                      ? 
_diffrn_source.type                        'SLS BEAMLINE X06DA' 
_diffrn_source.voltage                     ? 
_diffrn_source.take-off_angle              ? 
_diffrn_source.pdbx_wavelength_list        1 
_diffrn_source.pdbx_wavelength             ? 
_diffrn_source.pdbx_synchrotron_beamline   X06DA 
_diffrn_source.pdbx_synchrotron_site       SLS 
# 
_reflns.B_iso_Wilson_estimate            ? 
_reflns.entry_id                         6GLH 
_reflns.data_reduction_details           ? 
_reflns.data_reduction_method            ? 
_reflns.d_resolution_high                1.200 
_reflns.d_resolution_low                 50.000 
_reflns.details                          ? 
_reflns.limit_h_max                      ? 
_reflns.limit_h_min                      ? 
_reflns.limit_k_max                      ? 
_reflns.limit_k_min                      ? 
_reflns.limit_l_max                      ? 
_reflns.limit_l_min                      ? 
_reflns.number_all                       ? 
_reflns.number_obs                       82846 
_reflns.observed_criterion               ? 
_reflns.observed_criterion_F_max         ? 
_reflns.observed_criterion_F_min         ? 
_reflns.observed_criterion_I_max         ? 
_reflns.observed_criterion_I_min         ? 
_reflns.observed_criterion_sigma_F       ? 
_reflns.observed_criterion_sigma_I       ? 
_reflns.percent_possible_obs             94.5 
_reflns.R_free_details                   ? 
_reflns.Rmerge_F_all                     ? 
_reflns.Rmerge_F_obs                     ? 
_reflns.Friedel_coverage                 ? 
_reflns.number_gt                        ? 
_reflns.threshold_expression             ? 
_reflns.pdbx_redundancy                  1.86 
_reflns.pdbx_Rmerge_I_obs                ? 
_reflns.pdbx_Rmerge_I_all                ? 
_reflns.pdbx_Rsym_value                  ? 
_reflns.pdbx_netI_over_av_sigmaI         ? 
_reflns.pdbx_netI_over_sigmaI            21.60 
_reflns.pdbx_res_netI_over_av_sigmaI_2   ? 
_reflns.pdbx_res_netI_over_sigmaI_2      ? 
_reflns.pdbx_chi_squared                 ? 
_reflns.pdbx_scaling_rejects             ? 
_reflns.pdbx_d_res_high_opt              ? 
_reflns.pdbx_d_res_low_opt               ? 
_reflns.pdbx_d_res_opt_method            ? 
_reflns.phase_calculation_details        ? 
_reflns.pdbx_Rrim_I_all                  0.029 
_reflns.pdbx_Rpim_I_all                  ? 
_reflns.pdbx_d_opt                       ? 
_reflns.pdbx_number_measured_all         ? 
_reflns.pdbx_diffrn_id                   1 
_reflns.pdbx_ordinal                     1 
_reflns.pdbx_CC_half                     0.999 
_reflns.pdbx_R_split                     ? 
# 
_reflns_shell.d_res_high                  1.20 
_reflns_shell.d_res_low                   1.27 
_reflns_shell.meanI_over_sigI_all         ? 
_reflns_shell.meanI_over_sigI_obs         6.89 
_reflns_shell.number_measured_all         ? 
_reflns_shell.number_measured_obs         ? 
_reflns_shell.number_possible             ? 
_reflns_shell.number_unique_all           ? 
_reflns_shell.number_unique_obs           12882 
_reflns_shell.percent_possible_all        91.1 
_reflns_shell.percent_possible_obs        ? 
_reflns_shell.Rmerge_F_all                ? 
_reflns_shell.Rmerge_F_obs                ? 
_reflns_shell.Rmerge_I_all                ? 
_reflns_shell.Rmerge_I_obs                ? 
_reflns_shell.meanI_over_sigI_gt          ? 
_reflns_shell.meanI_over_uI_all           ? 
_reflns_shell.meanI_over_uI_gt            ? 
_reflns_shell.number_measured_gt          ? 
_reflns_shell.number_unique_gt            ? 
_reflns_shell.percent_possible_gt         ? 
_reflns_shell.Rmerge_F_gt                 ? 
_reflns_shell.Rmerge_I_gt                 ? 
_reflns_shell.pdbx_redundancy             1.65 
_reflns_shell.pdbx_Rsym_value             ? 
_reflns_shell.pdbx_chi_squared            ? 
_reflns_shell.pdbx_netI_over_sigmaI_all   ? 
_reflns_shell.pdbx_netI_over_sigmaI_obs   ? 
_reflns_shell.pdbx_Rrim_I_all             0.131 
_reflns_shell.pdbx_Rpim_I_all             ? 
_reflns_shell.pdbx_rejects                ? 
_reflns_shell.pdbx_ordinal                1 
_reflns_shell.pdbx_diffrn_id              1 
_reflns_shell.pdbx_CC_half                0.977 
_reflns_shell.pdbx_R_split                ? 
# 
_refine.aniso_B[1][1]                            ? 
_refine.aniso_B[1][2]                            ? 
_refine.aniso_B[1][3]                            ? 
_refine.aniso_B[2][2]                            ? 
_refine.aniso_B[2][3]                            ? 
_refine.aniso_B[3][3]                            ? 
_refine.B_iso_max                                ? 
_refine.B_iso_mean                               ? 
_refine.B_iso_min                                ? 
_refine.correlation_coeff_Fo_to_Fc               ? 
_refine.correlation_coeff_Fo_to_Fc_free          ? 
_refine.details                                  ? 
_refine.diff_density_max                         ? 
_refine.diff_density_max_esd                     ? 
_refine.diff_density_min                         ? 
_refine.diff_density_min_esd                     ? 
_refine.diff_density_rms                         ? 
_refine.diff_density_rms_esd                     ? 
_refine.entry_id                                 6GLH 
_refine.pdbx_refine_id                           'X-RAY DIFFRACTION' 
_refine.ls_abs_structure_details                 ? 
_refine.ls_abs_structure_Flack                   ? 
_refine.ls_abs_structure_Flack_esd               ? 
_refine.ls_abs_structure_Rogers                  ? 
_refine.ls_abs_structure_Rogers_esd              ? 
_refine.ls_d_res_high                            1.201 
_refine.ls_d_res_low                             44.557 
_refine.ls_extinction_coef                       ? 
_refine.ls_extinction_coef_esd                   ? 
_refine.ls_extinction_expression                 ? 
_refine.ls_extinction_method                     ? 
_refine.ls_goodness_of_fit_all                   ? 
_refine.ls_goodness_of_fit_all_esd               ? 
_refine.ls_goodness_of_fit_obs                   ? 
_refine.ls_goodness_of_fit_obs_esd               ? 
_refine.ls_hydrogen_treatment                    ? 
_refine.ls_matrix_type                           ? 
_refine.ls_number_constraints                    ? 
_refine.ls_number_parameters                     ? 
_refine.ls_number_reflns_all                     ? 
_refine.ls_number_reflns_obs                     45737 
_refine.ls_number_reflns_R_free                  2000 
_refine.ls_number_reflns_R_work                  ? 
_refine.ls_number_restraints                     ? 
_refine.ls_percent_reflns_obs                    99.21 
_refine.ls_percent_reflns_R_free                 4.37 
_refine.ls_R_factor_all                          ? 
_refine.ls_R_factor_obs                          0.1939 
_refine.ls_R_factor_R_free                       0.2014 
_refine.ls_R_factor_R_free_error                 ? 
_refine.ls_R_factor_R_free_error_details         ? 
_refine.ls_R_factor_R_work                       0.1935 
_refine.ls_R_Fsqd_factor_obs                     ? 
_refine.ls_R_I_factor_obs                        ? 
_refine.ls_redundancy_reflns_all                 ? 
_refine.ls_redundancy_reflns_obs                 ? 
_refine.ls_restrained_S_all                      ? 
_refine.ls_restrained_S_obs                      ? 
_refine.ls_shift_over_esd_max                    ? 
_refine.ls_shift_over_esd_mean                   ? 
_refine.ls_structure_factor_coef                 ? 
_refine.ls_weighting_details                     ? 
_refine.ls_weighting_scheme                      ? 
_refine.ls_wR_factor_all                         ? 
_refine.ls_wR_factor_obs                         ? 
_refine.ls_wR_factor_R_free                      ? 
_refine.ls_wR_factor_R_work                      ? 
_refine.occupancy_max                            ? 
_refine.occupancy_min                            ? 
_refine.solvent_model_details                    ? 
_refine.solvent_model_param_bsol                 ? 
_refine.solvent_model_param_ksol                 ? 
_refine.ls_R_factor_gt                           ? 
_refine.ls_goodness_of_fit_gt                    ? 
_refine.ls_goodness_of_fit_ref                   ? 
_refine.ls_shift_over_su_max                     ? 
_refine.ls_shift_over_su_max_lt                  ? 
_refine.ls_shift_over_su_mean                    ? 
_refine.ls_shift_over_su_mean_lt                 ? 
_refine.pdbx_ls_sigma_I                          ? 
_refine.pdbx_ls_sigma_F                          1.35 
_refine.pdbx_ls_sigma_Fsqd                       ? 
_refine.pdbx_data_cutoff_high_absF               ? 
_refine.pdbx_data_cutoff_high_rms_absF           ? 
_refine.pdbx_data_cutoff_low_absF                ? 
_refine.pdbx_isotropic_thermal_model             ? 
_refine.pdbx_ls_cross_valid_method               'FREE R-VALUE' 
_refine.pdbx_method_to_determine_struct          'MOLECULAR REPLACEMENT' 
_refine.pdbx_starting_model                      ? 
_refine.pdbx_stereochemistry_target_values       ? 
_refine.pdbx_R_Free_selection_details            ? 
_refine.pdbx_stereochem_target_val_spec_case     ? 
_refine.pdbx_overall_ESU_R                       ? 
_refine.pdbx_overall_ESU_R_Free                  ? 
_refine.pdbx_solvent_vdw_probe_radii             1.11 
_refine.pdbx_solvent_ion_probe_radii             ? 
_refine.pdbx_solvent_shrinkage_radii             0.90 
_refine.pdbx_real_space_R                        ? 
_refine.pdbx_density_correlation                 ? 
_refine.pdbx_pd_number_of_powder_patterns        ? 
_refine.pdbx_pd_number_of_points                 ? 
_refine.pdbx_pd_meas_number_of_points            ? 
_refine.pdbx_pd_proc_ls_prof_R_factor            ? 
_refine.pdbx_pd_proc_ls_prof_wR_factor           ? 
_refine.pdbx_pd_Marquardt_correlation_coeff      ? 
_refine.pdbx_pd_Fsqrd_R_factor                   ? 
_refine.pdbx_pd_ls_matrix_band_width             ? 
_refine.pdbx_overall_phase_error                 20.85 
_refine.pdbx_overall_SU_R_free_Cruickshank_DPI   ? 
_refine.pdbx_overall_SU_R_free_Blow_DPI          ? 
_refine.pdbx_overall_SU_R_Blow_DPI               ? 
_refine.pdbx_TLS_residual_ADP_flag               ? 
_refine.pdbx_diffrn_id                           1 
_refine.overall_SU_B                             ? 
_refine.overall_SU_ML                            0.11 
_refine.overall_SU_R_Cruickshank_DPI             ? 
_refine.overall_SU_R_free                        ? 
_refine.overall_FOM_free_R_set                   ? 
_refine.overall_FOM_work_R_set                   ? 
_refine.pdbx_average_fsc_overall                 ? 
_refine.pdbx_average_fsc_work                    ? 
_refine.pdbx_average_fsc_free                    ? 
# 
_refine_hist.pdbx_refine_id                   'X-RAY DIFFRACTION' 
_refine_hist.cycle_id                         LAST 
_refine_hist.pdbx_number_atoms_protein        1226 
_refine_hist.pdbx_number_atoms_nucleic_acid   0 
_refine_hist.pdbx_number_atoms_ligand         20 
_refine_hist.number_atoms_solvent             212 
_refine_hist.number_atoms_total               1458 
_refine_hist.d_res_high                       1.201 
_refine_hist.d_res_low                        44.557 
# 
loop_
_refine_ls_restr.pdbx_refine_id 
_refine_ls_restr.criterion 
_refine_ls_restr.dev_ideal 
_refine_ls_restr.dev_ideal_target 
_refine_ls_restr.number 
_refine_ls_restr.rejects 
_refine_ls_restr.type 
_refine_ls_restr.weight 
_refine_ls_restr.pdbx_restraint_function 
'X-RAY DIFFRACTION' ? 0.007 ? 1344 ? f_bond_d           ? ? 
'X-RAY DIFFRACTION' ? 0.872 ? 1834 ? f_angle_d          ? ? 
'X-RAY DIFFRACTION' ? 2.768 ? 1046 ? f_dihedral_angle_d ? ? 
'X-RAY DIFFRACTION' ? 0.084 ? 186  ? f_chiral_restr     ? ? 
'X-RAY DIFFRACTION' ? 0.006 ? 244  ? f_plane_restr      ? ? 
# 
loop_
_refine_ls_shell.pdbx_refine_id 
_refine_ls_shell.d_res_high 
_refine_ls_shell.d_res_low 
_refine_ls_shell.number_reflns_all 
_refine_ls_shell.number_reflns_obs 
_refine_ls_shell.number_reflns_R_free 
_refine_ls_shell.number_reflns_R_work 
_refine_ls_shell.percent_reflns_obs 
_refine_ls_shell.percent_reflns_R_free 
_refine_ls_shell.R_factor_all 
_refine_ls_shell.R_factor_obs 
_refine_ls_shell.R_factor_R_free 
_refine_ls_shell.R_factor_R_free_error 
_refine_ls_shell.R_factor_R_work 
_refine_ls_shell.redundancy_reflns_all 
_refine_ls_shell.redundancy_reflns_obs 
_refine_ls_shell.wR_factor_all 
_refine_ls_shell.wR_factor_obs 
_refine_ls_shell.wR_factor_R_free 
_refine_ls_shell.wR_factor_R_work 
_refine_ls_shell.pdbx_total_number_of_bins_used 
_refine_ls_shell.pdbx_phase_error 
_refine_ls_shell.pdbx_fsc_work 
_refine_ls_shell.pdbx_fsc_free 
'X-RAY DIFFRACTION' 1.2008 1.2308  . . 136 2967 96.00  . . . 0.2812 . 0.2337 . . . . . . . . . . 
'X-RAY DIFFRACTION' 1.2308 1.2641  . . 137 3012 97.00  . . . 0.2439 . 0.2284 . . . . . . . . . . 
'X-RAY DIFFRACTION' 1.2641 1.3013  . . 142 3108 99.00  . . . 0.2485 . 0.2283 . . . . . . . . . . 
'X-RAY DIFFRACTION' 1.3013 1.3433  . . 141 3085 100.00 . . . 0.2482 . 0.2262 . . . . . . . . . . 
'X-RAY DIFFRACTION' 1.3433 1.3913  . . 142 3087 100.00 . . . 0.2353 . 0.2217 . . . . . . . . . . 
'X-RAY DIFFRACTION' 1.3913 1.4470  . . 142 3130 100.00 . . . 0.2223 . 0.2135 . . . . . . . . . . 
'X-RAY DIFFRACTION' 1.4470 1.5129  . . 144 3130 100.00 . . . 0.1938 . 0.1976 . . . . . . . . . . 
'X-RAY DIFFRACTION' 1.5129 1.5926  . . 141 3101 100.00 . . . 0.2036 . 0.1965 . . . . . . . . . . 
'X-RAY DIFFRACTION' 1.5926 1.6924  . . 143 3113 100.00 . . . 0.2439 . 0.1970 . . . . . . . . . . 
'X-RAY DIFFRACTION' 1.6924 1.8231  . . 144 3153 100.00 . . . 0.1879 . 0.1969 . . . . . . . . . . 
'X-RAY DIFFRACTION' 1.8231 2.0066  . . 144 3156 100.00 . . . 0.2008 . 0.1890 . . . . . . . . . . 
'X-RAY DIFFRACTION' 2.0066 2.2969  . . 146 3171 100.00 . . . 0.1765 . 0.1888 . . . . . . . . . . 
'X-RAY DIFFRACTION' 2.2969 2.8938  . . 145 3184 99.00  . . . 0.2115 . 0.2024 . . . . . . . . . . 
'X-RAY DIFFRACTION' 2.8938 44.5880 . . 153 3340 99.00  . . . 0.1820 . 0.1741 . . . . . . . . . . 
# 
_struct.entry_id                     6GLH 
_struct.title                        'Crystal structure of hMTH1 F27A in complex with LW14 in the absence of acetate' 
_struct.pdbx_model_details           ? 
_struct.pdbx_formula_weight          ? 
_struct.pdbx_formula_weight_method   ? 
_struct.pdbx_model_type_details      ? 
_struct.pdbx_CASP_flag               N 
# 
_struct_keywords.entry_id        6GLH 
_struct_keywords.text            'Inhibitor, Complex, Hydrolase, DNA repair, Fragment' 
_struct_keywords.pdbx_keywords   HYDROLASE 
# 
loop_
_struct_asym.id 
_struct_asym.pdbx_blank_PDB_chainid_flag 
_struct_asym.pdbx_modified 
_struct_asym.entity_id 
_struct_asym.details 
A N N 1 ? 
B N N 2 ? 
C N N 3 ? 
D N N 3 ? 
E N N 4 ? 
# 
_struct_ref.id                         1 
_struct_ref.db_name                    UNP 
_struct_ref.db_code                    8ODP_HUMAN 
_struct_ref.pdbx_db_accession          P36639 
_struct_ref.pdbx_db_isoform            ? 
_struct_ref.entity_id                  1 
_struct_ref.pdbx_seq_one_letter_code   
;MGASRLYTLVLVLQPQRVLLGMKKRGFGAGRWNGFGGKVQEGETIEDGARRELQEESGLTVDALHKVGQIVFEFVGEPEL
MDVHVFCTDSIQGTPVESDEMRPCWFQLDQIPFKDMWPDDSYWFPLLLQKKKFHGYFKFQGQDTILDYTLREVDTV
;
_struct_ref.pdbx_align_begin           42 
# 
_struct_ref_seq.align_id                      1 
_struct_ref_seq.ref_id                        1 
_struct_ref_seq.pdbx_PDB_id_code              6GLH 
_struct_ref_seq.pdbx_strand_id                A 
_struct_ref_seq.seq_align_beg                 27 
_struct_ref_seq.pdbx_seq_align_beg_ins_code   ? 
_struct_ref_seq.seq_align_end                 182 
_struct_ref_seq.pdbx_seq_align_end_ins_code   ? 
_struct_ref_seq.pdbx_db_accession             P36639 
_struct_ref_seq.db_align_beg                  42 
_struct_ref_seq.pdbx_db_align_beg_ins_code    ? 
_struct_ref_seq.db_align_end                  197 
_struct_ref_seq.pdbx_db_align_end_ins_code    ? 
_struct_ref_seq.pdbx_auth_seq_align_beg       1 
_struct_ref_seq.pdbx_auth_seq_align_end       156 
# 
loop_
_struct_ref_seq_dif.align_id 
_struct_ref_seq_dif.pdbx_pdb_id_code 
_struct_ref_seq_dif.mon_id 
_struct_ref_seq_dif.pdbx_pdb_strand_id 
_struct_ref_seq_dif.seq_num 
_struct_ref_seq_dif.pdbx_pdb_ins_code 
_struct_ref_seq_dif.pdbx_seq_db_name 
_struct_ref_seq_dif.pdbx_seq_db_accession_code 
_struct_ref_seq_dif.db_mon_id 
_struct_ref_seq_dif.pdbx_seq_db_seq_num 
_struct_ref_seq_dif.details 
_struct_ref_seq_dif.pdbx_auth_seq_num 
_struct_ref_seq_dif.pdbx_ordinal 
1 6GLH MET A 1  ? UNP P36639 ?   ?  'initiating methionine' -25 1  
1 6GLH LYS A 2  ? UNP P36639 ?   ?  'expression tag'        -24 2  
1 6GLH HIS A 3  ? UNP P36639 ?   ?  'expression tag'        -23 3  
1 6GLH HIS A 4  ? UNP P36639 ?   ?  'expression tag'        -22 4  
1 6GLH HIS A 5  ? UNP P36639 ?   ?  'expression tag'        -21 5  
1 6GLH HIS A 6  ? UNP P36639 ?   ?  'expression tag'        -20 6  
1 6GLH HIS A 7  ? UNP P36639 ?   ?  'expression tag'        -19 7  
1 6GLH HIS A 8  ? UNP P36639 ?   ?  'expression tag'        -18 8  
1 6GLH PRO A 9  ? UNP P36639 ?   ?  'expression tag'        -17 9  
1 6GLH MET A 10 ? UNP P36639 ?   ?  'expression tag'        -16 10 
1 6GLH SER A 11 ? UNP P36639 ?   ?  'expression tag'        -15 11 
1 6GLH ASP A 12 ? UNP P36639 ?   ?  'expression tag'        -14 12 
1 6GLH TYR A 13 ? UNP P36639 ?   ?  'expression tag'        -13 13 
1 6GLH ASP A 14 ? UNP P36639 ?   ?  'expression tag'        -12 14 
1 6GLH ILE A 15 ? UNP P36639 ?   ?  'expression tag'        -11 15 
1 6GLH PRO A 16 ? UNP P36639 ?   ?  'expression tag'        -10 16 
1 6GLH THR A 17 ? UNP P36639 ?   ?  'expression tag'        -9  17 
1 6GLH THR A 18 ? UNP P36639 ?   ?  'expression tag'        -8  18 
1 6GLH GLU A 19 ? UNP P36639 ?   ?  'expression tag'        -7  19 
1 6GLH ASN A 20 ? UNP P36639 ?   ?  'expression tag'        -6  20 
1 6GLH LEU A 21 ? UNP P36639 ?   ?  'expression tag'        -5  21 
1 6GLH TYR A 22 ? UNP P36639 ?   ?  'expression tag'        -4  22 
1 6GLH PHE A 23 ? UNP P36639 ?   ?  'expression tag'        -3  23 
1 6GLH GLN A 24 ? UNP P36639 ?   ?  'expression tag'        -2  24 
1 6GLH GLY A 25 ? UNP P36639 ?   ?  'expression tag'        -1  25 
1 6GLH ALA A 26 ? UNP P36639 ?   ?  'expression tag'        0   26 
1 6GLH ALA A 53 ? UNP P36639 PHE 68 'engineered mutation'   27  27 
# 
_pdbx_struct_assembly.id                   1 
_pdbx_struct_assembly.details              author_and_software_defined_assembly 
_pdbx_struct_assembly.method_details       PISA 
_pdbx_struct_assembly.oligomeric_details   monomeric 
_pdbx_struct_assembly.oligomeric_count     1 
# 
loop_
_pdbx_struct_assembly_prop.biol_id 
_pdbx_struct_assembly_prop.type 
_pdbx_struct_assembly_prop.value 
_pdbx_struct_assembly_prop.details 
1 'ABSA (A^2)' 300  ? 
1 MORE         -20  ? 
1 'SSA (A^2)'  8060 ? 
# 
_pdbx_struct_assembly_gen.assembly_id       1 
_pdbx_struct_assembly_gen.oper_expression   1 
_pdbx_struct_assembly_gen.asym_id_list      A,B,C,D,E 
# 
_pdbx_struct_assembly_auth_evidence.id                     1 
_pdbx_struct_assembly_auth_evidence.assembly_id            1 
_pdbx_struct_assembly_auth_evidence.experimental_support   'gel filtration' 
_pdbx_struct_assembly_auth_evidence.details                ? 
# 
_pdbx_struct_oper_list.id                   1 
_pdbx_struct_oper_list.type                 'identity operation' 
_pdbx_struct_oper_list.name                 1_555 
_pdbx_struct_oper_list.symmetry_operation   x,y,z 
_pdbx_struct_oper_list.matrix[1][1]         1.0000000000 
_pdbx_struct_oper_list.matrix[1][2]         0.0000000000 
_pdbx_struct_oper_list.matrix[1][3]         0.0000000000 
_pdbx_struct_oper_list.vector[1]            0.0000000000 
_pdbx_struct_oper_list.matrix[2][1]         0.0000000000 
_pdbx_struct_oper_list.matrix[2][2]         1.0000000000 
_pdbx_struct_oper_list.matrix[2][3]         0.0000000000 
_pdbx_struct_oper_list.vector[2]            0.0000000000 
_pdbx_struct_oper_list.matrix[3][1]         0.0000000000 
_pdbx_struct_oper_list.matrix[3][2]         0.0000000000 
_pdbx_struct_oper_list.matrix[3][3]         1.0000000000 
_pdbx_struct_oper_list.vector[3]            0.0000000000 
# 
loop_
_struct_conf.conf_type_id 
_struct_conf.id 
_struct_conf.pdbx_PDB_helix_id 
_struct_conf.beg_label_comp_id 
_struct_conf.beg_label_asym_id 
_struct_conf.beg_label_seq_id 
_struct_conf.pdbx_beg_PDB_ins_code 
_struct_conf.end_label_comp_id 
_struct_conf.end_label_asym_id 
_struct_conf.end_label_seq_id 
_struct_conf.pdbx_end_PDB_ins_code 
_struct_conf.beg_auth_comp_id 
_struct_conf.beg_auth_asym_id 
_struct_conf.beg_auth_seq_id 
_struct_conf.end_auth_comp_id 
_struct_conf.end_auth_asym_id 
_struct_conf.end_auth_seq_id 
_struct_conf.pdbx_PDB_helix_class 
_struct_conf.details 
_struct_conf.pdbx_PDB_helix_length 
HELX_P HELX_P1 AA1 THR A 70  ? GLY A 84  ? THR A 44  GLY A 58  1 ? 15 
HELX_P HELX_P2 AA2 ASP A 135 ? ILE A 137 ? ASP A 109 ILE A 111 5 ? 3  
HELX_P HELX_P3 AA3 PRO A 138 ? MET A 142 ? PRO A 112 MET A 116 5 ? 5  
HELX_P HELX_P4 AA4 TRP A 143 ? PRO A 144 ? TRP A 117 PRO A 118 5 ? 2  
HELX_P HELX_P5 AA5 ASP A 145 ? GLN A 155 ? ASP A 119 GLN A 129 1 ? 11 
# 
_struct_conf_type.id          HELX_P 
_struct_conf_type.criteria    ? 
_struct_conf_type.reference   ? 
# 
loop_
_struct_sheet.id 
_struct_sheet.type 
_struct_sheet.number_strands 
_struct_sheet.details 
AA1 ? 3 ? 
AA2 ? 7 ? 
AA3 ? 2 ? 
# 
loop_
_struct_sheet_order.sheet_id 
_struct_sheet_order.range_id_1 
_struct_sheet_order.range_id_2 
_struct_sheet_order.offset 
_struct_sheet_order.sense 
AA1 1 2 ? anti-parallel 
AA1 2 3 ? anti-parallel 
AA2 1 2 ? anti-parallel 
AA2 2 3 ? anti-parallel 
AA2 3 4 ? parallel      
AA2 4 5 ? anti-parallel 
AA2 5 6 ? parallel      
AA2 6 7 ? anti-parallel 
AA3 1 2 ? anti-parallel 
# 
loop_
_struct_sheet_range.sheet_id 
_struct_sheet_range.id 
_struct_sheet_range.beg_label_comp_id 
_struct_sheet_range.beg_label_asym_id 
_struct_sheet_range.beg_label_seq_id 
_struct_sheet_range.pdbx_beg_PDB_ins_code 
_struct_sheet_range.end_label_comp_id 
_struct_sheet_range.end_label_asym_id 
_struct_sheet_range.end_label_seq_id 
_struct_sheet_range.pdbx_end_PDB_ins_code 
_struct_sheet_range.beg_auth_comp_id 
_struct_sheet_range.beg_auth_asym_id 
_struct_sheet_range.beg_auth_seq_id 
_struct_sheet_range.end_auth_comp_id 
_struct_sheet_range.end_auth_asym_id 
_struct_sheet_range.end_auth_seq_id 
AA1 1 TRP A 58  ? ASN A 59  ? TRP A 32  ASN A 33  
AA1 2 ARG A 43  ? LYS A 49  ? ARG A 17  LYS A 23  
AA1 3 MET A 127 ? GLN A 133 ? MET A 101 GLN A 107 
AA2 1 TRP A 58  ? ASN A 59  ? TRP A 32  ASN A 33  
AA2 2 ARG A 43  ? LYS A 49  ? ARG A 17  LYS A 23  
AA2 3 SER A 30  ? LEU A 39  ? SER A 4   LEU A 13  
AA2 4 LEU A 106 ? THR A 114 ? LEU A 80  THR A 88  
AA2 5 HIS A 91  ? PHE A 100 ? HIS A 65  PHE A 74  
AA2 6 LYS A 158 ? GLN A 166 ? LYS A 132 GLN A 140 
AA2 7 THR A 170 ? VAL A 179 ? THR A 144 VAL A 153 
AA3 1 THR A 86  ? VAL A 87  ? THR A 60  VAL A 61  
AA3 2 ILE A 117 ? GLN A 118 ? ILE A 91  GLN A 92  
# 
loop_
_pdbx_struct_sheet_hbond.sheet_id 
_pdbx_struct_sheet_hbond.range_id_1 
_pdbx_struct_sheet_hbond.range_id_2 
_pdbx_struct_sheet_hbond.range_1_label_atom_id 
_pdbx_struct_sheet_hbond.range_1_label_comp_id 
_pdbx_struct_sheet_hbond.range_1_label_asym_id 
_pdbx_struct_sheet_hbond.range_1_label_seq_id 
_pdbx_struct_sheet_hbond.range_1_PDB_ins_code 
_pdbx_struct_sheet_hbond.range_1_auth_atom_id 
_pdbx_struct_sheet_hbond.range_1_auth_comp_id 
_pdbx_struct_sheet_hbond.range_1_auth_asym_id 
_pdbx_struct_sheet_hbond.range_1_auth_seq_id 
_pdbx_struct_sheet_hbond.range_2_label_atom_id 
_pdbx_struct_sheet_hbond.range_2_label_comp_id 
_pdbx_struct_sheet_hbond.range_2_label_asym_id 
_pdbx_struct_sheet_hbond.range_2_label_seq_id 
_pdbx_struct_sheet_hbond.range_2_PDB_ins_code 
_pdbx_struct_sheet_hbond.range_2_auth_atom_id 
_pdbx_struct_sheet_hbond.range_2_auth_comp_id 
_pdbx_struct_sheet_hbond.range_2_auth_asym_id 
_pdbx_struct_sheet_hbond.range_2_auth_seq_id 
AA1 1 2 O ASN A 59  ? O ASN A 33  N GLY A 47  ? N GLY A 21  
AA1 2 3 N MET A 48  ? N MET A 22  O ARG A 128 ? O ARG A 102 
AA2 1 2 O ASN A 59  ? O ASN A 33  N GLY A 47  ? N GLY A 21  
AA2 2 3 O LEU A 45  ? O LEU A 19  N VAL A 38  ? N VAL A 12  
AA2 3 4 N ARG A 31  ? N ARG A 5   O ASP A 108 ? O ASP A 82  
AA2 4 5 O VAL A 109 ? O VAL A 83  N ILE A 96  ? N ILE A 70  
AA2 5 6 N GLU A 99  ? N GLU A 73  O PHE A 165 ? O PHE A 139 
AA2 6 7 N LYS A 164 ? N LYS A 138 O ASP A 173 ? O ASP A 147 
AA3 1 2 N THR A 86  ? N THR A 60  O GLN A 118 ? O GLN A 92  
# 
loop_
_struct_site.id 
_struct_site.pdbx_evidence_code 
_struct_site.pdbx_auth_asym_id 
_struct_site.pdbx_auth_comp_id 
_struct_site.pdbx_auth_seq_id 
_struct_site.pdbx_auth_ins_code 
_struct_site.pdbx_num_residues 
_struct_site.details 
AC1 Software A BU8 201 ? 7 'binding site for residue BU8 A 201' 
AC2 Software A SO4 202 ? 4 'binding site for residue SO4 A 202' 
AC3 Software A SO4 203 ? 6 'binding site for residue SO4 A 203' 
# 
loop_
_struct_site_gen.id 
_struct_site_gen.site_id 
_struct_site_gen.pdbx_num_res 
_struct_site_gen.label_comp_id 
_struct_site_gen.label_asym_id 
_struct_site_gen.label_seq_id 
_struct_site_gen.pdbx_auth_ins_code 
_struct_site_gen.auth_comp_id 
_struct_site_gen.auth_asym_id 
_struct_site_gen.auth_seq_id 
_struct_site_gen.label_atom_id 
_struct_site_gen.label_alt_id 
_struct_site_gen.symmetry 
_struct_site_gen.details 
1  AC1 7 LEU A 35  ? LEU A 9   . ? 1_555 ? 
2  AC1 7 ASN A 59  ? ASN A 33  . ? 1_555 ? 
3  AC1 7 PHE A 98  ? PHE A 72  . ? 1_555 ? 
4  AC1 7 TRP A 143 ? TRP A 117 . ? 1_555 ? 
5  AC1 7 ASP A 145 ? ASP A 119 . ? 1_555 ? 
6  AC1 7 ASP A 146 ? ASP A 120 . ? 1_555 ? 
7  AC1 7 HOH E .   ? HOH A 367 . ? 1_555 ? 
8  AC2 4 HIS A 91  ? HIS A 65  . ? 1_555 ? 
9  AC2 4 LYS A 92  ? LYS A 66  . ? 1_555 ? 
10 AC2 4 HOH E .   ? HOH A 325 . ? 1_555 ? 
11 AC2 4 HOH E .   ? HOH A 346 . ? 1_555 ? 
12 AC3 6 LYS A 164 ? LYS A 138 . ? 2_545 ? 
13 AC3 6 LYS A 164 ? LYS A 138 . ? 1_555 ? 
14 AC3 6 ASP A 173 ? ASP A 147 . ? 2_545 ? 
15 AC3 6 ASP A 173 ? ASP A 147 . ? 1_555 ? 
16 AC3 6 HOH E .   ? HOH A 334 . ? 3_445 ? 
17 AC3 6 HOH E .   ? HOH A 334 . ? 4_444 ? 
# 
_pdbx_validate_close_contact.id               1 
_pdbx_validate_close_contact.PDB_model_num    1 
_pdbx_validate_close_contact.auth_atom_id_1   OE1 
_pdbx_validate_close_contact.auth_asym_id_1   A 
_pdbx_validate_close_contact.auth_comp_id_1   GLU 
_pdbx_validate_close_contact.auth_seq_id_1    73 
_pdbx_validate_close_contact.PDB_ins_code_1   ? 
_pdbx_validate_close_contact.label_alt_id_1   ? 
_pdbx_validate_close_contact.auth_atom_id_2   OH 
_pdbx_validate_close_contact.auth_asym_id_2   A 
_pdbx_validate_close_contact.auth_comp_id_2   TYR 
_pdbx_validate_close_contact.auth_seq_id_2    136 
_pdbx_validate_close_contact.PDB_ins_code_2   ? 
_pdbx_validate_close_contact.label_alt_id_2   A 
_pdbx_validate_close_contact.dist             2.11 
# 
_pdbx_validate_torsion.id              1 
_pdbx_validate_torsion.PDB_model_num   1 
_pdbx_validate_torsion.auth_comp_id    ASP 
_pdbx_validate_torsion.auth_asym_id    A 
_pdbx_validate_torsion.auth_seq_id     62 
_pdbx_validate_torsion.PDB_ins_code    ? 
_pdbx_validate_torsion.label_alt_id    ? 
_pdbx_validate_torsion.phi             -92.63 
_pdbx_validate_torsion.psi             -100.70 
# 
loop_
_pdbx_struct_special_symmetry.id 
_pdbx_struct_special_symmetry.PDB_model_num 
_pdbx_struct_special_symmetry.auth_asym_id 
_pdbx_struct_special_symmetry.auth_comp_id 
_pdbx_struct_special_symmetry.auth_seq_id 
_pdbx_struct_special_symmetry.PDB_ins_code 
_pdbx_struct_special_symmetry.label_asym_id 
_pdbx_struct_special_symmetry.label_comp_id 
_pdbx_struct_special_symmetry.label_seq_id 
1 1 A SO4 203 ? D SO4 . 
2 1 A HOH 462 ? E HOH . 
# 
loop_
_pdbx_unobs_or_zero_occ_residues.id 
_pdbx_unobs_or_zero_occ_residues.PDB_model_num 
_pdbx_unobs_or_zero_occ_residues.polymer_flag 
_pdbx_unobs_or_zero_occ_residues.occupancy_flag 
_pdbx_unobs_or_zero_occ_residues.auth_asym_id 
_pdbx_unobs_or_zero_occ_residues.auth_comp_id 
_pdbx_unobs_or_zero_occ_residues.auth_seq_id 
_pdbx_unobs_or_zero_occ_residues.PDB_ins_code 
_pdbx_unobs_or_zero_occ_residues.label_asym_id 
_pdbx_unobs_or_zero_occ_residues.label_comp_id 
_pdbx_unobs_or_zero_occ_residues.label_seq_id 
1  1 Y 1 A MET -25 ? A MET 1  
2  1 Y 1 A LYS -24 ? A LYS 2  
3  1 Y 1 A HIS -23 ? A HIS 3  
4  1 Y 1 A HIS -22 ? A HIS 4  
5  1 Y 1 A HIS -21 ? A HIS 5  
6  1 Y 1 A HIS -20 ? A HIS 6  
7  1 Y 1 A HIS -19 ? A HIS 7  
8  1 Y 1 A HIS -18 ? A HIS 8  
9  1 Y 1 A PRO -17 ? A PRO 9  
10 1 Y 1 A MET -16 ? A MET 10 
11 1 Y 1 A SER -15 ? A SER 11 
12 1 Y 1 A ASP -14 ? A ASP 12 
13 1 Y 1 A TYR -13 ? A TYR 13 
14 1 Y 1 A ASP -12 ? A ASP 14 
15 1 Y 1 A ILE -11 ? A ILE 15 
16 1 Y 1 A PRO -10 ? A PRO 16 
17 1 Y 1 A THR -9  ? A THR 17 
18 1 Y 1 A THR -8  ? A THR 18 
19 1 Y 1 A GLU -7  ? A GLU 19 
20 1 Y 1 A ASN -6  ? A ASN 20 
21 1 Y 1 A LEU -5  ? A LEU 21 
22 1 Y 1 A TYR -4  ? A TYR 22 
23 1 Y 1 A PHE -3  ? A PHE 23 
24 1 Y 1 A GLN -2  ? A GLN 24 
25 1 Y 1 A GLY -1  ? A GLY 25 
26 1 Y 1 A ALA 0   ? A ALA 26 
27 1 Y 1 A MET 1   ? A MET 27 
28 1 Y 1 A GLY 2   ? A GLY 28 
# 
loop_
_chem_comp_atom.comp_id 
_chem_comp_atom.atom_id 
_chem_comp_atom.type_symbol 
_chem_comp_atom.pdbx_aromatic_flag 
_chem_comp_atom.pdbx_stereo_config 
_chem_comp_atom.pdbx_ordinal 
ALA N    N N N 1   
ALA CA   C N S 2   
ALA C    C N N 3   
ALA O    O N N 4   
ALA CB   C N N 5   
ALA OXT  O N N 6   
ALA H    H N N 7   
ALA H2   H N N 8   
ALA HA   H N N 9   
ALA HB1  H N N 10  
ALA HB2  H N N 11  
ALA HB3  H N N 12  
ALA HXT  H N N 13  
ARG N    N N N 14  
ARG CA   C N S 15  
ARG C    C N N 16  
ARG O    O N N 17  
ARG CB   C N N 18  
ARG CG   C N N 19  
ARG CD   C N N 20  
ARG NE   N N N 21  
ARG CZ   C N N 22  
ARG NH1  N N N 23  
ARG NH2  N N N 24  
ARG OXT  O N N 25  
ARG H    H N N 26  
ARG H2   H N N 27  
ARG HA   H N N 28  
ARG HB2  H N N 29  
ARG HB3  H N N 30  
ARG HG2  H N N 31  
ARG HG3  H N N 32  
ARG HD2  H N N 33  
ARG HD3  H N N 34  
ARG HE   H N N 35  
ARG HH11 H N N 36  
ARG HH12 H N N 37  
ARG HH21 H N N 38  
ARG HH22 H N N 39  
ARG HXT  H N N 40  
ASN N    N N N 41  
ASN CA   C N S 42  
ASN C    C N N 43  
ASN O    O N N 44  
ASN CB   C N N 45  
ASN CG   C N N 46  
ASN OD1  O N N 47  
ASN ND2  N N N 48  
ASN OXT  O N N 49  
ASN H    H N N 50  
ASN H2   H N N 51  
ASN HA   H N N 52  
ASN HB2  H N N 53  
ASN HB3  H N N 54  
ASN HD21 H N N 55  
ASN HD22 H N N 56  
ASN HXT  H N N 57  
ASP N    N N N 58  
ASP CA   C N S 59  
ASP C    C N N 60  
ASP O    O N N 61  
ASP CB   C N N 62  
ASP CG   C N N 63  
ASP OD1  O N N 64  
ASP OD2  O N N 65  
ASP OXT  O N N 66  
ASP H    H N N 67  
ASP H2   H N N 68  
ASP HA   H N N 69  
ASP HB2  H N N 70  
ASP HB3  H N N 71  
ASP HD2  H N N 72  
ASP HXT  H N N 73  
BU8 C02  C Y N 74  
BU8 C04  C Y N 75  
BU8 C05  C Y N 76  
BU8 C06  C Y N 77  
BU8 C07  C Y N 78  
BU8 C09  C Y N 79  
BU8 N01  N N N 80  
BU8 N03  N Y N 81  
BU8 N08  N Y N 82  
BU8 N10  N Y N 83  
BU8 H1   H N N 84  
BU8 H2   H N N 85  
BU8 H3   H N N 86  
BU8 H4   H N N 87  
BU8 H5   H N N 88  
BU8 H6   H N N 89  
CYS N    N N N 90  
CYS CA   C N R 91  
CYS C    C N N 92  
CYS O    O N N 93  
CYS CB   C N N 94  
CYS SG   S N N 95  
CYS OXT  O N N 96  
CYS H    H N N 97  
CYS H2   H N N 98  
CYS HA   H N N 99  
CYS HB2  H N N 100 
CYS HB3  H N N 101 
CYS HG   H N N 102 
CYS HXT  H N N 103 
GLN N    N N N 104 
GLN CA   C N S 105 
GLN C    C N N 106 
GLN O    O N N 107 
GLN CB   C N N 108 
GLN CG   C N N 109 
GLN CD   C N N 110 
GLN OE1  O N N 111 
GLN NE2  N N N 112 
GLN OXT  O N N 113 
GLN H    H N N 114 
GLN H2   H N N 115 
GLN HA   H N N 116 
GLN HB2  H N N 117 
GLN HB3  H N N 118 
GLN HG2  H N N 119 
GLN HG3  H N N 120 
GLN HE21 H N N 121 
GLN HE22 H N N 122 
GLN HXT  H N N 123 
GLU N    N N N 124 
GLU CA   C N S 125 
GLU C    C N N 126 
GLU O    O N N 127 
GLU CB   C N N 128 
GLU CG   C N N 129 
GLU CD   C N N 130 
GLU OE1  O N N 131 
GLU OE2  O N N 132 
GLU OXT  O N N 133 
GLU H    H N N 134 
GLU H2   H N N 135 
GLU HA   H N N 136 
GLU HB2  H N N 137 
GLU HB3  H N N 138 
GLU HG2  H N N 139 
GLU HG3  H N N 140 
GLU HE2  H N N 141 
GLU HXT  H N N 142 
GLY N    N N N 143 
GLY CA   C N N 144 
GLY C    C N N 145 
GLY O    O N N 146 
GLY OXT  O N N 147 
GLY H    H N N 148 
GLY H2   H N N 149 
GLY HA2  H N N 150 
GLY HA3  H N N 151 
GLY HXT  H N N 152 
HIS N    N N N 153 
HIS CA   C N S 154 
HIS C    C N N 155 
HIS O    O N N 156 
HIS CB   C N N 157 
HIS CG   C Y N 158 
HIS ND1  N Y N 159 
HIS CD2  C Y N 160 
HIS CE1  C Y N 161 
HIS NE2  N Y N 162 
HIS OXT  O N N 163 
HIS H    H N N 164 
HIS H2   H N N 165 
HIS HA   H N N 166 
HIS HB2  H N N 167 
HIS HB3  H N N 168 
HIS HD1  H N N 169 
HIS HD2  H N N 170 
HIS HE1  H N N 171 
HIS HE2  H N N 172 
HIS HXT  H N N 173 
HOH O    O N N 174 
HOH H1   H N N 175 
HOH H2   H N N 176 
ILE N    N N N 177 
ILE CA   C N S 178 
ILE C    C N N 179 
ILE O    O N N 180 
ILE CB   C N S 181 
ILE CG1  C N N 182 
ILE CG2  C N N 183 
ILE CD1  C N N 184 
ILE OXT  O N N 185 
ILE H    H N N 186 
ILE H2   H N N 187 
ILE HA   H N N 188 
ILE HB   H N N 189 
ILE HG12 H N N 190 
ILE HG13 H N N 191 
ILE HG21 H N N 192 
ILE HG22 H N N 193 
ILE HG23 H N N 194 
ILE HD11 H N N 195 
ILE HD12 H N N 196 
ILE HD13 H N N 197 
ILE HXT  H N N 198 
LEU N    N N N 199 
LEU CA   C N S 200 
LEU C    C N N 201 
LEU O    O N N 202 
LEU CB   C N N 203 
LEU CG   C N N 204 
LEU CD1  C N N 205 
LEU CD2  C N N 206 
LEU OXT  O N N 207 
LEU H    H N N 208 
LEU H2   H N N 209 
LEU HA   H N N 210 
LEU HB2  H N N 211 
LEU HB3  H N N 212 
LEU HG   H N N 213 
LEU HD11 H N N 214 
LEU HD12 H N N 215 
LEU HD13 H N N 216 
LEU HD21 H N N 217 
LEU HD22 H N N 218 
LEU HD23 H N N 219 
LEU HXT  H N N 220 
LYS N    N N N 221 
LYS CA   C N S 222 
LYS C    C N N 223 
LYS O    O N N 224 
LYS CB   C N N 225 
LYS CG   C N N 226 
LYS CD   C N N 227 
LYS CE   C N N 228 
LYS NZ   N N N 229 
LYS OXT  O N N 230 
LYS H    H N N 231 
LYS H2   H N N 232 
LYS HA   H N N 233 
LYS HB2  H N N 234 
LYS HB3  H N N 235 
LYS HG2  H N N 236 
LYS HG3  H N N 237 
LYS HD2  H N N 238 
LYS HD3  H N N 239 
LYS HE2  H N N 240 
LYS HE3  H N N 241 
LYS HZ1  H N N 242 
LYS HZ2  H N N 243 
LYS HZ3  H N N 244 
LYS HXT  H N N 245 
MET N    N N N 246 
MET CA   C N S 247 
MET C    C N N 248 
MET O    O N N 249 
MET CB   C N N 250 
MET CG   C N N 251 
MET SD   S N N 252 
MET CE   C N N 253 
MET OXT  O N N 254 
MET H    H N N 255 
MET H2   H N N 256 
MET HA   H N N 257 
MET HB2  H N N 258 
MET HB3  H N N 259 
MET HG2  H N N 260 
MET HG3  H N N 261 
MET HE1  H N N 262 
MET HE2  H N N 263 
MET HE3  H N N 264 
MET HXT  H N N 265 
PHE N    N N N 266 
PHE CA   C N S 267 
PHE C    C N N 268 
PHE O    O N N 269 
PHE CB   C N N 270 
PHE CG   C Y N 271 
PHE CD1  C Y N 272 
PHE CD2  C Y N 273 
PHE CE1  C Y N 274 
PHE CE2  C Y N 275 
PHE CZ   C Y N 276 
PHE OXT  O N N 277 
PHE H    H N N 278 
PHE H2   H N N 279 
PHE HA   H N N 280 
PHE HB2  H N N 281 
PHE HB3  H N N 282 
PHE HD1  H N N 283 
PHE HD2  H N N 284 
PHE HE1  H N N 285 
PHE HE2  H N N 286 
PHE HZ   H N N 287 
PHE HXT  H N N 288 
PRO N    N N N 289 
PRO CA   C N S 290 
PRO C    C N N 291 
PRO O    O N N 292 
PRO CB   C N N 293 
PRO CG   C N N 294 
PRO CD   C N N 295 
PRO OXT  O N N 296 
PRO H    H N N 297 
PRO HA   H N N 298 
PRO HB2  H N N 299 
PRO HB3  H N N 300 
PRO HG2  H N N 301 
PRO HG3  H N N 302 
PRO HD2  H N N 303 
PRO HD3  H N N 304 
PRO HXT  H N N 305 
SER N    N N N 306 
SER CA   C N S 307 
SER C    C N N 308 
SER O    O N N 309 
SER CB   C N N 310 
SER OG   O N N 311 
SER OXT  O N N 312 
SER H    H N N 313 
SER H2   H N N 314 
SER HA   H N N 315 
SER HB2  H N N 316 
SER HB3  H N N 317 
SER HG   H N N 318 
SER HXT  H N N 319 
SO4 S    S N N 320 
SO4 O1   O N N 321 
SO4 O2   O N N 322 
SO4 O3   O N N 323 
SO4 O4   O N N 324 
THR N    N N N 325 
THR CA   C N S 326 
THR C    C N N 327 
THR O    O N N 328 
THR CB   C N R 329 
THR OG1  O N N 330 
THR CG2  C N N 331 
THR OXT  O N N 332 
THR H    H N N 333 
THR H2   H N N 334 
THR HA   H N N 335 
THR HB   H N N 336 
THR HG1  H N N 337 
THR HG21 H N N 338 
THR HG22 H N N 339 
THR HG23 H N N 340 
THR HXT  H N N 341 
TRP N    N N N 342 
TRP CA   C N S 343 
TRP C    C N N 344 
TRP O    O N N 345 
TRP CB   C N N 346 
TRP CG   C Y N 347 
TRP CD1  C Y N 348 
TRP CD2  C Y N 349 
TRP NE1  N Y N 350 
TRP CE2  C Y N 351 
TRP CE3  C Y N 352 
TRP CZ2  C Y N 353 
TRP CZ3  C Y N 354 
TRP CH2  C Y N 355 
TRP OXT  O N N 356 
TRP H    H N N 357 
TRP H2   H N N 358 
TRP HA   H N N 359 
TRP HB2  H N N 360 
TRP HB3  H N N 361 
TRP HD1  H N N 362 
TRP HE1  H N N 363 
TRP HE3  H N N 364 
TRP HZ2  H N N 365 
TRP HZ3  H N N 366 
TRP HH2  H N N 367 
TRP HXT  H N N 368 
TYR N    N N N 369 
TYR CA   C N S 370 
TYR C    C N N 371 
TYR O    O N N 372 
TYR CB   C N N 373 
TYR CG   C Y N 374 
TYR CD1  C Y N 375 
TYR CD2  C Y N 376 
TYR CE1  C Y N 377 
TYR CE2  C Y N 378 
TYR CZ   C Y N 379 
TYR OH   O N N 380 
TYR OXT  O N N 381 
TYR H    H N N 382 
TYR H2   H N N 383 
TYR HA   H N N 384 
TYR HB2  H N N 385 
TYR HB3  H N N 386 
TYR HD1  H N N 387 
TYR HD2  H N N 388 
TYR HE1  H N N 389 
TYR HE2  H N N 390 
TYR HH   H N N 391 
TYR HXT  H N N 392 
VAL N    N N N 393 
VAL CA   C N S 394 
VAL C    C N N 395 
VAL O    O N N 396 
VAL CB   C N N 397 
VAL CG1  C N N 398 
VAL CG2  C N N 399 
VAL OXT  O N N 400 
VAL H    H N N 401 
VAL H2   H N N 402 
VAL HA   H N N 403 
VAL HB   H N N 404 
VAL HG11 H N N 405 
VAL HG12 H N N 406 
VAL HG13 H N N 407 
VAL HG21 H N N 408 
VAL HG22 H N N 409 
VAL HG23 H N N 410 
VAL HXT  H N N 411 
# 
loop_
_chem_comp_bond.comp_id 
_chem_comp_bond.atom_id_1 
_chem_comp_bond.atom_id_2 
_chem_comp_bond.value_order 
_chem_comp_bond.pdbx_aromatic_flag 
_chem_comp_bond.pdbx_stereo_config 
_chem_comp_bond.pdbx_ordinal 
ALA N   CA   sing N N 1   
ALA N   H    sing N N 2   
ALA N   H2   sing N N 3   
ALA CA  C    sing N N 4   
ALA CA  CB   sing N N 5   
ALA CA  HA   sing N N 6   
ALA C   O    doub N N 7   
ALA C   OXT  sing N N 8   
ALA CB  HB1  sing N N 9   
ALA CB  HB2  sing N N 10  
ALA CB  HB3  sing N N 11  
ALA OXT HXT  sing N N 12  
ARG N   CA   sing N N 13  
ARG N   H    sing N N 14  
ARG N   H2   sing N N 15  
ARG CA  C    sing N N 16  
ARG CA  CB   sing N N 17  
ARG CA  HA   sing N N 18  
ARG C   O    doub N N 19  
ARG C   OXT  sing N N 20  
ARG CB  CG   sing N N 21  
ARG CB  HB2  sing N N 22  
ARG CB  HB3  sing N N 23  
ARG CG  CD   sing N N 24  
ARG CG  HG2  sing N N 25  
ARG CG  HG3  sing N N 26  
ARG CD  NE   sing N N 27  
ARG CD  HD2  sing N N 28  
ARG CD  HD3  sing N N 29  
ARG NE  CZ   sing N N 30  
ARG NE  HE   sing N N 31  
ARG CZ  NH1  sing N N 32  
ARG CZ  NH2  doub N N 33  
ARG NH1 HH11 sing N N 34  
ARG NH1 HH12 sing N N 35  
ARG NH2 HH21 sing N N 36  
ARG NH2 HH22 sing N N 37  
ARG OXT HXT  sing N N 38  
ASN N   CA   sing N N 39  
ASN N   H    sing N N 40  
ASN N   H2   sing N N 41  
ASN CA  C    sing N N 42  
ASN CA  CB   sing N N 43  
ASN CA  HA   sing N N 44  
ASN C   O    doub N N 45  
ASN C   OXT  sing N N 46  
ASN CB  CG   sing N N 47  
ASN CB  HB2  sing N N 48  
ASN CB  HB3  sing N N 49  
ASN CG  OD1  doub N N 50  
ASN CG  ND2  sing N N 51  
ASN ND2 HD21 sing N N 52  
ASN ND2 HD22 sing N N 53  
ASN OXT HXT  sing N N 54  
ASP N   CA   sing N N 55  
ASP N   H    sing N N 56  
ASP N   H2   sing N N 57  
ASP CA  C    sing N N 58  
ASP CA  CB   sing N N 59  
ASP CA  HA   sing N N 60  
ASP C   O    doub N N 61  
ASP C   OXT  sing N N 62  
ASP CB  CG   sing N N 63  
ASP CB  HB2  sing N N 64  
ASP CB  HB3  sing N N 65  
ASP CG  OD1  doub N N 66  
ASP CG  OD2  sing N N 67  
ASP OD2 HD2  sing N N 68  
ASP OXT HXT  sing N N 69  
BU8 N01 C02  sing N N 70  
BU8 C02 N10  doub Y N 71  
BU8 C02 N03  sing Y N 72  
BU8 N10 C09  sing Y N 73  
BU8 N03 C04  sing Y N 74  
BU8 C09 C04  doub Y N 75  
BU8 C09 N08  sing Y N 76  
BU8 C04 C05  sing Y N 77  
BU8 N08 C07  doub Y N 78  
BU8 C05 C06  doub Y N 79  
BU8 C07 C06  sing Y N 80  
BU8 C05 H1   sing N N 81  
BU8 C06 H2   sing N N 82  
BU8 C07 H3   sing N N 83  
BU8 N01 H4   sing N N 84  
BU8 N01 H5   sing N N 85  
BU8 N03 H6   sing N N 86  
CYS N   CA   sing N N 87  
CYS N   H    sing N N 88  
CYS N   H2   sing N N 89  
CYS CA  C    sing N N 90  
CYS CA  CB   sing N N 91  
CYS CA  HA   sing N N 92  
CYS C   O    doub N N 93  
CYS C   OXT  sing N N 94  
CYS CB  SG   sing N N 95  
CYS CB  HB2  sing N N 96  
CYS CB  HB3  sing N N 97  
CYS SG  HG   sing N N 98  
CYS OXT HXT  sing N N 99  
GLN N   CA   sing N N 100 
GLN N   H    sing N N 101 
GLN N   H2   sing N N 102 
GLN CA  C    sing N N 103 
GLN CA  CB   sing N N 104 
GLN CA  HA   sing N N 105 
GLN C   O    doub N N 106 
GLN C   OXT  sing N N 107 
GLN CB  CG   sing N N 108 
GLN CB  HB2  sing N N 109 
GLN CB  HB3  sing N N 110 
GLN CG  CD   sing N N 111 
GLN CG  HG2  sing N N 112 
GLN CG  HG3  sing N N 113 
GLN CD  OE1  doub N N 114 
GLN CD  NE2  sing N N 115 
GLN NE2 HE21 sing N N 116 
GLN NE2 HE22 sing N N 117 
GLN OXT HXT  sing N N 118 
GLU N   CA   sing N N 119 
GLU N   H    sing N N 120 
GLU N   H2   sing N N 121 
GLU CA  C    sing N N 122 
GLU CA  CB   sing N N 123 
GLU CA  HA   sing N N 124 
GLU C   O    doub N N 125 
GLU C   OXT  sing N N 126 
GLU CB  CG   sing N N 127 
GLU CB  HB2  sing N N 128 
GLU CB  HB3  sing N N 129 
GLU CG  CD   sing N N 130 
GLU CG  HG2  sing N N 131 
GLU CG  HG3  sing N N 132 
GLU CD  OE1  doub N N 133 
GLU CD  OE2  sing N N 134 
GLU OE2 HE2  sing N N 135 
GLU OXT HXT  sing N N 136 
GLY N   CA   sing N N 137 
GLY N   H    sing N N 138 
GLY N   H2   sing N N 139 
GLY CA  C    sing N N 140 
GLY CA  HA2  sing N N 141 
GLY CA  HA3  sing N N 142 
GLY C   O    doub N N 143 
GLY C   OXT  sing N N 144 
GLY OXT HXT  sing N N 145 
HIS N   CA   sing N N 146 
HIS N   H    sing N N 147 
HIS N   H2   sing N N 148 
HIS CA  C    sing N N 149 
HIS CA  CB   sing N N 150 
HIS CA  HA   sing N N 151 
HIS C   O    doub N N 152 
HIS C   OXT  sing N N 153 
HIS CB  CG   sing N N 154 
HIS CB  HB2  sing N N 155 
HIS CB  HB3  sing N N 156 
HIS CG  ND1  sing Y N 157 
HIS CG  CD2  doub Y N 158 
HIS ND1 CE1  doub Y N 159 
HIS ND1 HD1  sing N N 160 
HIS CD2 NE2  sing Y N 161 
HIS CD2 HD2  sing N N 162 
HIS CE1 NE2  sing Y N 163 
HIS CE1 HE1  sing N N 164 
HIS NE2 HE2  sing N N 165 
HIS OXT HXT  sing N N 166 
HOH O   H1   sing N N 167 
HOH O   H2   sing N N 168 
ILE N   CA   sing N N 169 
ILE N   H    sing N N 170 
ILE N   H2   sing N N 171 
ILE CA  C    sing N N 172 
ILE CA  CB   sing N N 173 
ILE CA  HA   sing N N 174 
ILE C   O    doub N N 175 
ILE C   OXT  sing N N 176 
ILE CB  CG1  sing N N 177 
ILE CB  CG2  sing N N 178 
ILE CB  HB   sing N N 179 
ILE CG1 CD1  sing N N 180 
ILE CG1 HG12 sing N N 181 
ILE CG1 HG13 sing N N 182 
ILE CG2 HG21 sing N N 183 
ILE CG2 HG22 sing N N 184 
ILE CG2 HG23 sing N N 185 
ILE CD1 HD11 sing N N 186 
ILE CD1 HD12 sing N N 187 
ILE CD1 HD13 sing N N 188 
ILE OXT HXT  sing N N 189 
LEU N   CA   sing N N 190 
LEU N   H    sing N N 191 
LEU N   H2   sing N N 192 
LEU CA  C    sing N N 193 
LEU CA  CB   sing N N 194 
LEU CA  HA   sing N N 195 
LEU C   O    doub N N 196 
LEU C   OXT  sing N N 197 
LEU CB  CG   sing N N 198 
LEU CB  HB2  sing N N 199 
LEU CB  HB3  sing N N 200 
LEU CG  CD1  sing N N 201 
LEU CG  CD2  sing N N 202 
LEU CG  HG   sing N N 203 
LEU CD1 HD11 sing N N 204 
LEU CD1 HD12 sing N N 205 
LEU CD1 HD13 sing N N 206 
LEU CD2 HD21 sing N N 207 
LEU CD2 HD22 sing N N 208 
LEU CD2 HD23 sing N N 209 
LEU OXT HXT  sing N N 210 
LYS N   CA   sing N N 211 
LYS N   H    sing N N 212 
LYS N   H2   sing N N 213 
LYS CA  C    sing N N 214 
LYS CA  CB   sing N N 215 
LYS CA  HA   sing N N 216 
LYS C   O    doub N N 217 
LYS C   OXT  sing N N 218 
LYS CB  CG   sing N N 219 
LYS CB  HB2  sing N N 220 
LYS CB  HB3  sing N N 221 
LYS CG  CD   sing N N 222 
LYS CG  HG2  sing N N 223 
LYS CG  HG3  sing N N 224 
LYS CD  CE   sing N N 225 
LYS CD  HD2  sing N N 226 
LYS CD  HD3  sing N N 227 
LYS CE  NZ   sing N N 228 
LYS CE  HE2  sing N N 229 
LYS CE  HE3  sing N N 230 
LYS NZ  HZ1  sing N N 231 
LYS NZ  HZ2  sing N N 232 
LYS NZ  HZ3  sing N N 233 
LYS OXT HXT  sing N N 234 
MET N   CA   sing N N 235 
MET N   H    sing N N 236 
MET N   H2   sing N N 237 
MET CA  C    sing N N 238 
MET CA  CB   sing N N 239 
MET CA  HA   sing N N 240 
MET C   O    doub N N 241 
MET C   OXT  sing N N 242 
MET CB  CG   sing N N 243 
MET CB  HB2  sing N N 244 
MET CB  HB3  sing N N 245 
MET CG  SD   sing N N 246 
MET CG  HG2  sing N N 247 
MET CG  HG3  sing N N 248 
MET SD  CE   sing N N 249 
MET CE  HE1  sing N N 250 
MET CE  HE2  sing N N 251 
MET CE  HE3  sing N N 252 
MET OXT HXT  sing N N 253 
PHE N   CA   sing N N 254 
PHE N   H    sing N N 255 
PHE N   H2   sing N N 256 
PHE CA  C    sing N N 257 
PHE CA  CB   sing N N 258 
PHE CA  HA   sing N N 259 
PHE C   O    doub N N 260 
PHE C   OXT  sing N N 261 
PHE CB  CG   sing N N 262 
PHE CB  HB2  sing N N 263 
PHE CB  HB3  sing N N 264 
PHE CG  CD1  doub Y N 265 
PHE CG  CD2  sing Y N 266 
PHE CD1 CE1  sing Y N 267 
PHE CD1 HD1  sing N N 268 
PHE CD2 CE2  doub Y N 269 
PHE CD2 HD2  sing N N 270 
PHE CE1 CZ   doub Y N 271 
PHE CE1 HE1  sing N N 272 
PHE CE2 CZ   sing Y N 273 
PHE CE2 HE2  sing N N 274 
PHE CZ  HZ   sing N N 275 
PHE OXT HXT  sing N N 276 
PRO N   CA   sing N N 277 
PRO N   CD   sing N N 278 
PRO N   H    sing N N 279 
PRO CA  C    sing N N 280 
PRO CA  CB   sing N N 281 
PRO CA  HA   sing N N 282 
PRO C   O    doub N N 283 
PRO C   OXT  sing N N 284 
PRO CB  CG   sing N N 285 
PRO CB  HB2  sing N N 286 
PRO CB  HB3  sing N N 287 
PRO CG  CD   sing N N 288 
PRO CG  HG2  sing N N 289 
PRO CG  HG3  sing N N 290 
PRO CD  HD2  sing N N 291 
PRO CD  HD3  sing N N 292 
PRO OXT HXT  sing N N 293 
SER N   CA   sing N N 294 
SER N   H    sing N N 295 
SER N   H2   sing N N 296 
SER CA  C    sing N N 297 
SER CA  CB   sing N N 298 
SER CA  HA   sing N N 299 
SER C   O    doub N N 300 
SER C   OXT  sing N N 301 
SER CB  OG   sing N N 302 
SER CB  HB2  sing N N 303 
SER CB  HB3  sing N N 304 
SER OG  HG   sing N N 305 
SER OXT HXT  sing N N 306 
SO4 S   O1   doub N N 307 
SO4 S   O2   doub N N 308 
SO4 S   O3   sing N N 309 
SO4 S   O4   sing N N 310 
THR N   CA   sing N N 311 
THR N   H    sing N N 312 
THR N   H2   sing N N 313 
THR CA  C    sing N N 314 
THR CA  CB   sing N N 315 
THR CA  HA   sing N N 316 
THR C   O    doub N N 317 
THR C   OXT  sing N N 318 
THR CB  OG1  sing N N 319 
THR CB  CG2  sing N N 320 
THR CB  HB   sing N N 321 
THR OG1 HG1  sing N N 322 
THR CG2 HG21 sing N N 323 
THR CG2 HG22 sing N N 324 
THR CG2 HG23 sing N N 325 
THR OXT HXT  sing N N 326 
TRP N   CA   sing N N 327 
TRP N   H    sing N N 328 
TRP N   H2   sing N N 329 
TRP CA  C    sing N N 330 
TRP CA  CB   sing N N 331 
TRP CA  HA   sing N N 332 
TRP C   O    doub N N 333 
TRP C   OXT  sing N N 334 
TRP CB  CG   sing N N 335 
TRP CB  HB2  sing N N 336 
TRP CB  HB3  sing N N 337 
TRP CG  CD1  doub Y N 338 
TRP CG  CD2  sing Y N 339 
TRP CD1 NE1  sing Y N 340 
TRP CD1 HD1  sing N N 341 
TRP CD2 CE2  doub Y N 342 
TRP CD2 CE3  sing Y N 343 
TRP NE1 CE2  sing Y N 344 
TRP NE1 HE1  sing N N 345 
TRP CE2 CZ2  sing Y N 346 
TRP CE3 CZ3  doub Y N 347 
TRP CE3 HE3  sing N N 348 
TRP CZ2 CH2  doub Y N 349 
TRP CZ2 HZ2  sing N N 350 
TRP CZ3 CH2  sing Y N 351 
TRP CZ3 HZ3  sing N N 352 
TRP CH2 HH2  sing N N 353 
TRP OXT HXT  sing N N 354 
TYR N   CA   sing N N 355 
TYR N   H    sing N N 356 
TYR N   H2   sing N N 357 
TYR CA  C    sing N N 358 
TYR CA  CB   sing N N 359 
TYR CA  HA   sing N N 360 
TYR C   O    doub N N 361 
TYR C   OXT  sing N N 362 
TYR CB  CG   sing N N 363 
TYR CB  HB2  sing N N 364 
TYR CB  HB3  sing N N 365 
TYR CG  CD1  doub Y N 366 
TYR CG  CD2  sing Y N 367 
TYR CD1 CE1  sing Y N 368 
TYR CD1 HD1  sing N N 369 
TYR CD2 CE2  doub Y N 370 
TYR CD2 HD2  sing N N 371 
TYR CE1 CZ   doub Y N 372 
TYR CE1 HE1  sing N N 373 
TYR CE2 CZ   sing Y N 374 
TYR CE2 HE2  sing N N 375 
TYR CZ  OH   sing N N 376 
TYR OH  HH   sing N N 377 
TYR OXT HXT  sing N N 378 
VAL N   CA   sing N N 379 
VAL N   H    sing N N 380 
VAL N   H2   sing N N 381 
VAL CA  C    sing N N 382 
VAL CA  CB   sing N N 383 
VAL CA  HA   sing N N 384 
VAL C   O    doub N N 385 
VAL C   OXT  sing N N 386 
VAL CB  CG1  sing N N 387 
VAL CB  CG2  sing N N 388 
VAL CB  HB   sing N N 389 
VAL CG1 HG11 sing N N 390 
VAL CG1 HG12 sing N N 391 
VAL CG1 HG13 sing N N 392 
VAL CG2 HG21 sing N N 393 
VAL CG2 HG22 sing N N 394 
VAL CG2 HG23 sing N N 395 
VAL OXT HXT  sing N N 396 
# 
_pdbx_audit_support.funding_organization   ? 
_pdbx_audit_support.country                Switzerland 
_pdbx_audit_support.grant_number           FK-16-032 
_pdbx_audit_support.ordinal                1 
# 
_atom_sites.entry_id                    6GLH 
_atom_sites.fract_transf_matrix[1][1]   0.01852055 
_atom_sites.fract_transf_matrix[1][2]   -0.01916931 
_atom_sites.fract_transf_matrix[1][3]   -0.00699786 
_atom_sites.fract_transf_matrix[2][1]   -0.00191497 
_atom_sites.fract_transf_matrix[2][2]   0.00400079 
_atom_sites.fract_transf_matrix[2][3]   -0.01602758 
_atom_sites.fract_transf_matrix[3][1]   0.01102430 
_atom_sites.fract_transf_matrix[3][2]   0.01020235 
_atom_sites.fract_transf_matrix[3][3]   0.00122952 
_atom_sites.fract_transf_vector[1]      -0.243242 
_atom_sites.fract_transf_vector[2]      -0.234131 
_atom_sites.fract_transf_vector[3]      0.204065 
# 
loop_
_atom_type.symbol 
C 
N 
O 
S 
# 
loop_
_atom_site.group_PDB 
_atom_site.id 
_atom_site.type_symbol 
_atom_site.label_atom_id 
_atom_site.label_alt_id 
_atom_site.label_comp_id 
_atom_site.label_asym_id 
_atom_site.label_entity_id 
_atom_site.label_seq_id 
_atom_site.pdbx_PDB_ins_code 
_atom_site.Cartn_x 
_atom_site.Cartn_y 
_atom_site.Cartn_z 
_atom_site.occupancy 
_atom_site.B_iso_or_equiv 
_atom_site.pdbx_formal_charge 
_atom_site.auth_seq_id 
_atom_site.auth_comp_id 
_atom_site.auth_asym_id 
_atom_site.auth_atom_id 
_atom_site.pdbx_PDB_model_num 
ATOM   1    N N   . ALA A 1 29  ? -19.663 -7.977  -0.748  1.00 26.41 ? 3   ALA A N   1 
ATOM   2    C CA  . ALA A 1 29  ? -19.650 -6.646  -1.340  1.00 26.64 ? 3   ALA A CA  1 
ATOM   3    C C   . ALA A 1 29  ? -18.294 -5.987  -1.101  1.00 22.70 ? 3   ALA A C   1 
ATOM   4    O O   . ALA A 1 29  ? -18.123 -5.222  -0.151  1.00 23.45 ? 3   ALA A O   1 
ATOM   5    N N   . SER A 1 30  ? -17.327 -6.294  -1.963  1.00 19.39 ? 4   SER A N   1 
ATOM   6    C CA  . SER A 1 30  ? -15.983 -5.749  -1.837  1.00 16.03 ? 4   SER A CA  1 
ATOM   7    C C   . SER A 1 30  ? -15.506 -5.234  -3.185  1.00 17.45 ? 4   SER A C   1 
ATOM   8    O O   . SER A 1 30  ? -15.919 -5.723  -4.243  1.00 22.44 ? 4   SER A O   1 
ATOM   9    C CB  . SER A 1 30  ? -14.989 -6.768  -1.257  1.00 26.00 ? 4   SER A CB  1 
ATOM   10   O OG  . SER A 1 30  ? -14.707 -7.811  -2.171  1.00 31.28 ? 4   SER A OG  1 
ATOM   11   N N   . ARG A 1 31  ? -14.641 -4.229  -3.132  1.00 13.63 ? 5   ARG A N   1 
ATOM   12   C CA  . ARG A 1 31  ? -14.081 -3.587  -4.306  1.00 13.37 ? 5   ARG A CA  1 
ATOM   13   C C   . ARG A 1 31  ? -12.574 -3.783  -4.297  1.00 11.35 ? 5   ARG A C   1 
ATOM   14   O O   . ARG A 1 31  ? -11.921 -3.626  -3.257  1.00 11.01 ? 5   ARG A O   1 
ATOM   15   C CB  . ARG A 1 31  ? -14.397 -2.102  -4.266  1.00 16.22 ? 5   ARG A CB  1 
ATOM   16   C CG  . ARG A 1 31  ? -13.773 -1.299  -5.382  1.00 20.96 ? 5   ARG A CG  1 
ATOM   17   C CD  . ARG A 1 31  ? -14.844 -0.518  -6.097  1.00 27.88 ? 5   ARG A CD  1 
ATOM   18   N NE  . ARG A 1 31  ? -14.392 0.005   -7.379  1.00 22.02 ? 5   ARG A NE  1 
ATOM   19   C CZ  . ARG A 1 31  ? -14.623 1.245   -7.790  1.00 33.87 ? 5   ARG A CZ  1 
ATOM   20   N NH1 . ARG A 1 31  ? -15.302 2.082   -7.014  1.00 24.68 ? 5   ARG A NH1 1 
ATOM   21   N NH2 . ARG A 1 31  ? -14.186 1.646   -8.976  1.00 28.72 ? 5   ARG A NH2 1 
ATOM   22   N N   . LEU A 1 32  ? -12.018 -4.105  -5.459  1.00 10.89 ? 6   LEU A N   1 
ATOM   23   C CA  . LEU A 1 32  ? -10.602 -4.424  -5.568  1.00 9.70  ? 6   LEU A CA  1 
ATOM   24   C C   . LEU A 1 32  ? -9.763  -3.159  -5.606  1.00 10.06 ? 6   LEU A C   1 
ATOM   25   O O   . LEU A 1 32  ? -10.058 -2.227  -6.363  1.00 11.74 ? 6   LEU A O   1 
ATOM   26   C CB  . LEU A 1 32  ? -10.341 -5.190  -6.865  1.00 11.30 ? 6   LEU A CB  1 
ATOM   27   C CG  . LEU A 1 32  ? -10.822 -6.629  -6.920  1.00 12.29 ? 6   LEU A CG  1 
ATOM   28   C CD1 . LEU A 1 32  ? -10.761 -7.125  -8.371  1.00 15.99 ? 6   LEU A CD1 1 
ATOM   29   C CD2 . LEU A 1 32  ? -9.987  -7.502  -5.990  1.00 14.86 ? 6   LEU A CD2 1 
ATOM   30   N N   . TYR A 1 33  ? -8.674  -3.156  -4.835  1.00 9.16  ? 7   TYR A N   1 
ATOM   31   C CA  . TYR A 1 33  ? -7.664  -2.114  -4.867  1.00 8.63  ? 7   TYR A CA  1 
ATOM   32   C C   . TYR A 1 33  ? -6.296  -2.772  -4.902  1.00 8.56  ? 7   TYR A C   1 
ATOM   33   O O   . TYR A 1 33  ? -6.132  -3.940  -4.531  1.00 8.50  ? 7   TYR A O   1 
ATOM   34   C CB  . TYR A 1 33  ? -7.719  -1.239  -3.612  1.00 9.91  ? 7   TYR A CB  1 
ATOM   35   C CG  . TYR A 1 33  ? -8.951  -0.387  -3.496  1.00 10.51 ? 7   TYR A CG  1 
ATOM   36   C CD1 . TYR A 1 33  ? -10.157 -0.931  -3.070  1.00 11.79 ? 7   TYR A CD1 1 
ATOM   37   C CD2 . TYR A 1 33  ? -8.907  0.960   -3.791  1.00 12.14 ? 7   TYR A CD2 1 
ATOM   38   C CE1 . TYR A 1 33  ? -11.296 -0.150  -2.952  1.00 14.97 ? 7   TYR A CE1 1 
ATOM   39   C CE2 . TYR A 1 33  ? -10.050 1.751   -3.678  1.00 15.53 ? 7   TYR A CE2 1 
ATOM   40   C CZ  . TYR A 1 33  ? -11.235 1.183   -3.257  1.00 14.02 ? 7   TYR A CZ  1 
ATOM   41   O OH  . TYR A 1 33  ? -12.374 1.958   -3.146  1.00 18.45 ? 7   TYR A OH  1 
ATOM   42   N N   . THR A 1 34  ? -5.307  -1.989  -5.316  1.00 8.72  ? 8   THR A N   1 
ATOM   43   C CA  . THR A 1 34  ? -3.917  -2.405  -5.272  1.00 8.82  ? 8   THR A CA  1 
ATOM   44   C C   . THR A 1 34  ? -3.133  -1.467  -4.371  1.00 7.61  ? 8   THR A C   1 
ATOM   45   O O   . THR A 1 34  ? -3.527  -0.321  -4.129  1.00 8.66  ? 8   THR A O   1 
ATOM   46   C CB  . THR A 1 34  ? -3.280  -2.342  -6.659  1.00 9.36  ? 8   THR A CB  1 
ATOM   47   O OG1 . THR A 1 34  ? -3.335  -1.000  -7.152  1.00 11.12 ? 8   THR A OG1 1 
ATOM   48   C CG2 . THR A 1 34  ? -3.992  -3.278  -7.626  1.00 11.98 ? 8   THR A CG2 1 
ATOM   49   N N   . LEU A 1 35  ? -1.993  -1.969  -3.902  1.00 7.57  ? 9   LEU A N   1 
ATOM   50   C CA  . LEU A 1 35  ? -1.060  -1.176  -3.118  1.00 7.83  ? 9   LEU A CA  1 
ATOM   51   C C   . LEU A 1 35  ? 0.332   -1.721  -3.385  1.00 7.21  ? 9   LEU A C   1 
ATOM   52   O O   . LEU A 1 35  ? 0.553   -2.926  -3.225  1.00 9.12  ? 9   LEU A O   1 
ATOM   53   C CB  . LEU A 1 35  ? -1.403  -1.298  -1.631  1.00 8.62  ? 9   LEU A CB  1 
ATOM   54   C CG  . LEU A 1 35  ? -0.559  -0.443  -0.686  1.00 11.35 ? 9   LEU A CG  1 
ATOM   55   C CD1 . LEU A 1 35  ? -0.656  1.046   -1.013  1.00 15.77 ? 9   LEU A CD1 1 
ATOM   56   C CD2 . LEU A 1 35  ? -0.947  -0.695  0.753   1.00 14.30 ? 9   LEU A CD2 1 
ATOM   57   N N   . VAL A 1 36  ? 1.256   -0.854  -3.793  1.00 7.98  ? 10  VAL A N   1 
ATOM   58   C CA  . VAL A 1 36  ? 2.604   -1.256  -4.187  1.00 8.33  ? 10  VAL A CA  1 
ATOM   59   C C   . VAL A 1 36  ? 3.619   -0.569  -3.289  1.00 8.46  ? 10  VAL A C   1 
ATOM   60   O O   . VAL A 1 36  ? 3.615   0.665   -3.156  1.00 8.45  ? 10  VAL A O   1 
ATOM   61   C CB  . VAL A 1 36  ? 2.893   -0.912  -5.658  1.00 9.44  ? 10  VAL A CB  1 
ATOM   62   C CG1 . VAL A 1 36  ? 4.322   -1.304  -6.025  1.00 10.63 ? 10  VAL A CG1 1 
ATOM   63   C CG2 . VAL A 1 36  ? 1.890   -1.583  -6.570  1.00 11.18 ? 10  VAL A CG2 1 
ATOM   64   N N   . LEU A 1 37  ? 4.518   -1.359  -2.710  1.00 7.68  ? 11  LEU A N   1 
ATOM   65   C CA  . LEU A 1 37  ? 5.649   -0.857  -1.941  1.00 8.09  ? 11  LEU A CA  1 
ATOM   66   C C   . LEU A 1 37  ? 6.928   -1.136  -2.715  1.00 8.20  ? 11  LEU A C   1 
ATOM   67   O O   . LEU A 1 37  ? 7.243   -2.299  -3.011  1.00 9.60  ? 11  LEU A O   1 
ATOM   68   C CB  . LEU A 1 37  ? 5.730   -1.523  -0.571  1.00 10.15 ? 11  LEU A CB  1 
ATOM   69   C CG  . LEU A 1 37  ? 4.711   -1.071  0.476   1.00 13.24 ? 11  LEU A CG  1 
ATOM   70   C CD1 . LEU A 1 37  ? 4.654   0.455   0.601   1.00 14.49 ? 11  LEU A CD1 1 
ATOM   71   C CD2 . LEU A 1 37  ? 3.336   -1.666  0.206   1.00 18.48 ? 11  LEU A CD2 1 
ATOM   72   N N   . VAL A 1 38  ? 7.659   -0.073  -3.045  1.00 8.45  ? 12  VAL A N   1 
ATOM   73   C CA  . VAL A 1 38  ? 8.989   -0.192  -3.636  1.00 8.77  ? 12  VAL A CA  1 
ATOM   74   C C   . VAL A 1 38  ? 9.949   -0.322  -2.461  1.00 9.95  ? 12  VAL A C   1 
ATOM   75   O O   . VAL A 1 38  ? 10.265  0.660   -1.780  1.00 10.17 ? 12  VAL A O   1 
ATOM   76   C CB  . VAL A 1 38  ? 9.341   0.998   -4.531  1.00 10.38 ? 12  VAL A CB  1 
ATOM   77   C CG1 . VAL A 1 38  ? 10.721  0.813   -5.139  1.00 13.31 ? 12  VAL A CG1 1 
ATOM   78   C CG2 . VAL A 1 38  ? 8.297   1.169   -5.618  1.00 11.53 ? 12  VAL A CG2 1 
ATOM   79   N N   . LEU A 1 39  ? 10.369  -1.555  -2.194  1.00 10.17 ? 13  LEU A N   1 
ATOM   80   C CA  . LEU A 1 39  ? 11.138  -1.904  -1.010  1.00 11.35 ? 13  LEU A CA  1 
ATOM   81   C C   . LEU A 1 39  ? 12.501  -2.399  -1.469  1.00 11.90 ? 13  LEU A C   1 
ATOM   82   O O   . LEU A 1 39  ? 12.612  -3.472  -2.073  1.00 13.18 ? 13  LEU A O   1 
ATOM   83   C CB  . LEU A 1 39  ? 10.415  -2.979  -0.206  1.00 12.57 ? 13  LEU A CB  1 
ATOM   84   C CG  . LEU A 1 39  ? 11.174  -3.491  1.022   1.00 13.03 ? 13  LEU A CG  1 
ATOM   85   C CD1 . LEU A 1 39  ? 11.483  -2.364  2.001   1.00 14.67 ? 13  LEU A CD1 1 
ATOM   86   C CD2 . LEU A 1 39  ? 10.406  -4.598  1.710   1.00 17.70 ? 13  LEU A CD2 1 
ATOM   87   N N   . GLN A 1 40  ? 13.526  -1.623  -1.190  1.00 12.93 ? 14  GLN A N   1 
ATOM   88   C CA  . GLN A 1 40  ? 14.894  -1.942  -1.538  1.00 14.73 ? 14  GLN A CA  1 
ATOM   89   C C   . GLN A 1 40  ? 15.622  -2.373  -0.270  1.00 15.32 ? 14  GLN A C   1 
ATOM   90   O O   . GLN A 1 40  ? 15.053  -2.327  0.821   1.00 15.33 ? 14  GLN A O   1 
ATOM   91   C CB  . GLN A 1 40  ? 15.530  -0.714  -2.197  1.00 13.79 ? 14  GLN A CB  1 
ATOM   92   C CG  . GLN A 1 40  ? 14.776  -0.364  -3.474  1.00 17.68 ? 14  GLN A CG  1 
ATOM   93   C CD  . GLN A 1 40  ? 15.437  0.706   -4.308  1.00 17.28 ? 14  GLN A CD  1 
ATOM   94   O OE1 . GLN A 1 40  ? 16.161  1.550   -3.798  1.00 17.90 ? 14  GLN A OE1 1 
ATOM   95   N NE2 . GLN A 1 40  ? 15.184  0.674   -5.610  1.00 22.56 ? 14  GLN A NE2 1 
ATOM   96   N N   . PRO A 1 41  ? 16.872  -2.855  -0.381  1.00 16.78 ? 15  PRO A N   1 
ATOM   97   C CA  . PRO A 1 41  ? 17.509  -3.462  0.804   1.00 19.06 ? 15  PRO A CA  1 
ATOM   98   C C   . PRO A 1 41  ? 17.565  -2.564  2.035   1.00 19.16 ? 15  PRO A C   1 
ATOM   99   O O   . PRO A 1 41  ? 17.408  -3.066  3.155   1.00 22.07 ? 15  PRO A O   1 
ATOM   100  C CB  . PRO A 1 41  ? 18.899  -3.863  0.290   1.00 20.85 ? 15  PRO A CB  1 
ATOM   101  C CG  . PRO A 1 41  ? 18.680  -4.129  -1.157  1.00 22.36 ? 15  PRO A CG  1 
ATOM   102  C CD  . PRO A 1 41  ? 17.663  -3.105  -1.602  1.00 19.06 ? 15  PRO A CD  1 
ATOM   103  N N   . GLN A 1 42  ? 17.750  -1.251  1.865   1.00 17.85 ? 16  GLN A N   1 
ATOM   104  C CA  . GLN A 1 42  ? 17.882  -0.347  2.998   1.00 17.06 ? 16  GLN A CA  1 
ATOM   105  C C   . GLN A 1 42  ? 16.854  0.778   3.038   1.00 16.68 ? 16  GLN A C   1 
ATOM   106  O O   . GLN A 1 42  ? 16.934  1.630   3.931   1.00 17.71 ? 16  GLN A O   1 
ATOM   107  C CB  . GLN A 1 42  ? 19.295  0.256   3.046   1.00 21.53 ? 16  GLN A CB  1 
ATOM   108  C CG  . GLN A 1 42  ? 20.396  -0.745  3.348   1.00 28.59 ? 16  GLN A CG  1 
ATOM   109  C CD  . GLN A 1 42  ? 20.331  -1.285  4.764   1.00 29.00 ? 16  GLN A CD  1 
ATOM   110  N N   . ARG A 1 43  ? 15.898  0.817   2.112   1.00 13.57 ? 17  ARG A N   1 
ATOM   111  C CA  . ARG A 1 43  ? 14.976  1.945   2.056   1.00 11.19 ? 17  ARG A CA  1 
ATOM   112  C C   . ARG A 1 43  ? 13.691  1.506   1.383   1.00 10.52 ? 17  ARG A C   1 
ATOM   113  O O   . ARG A 1 43  ? 13.662  0.525   0.641   1.00 10.70 ? 17  ARG A O   1 
ATOM   114  C CB  . ARG A 1 43  ? 15.587  3.139   1.317   1.00 13.15 ? 17  ARG A CB  1 
ATOM   115  C CG  . ARG A 1 43  ? 15.988  2.840   -0.084  1.00 12.15 ? 17  ARG A CG  1 
ATOM   116  C CD  . ARG A 1 43  ? 16.573  4.061   -0.758  1.00 15.08 ? 17  ARG A CD  1 
ATOM   117  N NE  . ARG A 1 43  ? 16.659  3.851   -2.195  1.00 14.27 ? 17  ARG A NE  1 
ATOM   118  C CZ  . ARG A 1 43  ? 17.064  4.771   -3.064  1.00 17.48 ? 17  ARG A CZ  1 
ATOM   119  N NH1 . ARG A 1 43  ? 17.425  5.963   -2.635  1.00 17.38 ? 17  ARG A NH1 1 
ATOM   120  N NH2 . ARG A 1 43  ? 17.101  4.491   -4.358  1.00 18.20 ? 17  ARG A NH2 1 
ATOM   121  N N   . VAL A 1 44  ? 12.635  2.269   1.649   1.00 8.86  ? 18  VAL A N   1 
ATOM   122  C CA  . VAL A 1 44  ? 11.332  2.062   1.032   1.00 8.44  ? 18  VAL A CA  1 
ATOM   123  C C   . VAL A 1 44  ? 10.815  3.407   0.543   1.00 8.91  ? 18  VAL A C   1 
ATOM   124  O O   . VAL A 1 44  ? 11.041  4.443   1.178   1.00 9.04  ? 18  VAL A O   1 
ATOM   125  C CB  . VAL A 1 44  ? 10.354  1.399   2.027   1.00 9.43  ? 18  VAL A CB  1 
ATOM   126  C CG1 . VAL A 1 44  ? 10.061  2.324   3.214   1.00 12.41 ? 18  VAL A CG1 1 
ATOM   127  C CG2 . VAL A 1 44  ? 9.079   0.972   1.330   1.00 10.95 ? 18  VAL A CG2 1 
ATOM   128  N N   . LEU A 1 45  ? 10.141  3.395   -0.602  1.00 7.88  ? 19  LEU A N   1 
ATOM   129  C CA  . LEU A 1 45  ? 9.557   4.606   -1.155  1.00 8.60  ? 19  LEU A CA  1 
ATOM   130  C C   . LEU A 1 45  ? 8.116   4.733   -0.692  1.00 7.53  ? 19  LEU A C   1 
ATOM   131  O O   . LEU A 1 45  ? 7.332   3.784   -0.810  1.00 8.98  ? 19  LEU A O   1 
ATOM   132  C CB  . LEU A 1 45  ? 9.583   4.563   -2.682  1.00 10.03 ? 19  LEU A CB  1 
ATOM   133  C CG  . LEU A 1 45  ? 9.150   5.834   -3.411  1.00 9.07  ? 19  LEU A CG  1 
ATOM   134  C CD1 . LEU A 1 45  ? 10.166  6.935   -3.220  1.00 10.59 ? 19  LEU A CD1 1 
ATOM   135  C CD2 . LEU A 1 45  ? 8.930   5.581   -4.898  1.00 11.36 ? 19  LEU A CD2 1 
ATOM   136  N N   . LEU A 1 46  ? 7.761   5.907   -0.187  1.00 7.38  ? 20  LEU A N   1 
ATOM   137  C CA  . LEU A 1 46  ? 6.378   6.200   0.164   1.00 8.05  ? 20  LEU A CA  1 
ATOM   138  C C   . LEU A 1 46  ? 5.989   7.514   -0.487  1.00 7.79  ? 20  LEU A C   1 
ATOM   139  O O   . LEU A 1 46  ? 6.844   8.302   -0.901  1.00 10.33 ? 20  LEU A O   1 
ATOM   140  C CB  . LEU A 1 46  ? 6.177   6.266   1.685   1.00 7.84  ? 20  LEU A CB  1 
ATOM   141  C CG  . LEU A 1 46  ? 6.485   4.988   2.459   1.00 7.81  ? 20  LEU A CG  1 
ATOM   142  C CD1 . LEU A 1 46  ? 6.545   5.261   3.958   1.00 10.02 ? 20  LEU A CD1 1 
ATOM   143  C CD2 . LEU A 1 46  ? 5.468   3.890   2.156   1.00 9.74  ? 20  LEU A CD2 1 
ATOM   144  N N   . GLY A 1 47  ? 4.692   7.753   -0.568  1.00 7.76  ? 21  GLY A N   1 
ATOM   145  C CA  . GLY A 1 47  ? 4.199   8.970   -1.175  1.00 9.47  ? 21  GLY A CA  1 
ATOM   146  C C   . GLY A 1 47  ? 3.240   9.675   -0.251  1.00 8.91  ? 21  GLY A C   1 
ATOM   147  O O   . GLY A 1 47  ? 2.361   9.035   0.351   1.00 9.69  ? 21  GLY A O   1 
ATOM   148  N N   . MET A 1 48  ? 3.441   10.983  -0.088  1.00 9.70  ? 22  MET A N   1 
ATOM   149  C CA  . MET A 1 48  ? 2.552   11.810  0.713   1.00 10.82 ? 22  MET A CA  1 
ATOM   150  C C   . MET A 1 48  ? 1.384   12.222  -0.165  1.00 11.06 ? 22  MET A C   1 
ATOM   151  O O   . MET A 1 48  ? 1.563   12.932  -1.168  1.00 10.29 ? 22  MET A O   1 
ATOM   152  C CB  . MET A 1 48  ? 3.299   13.040  1.226   1.00 12.90 ? 22  MET A CB  1 
ATOM   153  C CG  . MET A 1 48  ? 2.420   14.105  1.866   1.00 13.38 ? 22  MET A CG  1 
ATOM   154  S SD  . MET A 1 48  ? 1.383   13.477  3.199   1.00 15.16 ? 22  MET A SD  1 
ATOM   155  C CE  . MET A 1 48  ? 2.614   12.938  4.381   1.00 14.49 ? 22  MET A CE  1 
ATOM   156  N N   . LYS A 1 49  ? 0.193   11.766  0.205   1.00 14.01 ? 23  LYS A N   1 
ATOM   157  C CA  . LYS A 1 49  ? -0.997  12.043  -0.574  1.00 15.18 ? 23  LYS A CA  1 
ATOM   158  C C   . LYS A 1 49  ? -1.469  13.459  -0.287  1.00 16.99 ? 23  LYS A C   1 
ATOM   159  O O   . LYS A 1 49  ? -1.596  13.859  0.875   1.00 17.61 ? 23  LYS A O   1 
ATOM   160  C CB  . LYS A 1 49  ? -2.092  11.040  -0.214  1.00 18.29 ? 23  LYS A CB  1 
ATOM   161  C CG  . LYS A 1 49  ? -3.286  11.064  -1.158  1.00 26.70 ? 23  LYS A CG  1 
ATOM   162  N N   . LYS A 1 50  ? -1.709  14.227  -1.344  1.00 19.34 ? 24  LYS A N   1 
ATOM   163  C CA  . LYS A 1 50  ? -2.025  15.638  -1.177  1.00 20.57 ? 24  LYS A CA  1 
ATOM   164  C C   . LYS A 1 50  ? -3.519  15.936  -1.124  1.00 24.07 ? 24  LYS A C   1 
ATOM   165  O O   . LYS A 1 50  ? -3.901  16.992  -0.611  1.00 34.16 ? 24  LYS A O   1 
ATOM   166  C CB  . LYS A 1 50  ? -1.373  16.459  -2.288  1.00 25.13 ? 24  LYS A CB  1 
ATOM   167  C CG  . LYS A 1 50  ? 0.132   16.351  -2.311  1.00 25.58 ? 24  LYS A CG  1 
ATOM   168  C CD  . LYS A 1 50  ? 0.700   17.290  -3.351  1.00 26.83 ? 24  LYS A CD  1 
ATOM   169  C CE  . LYS A 1 50  ? 2.175   17.065  -3.565  1.00 21.03 ? 24  LYS A CE  1 
ATOM   170  N NZ  . LYS A 1 50  ? 2.689   18.065  -4.546  1.00 20.92 ? 24  LYS A NZ  1 
ATOM   171  N N   . ARG A 1 51  ? -4.369  15.045  -1.627  1.00 25.60 ? 25  ARG A N   1 
ATOM   172  C CA  . ARG A 1 51  ? -5.803  15.301  -1.593  1.00 27.24 ? 25  ARG A CA  1 
ATOM   173  C C   . ARG A 1 51  ? -6.559  13.983  -1.666  1.00 37.66 ? 25  ARG A C   1 
ATOM   174  O O   . ARG A 1 51  ? -5.996  12.936  -1.994  1.00 35.08 ? 25  ARG A O   1 
ATOM   175  N N   . GLY A 1 52  ? -7.853  14.053  -1.351  1.00 38.23 ? 26  GLY A N   1 
ATOM   176  C CA  . GLY A 1 52  ? -8.712  12.893  -1.490  1.00 38.59 ? 26  GLY A CA  1 
ATOM   177  C C   . GLY A 1 52  ? -8.508  11.865  -0.389  1.00 39.36 ? 26  GLY A C   1 
ATOM   178  O O   . GLY A 1 52  ? -8.160  12.186  0.749   1.00 38.99 ? 26  GLY A O   1 
ATOM   179  N N   . ALA A 1 53  ? -8.730  10.603  -0.749  1.00 41.53 ? 27  ALA A N   1 
ATOM   180  C CA  . ALA A 1 53  ? -8.670  9.513   0.217   1.00 41.30 ? 27  ALA A CA  1 
ATOM   181  C C   . ALA A 1 53  ? -7.258  9.371   0.772   1.00 42.23 ? 27  ALA A C   1 
ATOM   182  O O   . ALA A 1 53  ? -6.298  9.184   0.018   1.00 45.39 ? 27  ALA A O   1 
ATOM   183  N N   . GLY A 1 54  ? -7.136  9.466   2.094   1.00 37.12 ? 28  GLY A N   1 
ATOM   184  C CA  . GLY A 1 54  ? -5.856  9.301   2.750   1.00 39.67 ? 28  GLY A CA  1 
ATOM   185  C C   . GLY A 1 54  ? -4.922  10.483  2.656   1.00 35.93 ? 28  GLY A C   1 
ATOM   186  O O   . GLY A 1 54  ? -3.715  10.316  2.857   1.00 25.80 ? 28  GLY A O   1 
ATOM   187  N N   . ALA A 1 55  ? -5.439  11.675  2.362   1.00 26.57 ? 29  ALA A N   1 
ATOM   188  C CA  . ALA A 1 55  ? -4.590  12.853  2.247   1.00 27.76 ? 29  ALA A CA  1 
ATOM   189  C C   . ALA A 1 55  ? -3.893  13.141  3.570   1.00 22.30 ? 29  ALA A C   1 
ATOM   190  O O   . ALA A 1 55  ? -4.462  12.947  4.648   1.00 26.96 ? 29  ALA A O   1 
ATOM   191  C CB  . ALA A 1 55  ? -5.428  14.062  1.839   1.00 24.82 ? 29  ALA A CB  1 
ATOM   192  N N   . GLY A 1 56  ? -2.645  13.602  3.483   1.00 18.02 ? 30  GLY A N   1 
ATOM   193  C CA  . GLY A 1 56  ? -1.857  13.919  4.654   1.00 17.14 ? 30  GLY A CA  1 
ATOM   194  C C   . GLY A 1 56  ? -1.100  12.758  5.254   1.00 14.78 ? 30  GLY A C   1 
ATOM   195  O O   . GLY A 1 56  ? -0.392  12.950  6.251   1.00 17.20 ? 30  GLY A O   1 
ATOM   196  N N   . ARG A 1 57  ? -1.219  11.569  4.681   1.00 14.57 ? 31  ARG A N   1 
ATOM   197  C CA  . ARG A 1 57  ? -0.516  10.397  5.165   1.00 13.62 ? 31  ARG A CA  1 
ATOM   198  C C   . ARG A 1 57  ? 0.431   9.882   4.095   1.00 10.85 ? 31  ARG A C   1 
ATOM   199  O O   . ARG A 1 57  ? 0.130   9.949   2.896   1.00 13.14 ? 31  ARG A O   1 
ATOM   200  C CB  . ARG A 1 57  ? -1.514  9.299   5.509   1.00 12.85 ? 31  ARG A CB  1 
ATOM   201  C CG  . ARG A 1 57  ? -2.086  9.470   6.897   1.00 16.98 ? 31  ARG A CG  1 
ATOM   202  C CD  . ARG A 1 57  ? -3.293  8.601   7.134   1.00 17.79 ? 31  ARG A CD  1 
ATOM   203  N NE  . ARG A 1 57  ? -3.655  8.635   8.547   1.00 18.63 ? 31  ARG A NE  1 
ATOM   204  C CZ  . ARG A 1 57  ? -4.786  8.152   9.049   1.00 18.48 ? 31  ARG A CZ  1 
ATOM   205  N NH1 . ARG A 1 57  ? -5.684  7.589   8.260   1.00 18.10 ? 31  ARG A NH1 1 
ATOM   206  N NH2 . ARG A 1 57  ? -5.011  8.230   10.355  1.00 23.37 ? 31  ARG A NH2 1 
ATOM   207  N N   . TRP A 1 58  ? 1.560   9.341   4.545   1.00 9.69  ? 32  TRP A N   1 
ATOM   208  C CA  . TRP A 1 58  ? 2.447   8.597   3.664   1.00 8.57  ? 32  TRP A CA  1 
ATOM   209  C C   . TRP A 1 58  ? 1.826   7.245   3.354   1.00 9.30  ? 32  TRP A C   1 
ATOM   210  O O   . TRP A 1 58  ? 1.238   6.608   4.234   1.00 10.14 ? 32  TRP A O   1 
ATOM   211  C CB  . TRP A 1 58  ? 3.780   8.356   4.366   1.00 8.41  ? 32  TRP A CB  1 
ATOM   212  C CG  . TRP A 1 58  ? 4.526   9.619   4.655   1.00 9.85  ? 32  TRP A CG  1 
ATOM   213  C CD1 . TRP A 1 58  ? 4.592   10.291  5.845   1.00 11.36 ? 32  TRP A CD1 1 
ATOM   214  C CD2 . TRP A 1 58  ? 5.290   10.385  3.720   1.00 8.89  ? 32  TRP A CD2 1 
ATOM   215  N NE1 . TRP A 1 58  ? 5.361   11.420  5.701   1.00 11.51 ? 32  TRP A NE1 1 
ATOM   216  C CE2 . TRP A 1 58  ? 5.796   11.503  4.408   1.00 10.09 ? 32  TRP A CE2 1 
ATOM   217  C CE3 . TRP A 1 58  ? 5.593   10.236  2.369   1.00 8.89  ? 32  TRP A CE3 1 
ATOM   218  C CZ2 . TRP A 1 58  ? 6.594   12.464  3.790   1.00 13.15 ? 32  TRP A CZ2 1 
ATOM   219  C CZ3 . TRP A 1 58  ? 6.378   11.192  1.752   1.00 10.07 ? 32  TRP A CZ3 1 
ATOM   220  C CH2 . TRP A 1 58  ? 6.870   12.293  2.471   1.00 11.19 ? 32  TRP A CH2 1 
ATOM   221  N N   . ASN A 1 59  ? 1.984   6.788   2.118   1.00 9.27  ? 33  ASN A N   1 
ATOM   222  C CA  . ASN A 1 59  ? 1.370   5.542   1.687   1.00 10.71 ? 33  ASN A CA  1 
ATOM   223  C C   . ASN A 1 59  ? 2.195   4.944   0.568   1.00 8.89  ? 33  ASN A C   1 
ATOM   224  O O   . ASN A 1 59  ? 3.065   5.594   -0.012  1.00 9.82  ? 33  ASN A O   1 
ATOM   225  C CB  . ASN A 1 59  ? -0.054  5.788   1.186   1.00 14.94 ? 33  ASN A CB  1 
ATOM   226  C CG  . ASN A 1 59  ? -0.954  4.581   1.347   1.00 14.98 ? 33  ASN A CG  1 
ATOM   227  O OD1 . ASN A 1 59  ? -0.499  3.444   1.403   1.00 16.34 ? 33  ASN A OD1 1 
ATOM   228  N ND2 . ASN A 1 59  ? -2.257  4.834   1.426   1.00 27.49 ? 33  ASN A ND2 1 
ATOM   229  N N   . GLY A 1 60  ? 1.923   3.678   0.278   1.00 9.34  ? 34  GLY A N   1 
ATOM   230  C CA  . GLY A 1 60  ? 2.338   3.112   -0.982  1.00 9.51  ? 34  GLY A CA  1 
ATOM   231  C C   . GLY A 1 60  ? 1.487   3.657   -2.115  1.00 8.43  ? 34  GLY A C   1 
ATOM   232  O O   . GLY A 1 60  ? 0.693   4.581   -1.948  1.00 9.72  ? 34  GLY A O   1 
ATOM   233  N N   . PHE A 1 61  ? 1.673   3.084   -3.295  1.00 7.80  ? 35  PHE A N   1 
ATOM   234  C CA  . PHE A 1 61  ? 1.052   3.584   -4.515  1.00 8.69  ? 35  PHE A CA  1 
ATOM   235  C C   . PHE A 1 61  ? 0.034   2.571   -5.014  1.00 8.94  ? 35  PHE A C   1 
ATOM   236  O O   . PHE A 1 61  ? 0.327   1.376   -5.080  1.00 9.68  ? 35  PHE A O   1 
ATOM   237  C CB  . PHE A 1 61  ? 2.123   3.851   -5.566  1.00 9.21  ? 35  PHE A CB  1 
ATOM   238  C CG  . PHE A 1 61  ? 3.172   4.803   -5.079  1.00 9.01  ? 35  PHE A CG  1 
ATOM   239  C CD1 . PHE A 1 61  ? 2.897   6.154   -4.993  1.00 10.42 ? 35  PHE A CD1 1 
ATOM   240  C CD2 . PHE A 1 61  ? 4.399   4.345   -4.627  1.00 10.10 ? 35  PHE A CD2 1 
ATOM   241  C CE1 . PHE A 1 61  ? 3.851   7.051   -4.504  1.00 11.52 ? 35  PHE A CE1 1 
ATOM   242  C CE2 . PHE A 1 61  ? 5.360   5.240   -4.140  1.00 11.35 ? 35  PHE A CE2 1 
ATOM   243  C CZ  . PHE A 1 61  ? 5.074   6.592   -4.086  1.00 10.88 ? 35  PHE A CZ  1 
ATOM   244  N N   . GLY A 1 62  ? -1.159  3.032   -5.356  1.00 9.34  ? 36  GLY A N   1 
ATOM   245  C CA  . GLY A 1 62  ? -2.164  2.086   -5.802  1.00 10.25 ? 36  GLY A CA  1 
ATOM   246  C C   . GLY A 1 62  ? -3.481  2.772   -6.053  1.00 10.50 ? 36  GLY A C   1 
ATOM   247  O O   . GLY A 1 62  ? -3.563  4.003   -6.109  1.00 11.94 ? 36  GLY A O   1 
ATOM   248  N N   . GLY A 1 63  ? -4.515  1.954   -6.219  1.00 9.78  ? 37  GLY A N   1 
ATOM   249  C CA  . GLY A 1 63  ? -5.841  2.475   -6.499  1.00 10.57 ? 37  GLY A CA  1 
ATOM   250  C C   . GLY A 1 63  ? -6.761  1.370   -6.976  1.00 8.62  ? 37  GLY A C   1 
ATOM   251  O O   . GLY A 1 63  ? -6.484  0.184   -6.794  1.00 8.94  ? 37  GLY A O   1 
ATOM   252  N N   . LYS A 1 64  ? -7.880  1.791   -7.570  1.00 10.18 ? 38  LYS A N   1 
ATOM   253  C CA  . LYS A 1 64  ? -8.901  0.855   -8.011  1.00 11.64 ? 38  LYS A CA  1 
ATOM   254  C C   . LYS A 1 64  ? -8.429  0.072   -9.233  1.00 10.53 ? 38  LYS A C   1 
ATOM   255  O O   . LYS A 1 64  ? -7.655  0.564   -10.052 1.00 14.17 ? 38  LYS A O   1 
ATOM   256  C CB  . LYS A 1 64  ? -10.181 1.623   -8.341  1.00 13.48 ? 38  LYS A CB  1 
ATOM   257  C CG  . LYS A 1 64  ? -10.807 2.287   -7.123  1.00 14.38 ? 38  LYS A CG  1 
ATOM   258  C CD  . LYS A 1 64  ? -11.820 3.346   -7.528  1.00 24.19 ? 38  LYS A CD  1 
ATOM   259  C CE  . LYS A 1 64  ? -12.492 3.966   -6.314  1.00 25.15 ? 38  LYS A CE  1 
ATOM   260  N NZ  . LYS A 1 64  ? -13.527 4.960   -6.718  1.00 34.26 ? 38  LYS A NZ  1 
ATOM   261  N N   . VAL A 1 65  ? -8.870  -1.169  -9.331  1.00 13.26 ? 39  VAL A N   1 
ATOM   262  C CA  . VAL A 1 65  ? -8.607  -2.006  -10.499 1.00 12.68 ? 39  VAL A CA  1 
ATOM   263  C C   . VAL A 1 65  ? -9.735  -1.795  -11.497 1.00 11.37 ? 39  VAL A C   1 
ATOM   264  O O   . VAL A 1 65  ? -10.905 -1.686  -11.107 1.00 14.14 ? 39  VAL A O   1 
ATOM   265  C CB  . VAL A 1 65  ? -8.513  -3.481  -10.081 1.00 11.07 ? 39  VAL A CB  1 
ATOM   266  C CG1 . VAL A 1 65  ? -8.289  -4.371  -11.297 1.00 12.38 ? 39  VAL A CG1 1 
ATOM   267  C CG2 . VAL A 1 65  ? -7.401  -3.673  -9.060  1.00 13.02 ? 39  VAL A CG2 1 
ATOM   268  N N   . GLN A 1 66  ? -9.396  -1.719  -12.772 1.00 12.13 ? 40  GLN A N   1 
ATOM   269  C CA  . GLN A 1 66  ? -10.379 -1.400  -13.797 1.00 13.80 ? 40  GLN A CA  1 
ATOM   270  C C   . GLN A 1 66  ? -11.027 -2.648  -14.394 1.00 11.15 ? 40  GLN A C   1 
ATOM   271  O O   . GLN A 1 66  ? -10.547 -3.772  -14.253 1.00 10.91 ? 40  GLN A O   1 
ATOM   272  C CB  . GLN A 1 66  ? -9.727  -0.572  -14.897 1.00 14.75 ? 40  GLN A CB  1 
ATOM   273  C CG  . GLN A 1 66  ? -9.275  0.791   -14.381 1.00 19.49 ? 40  GLN A CG  1 
ATOM   274  C CD  . GLN A 1 66  ? -8.455  1.584   -15.384 1.00 22.41 ? 40  GLN A CD  1 
ATOM   275  O OE1 . GLN A 1 66  ? -8.202  1.132   -16.502 1.00 27.38 ? 40  GLN A OE1 1 
ATOM   276  N NE2 . GLN A 1 66  ? -8.027  2.775   -14.980 1.00 29.25 ? 40  GLN A NE2 1 
ATOM   277  N N   . GLU A 1 67  ? -12.149 -2.419  -15.076 1.00 12.15 ? 41  GLU A N   1 
ATOM   278  C CA  . GLU A 1 67  ? -12.826 -3.478  -15.816 1.00 13.20 ? 41  GLU A CA  1 
ATOM   279  C C   . GLU A 1 67  ? -11.900 -4.058  -16.872 1.00 10.65 ? 41  GLU A C   1 
ATOM   280  O O   . GLU A 1 67  ? -11.255 -3.321  -17.619 1.00 12.71 ? 41  GLU A O   1 
ATOM   281  C CB  . GLU A 1 67  ? -14.084 -2.911  -16.474 1.00 15.31 ? 41  GLU A CB  1 
ATOM   282  C CG  . GLU A 1 67  ? -15.129 -2.510  -15.449 1.00 15.76 ? 41  GLU A CG  1 
ATOM   283  C CD  . GLU A 1 67  ? -16.206 -1.596  -15.999 1.00 31.28 ? 41  GLU A CD  1 
ATOM   284  O OE1 . GLU A 1 67  ? -16.013 -1.019  -17.090 1.00 33.27 ? 41  GLU A OE1 1 
ATOM   285  O OE2 . GLU A 1 67  ? -17.256 -1.460  -15.330 1.00 36.33 ? 41  GLU A OE2 1 
ATOM   286  N N   . GLY A 1 68  ? -11.819 -5.386  -16.919 1.00 11.71 ? 42  GLY A N   1 
ATOM   287  C CA  . GLY A 1 68  ? -10.986 -6.055  -17.895 1.00 13.90 ? 42  GLY A CA  1 
ATOM   288  C C   . GLY A 1 68  ? -9.498  -6.004  -17.627 1.00 12.42 ? 42  GLY A C   1 
ATOM   289  O O   . GLY A 1 68  ? -8.717  -6.398  -18.491 1.00 15.06 ? 42  GLY A O   1 
ATOM   290  N N   . GLU A 1 69  ? -9.076  -5.517  -16.468 1.00 13.62 ? 43  GLU A N   1 
ATOM   291  C CA  . GLU A 1 69  ? -7.671  -5.366  -16.133 1.00 12.81 ? 43  GLU A CA  1 
ATOM   292  C C   . GLU A 1 69  ? -7.332  -6.369  -15.044 1.00 12.10 ? 43  GLU A C   1 
ATOM   293  O O   . GLU A 1 69  ? -8.108  -6.546  -14.104 1.00 13.92 ? 43  GLU A O   1 
ATOM   294  C CB  . GLU A 1 69  ? -7.450  -3.946  -15.606 1.00 16.78 ? 43  GLU A CB  1 
ATOM   295  C CG  . GLU A 1 69  ? -6.032  -3.606  -15.223 1.00 15.30 ? 43  GLU A CG  1 
ATOM   296  C CD  . GLU A 1 69  ? -5.915  -2.195  -14.675 1.00 11.77 ? 43  GLU A CD  1 
ATOM   297  O OE1 . GLU A 1 69  ? -6.650  -1.844  -13.727 1.00 12.96 ? 43  GLU A OE1 1 
ATOM   298  O OE2 . GLU A 1 69  ? -5.047  -1.455  -15.168 1.00 14.63 ? 43  GLU A OE2 1 
ATOM   299  N N   . THR A 1 70  ? -6.174  -7.022  -15.164 1.00 12.78 ? 44  THR A N   1 
ATOM   300  C CA  . THR A 1 70  ? -5.731  -7.885  -14.076 1.00 13.18 ? 44  THR A CA  1 
ATOM   301  C C   . THR A 1 70  ? -5.324  -7.031  -12.877 1.00 10.68 ? 44  THR A C   1 
ATOM   302  O O   . THR A 1 70  ? -4.940  -5.871  -13.014 1.00 11.87 ? 44  THR A O   1 
ATOM   303  C CB  . THR A 1 70  ? -4.544  -8.766  -14.495 1.00 14.99 ? 44  THR A CB  1 
ATOM   304  O OG1 . THR A 1 70  ? -3.366  -7.969  -14.635 1.00 16.68 ? 44  THR A OG1 1 
ATOM   305  C CG2 . THR A 1 70  ? -4.835  -9.477  -15.814 1.00 18.44 ? 44  THR A CG2 1 
ATOM   306  N N   . ILE A 1 71  ? -5.386  -7.636  -11.692 1.00 11.80 ? 45  ILE A N   1 
ATOM   307  C CA  . ILE A 1 71  ? -4.985  -6.917  -10.487 1.00 11.27 ? 45  ILE A CA  1 
ATOM   308  C C   . ILE A 1 71  ? -3.540  -6.456  -10.594 1.00 11.04 ? 45  ILE A C   1 
ATOM   309  O O   . ILE A 1 71  ? -3.216  -5.300  -10.302 1.00 10.95 ? 45  ILE A O   1 
ATOM   310  C CB  . ILE A 1 71  ? -5.235  -7.786  -9.244  1.00 11.73 ? 45  ILE A CB  1 
ATOM   311  C CG1 . ILE A 1 71  ? -6.734  -8.056  -9.110  1.00 12.93 ? 45  ILE A CG1 1 
ATOM   312  C CG2 . ILE A 1 71  ? -4.699  -7.102  -7.972  1.00 12.73 ? 45  ILE A CG2 1 
ATOM   313  C CD1 . ILE A 1 71  ? -7.070  -9.019  -8.000  1.00 15.25 ? 45  ILE A CD1 1 
ATOM   314  N N   . GLU A 1 72  ? -2.657  -7.338  -11.067 1.00 13.30 ? 46  GLU A N   1 
ATOM   315  C CA  . GLU A 1 72  ? -1.251  -6.968  -11.185 1.00 14.15 ? 46  GLU A CA  1 
ATOM   316  C C   . GLU A 1 72  ? -1.044  -5.867  -12.217 1.00 12.72 ? 46  GLU A C   1 
ATOM   317  O O   . GLU A 1 72  ? -0.233  -4.961  -12.007 1.00 12.64 ? 46  GLU A O   1 
ATOM   318  C CB  . GLU A 1 72  ? -0.398  -8.188  -11.529 1.00 17.31 ? 46  GLU A CB  1 
ATOM   319  C CG  . GLU A 1 72  ? 1.072   -7.839  -11.656 1.00 20.06 ? 46  GLU A CG  1 
ATOM   320  C CD  . GLU A 1 72  ? 1.967   -9.050  -11.787 1.00 19.53 ? 46  GLU A CD  1 
ATOM   321  O OE1 . GLU A 1 72  ? 1.447   -10.187 -11.788 1.00 26.05 ? 46  GLU A OE1 1 
ATOM   322  O OE2 . GLU A 1 72  ? 3.197   -8.856  -11.888 1.00 22.96 ? 46  GLU A OE2 1 
ATOM   323  N N   . ASP A 1 73  ? -1.758  -5.930  -13.351 1.00 12.71 ? 47  ASP A N   1 
ATOM   324  C CA  . ASP A 1 73  ? -1.655  -4.840  -14.317 1.00 12.37 ? 47  ASP A CA  1 
ATOM   325  C C   . ASP A 1 73  ? -2.143  -3.532  -13.713 1.00 10.88 ? 47  ASP A C   1 
ATOM   326  O O   . ASP A 1 73  ? -1.559  -2.471  -13.954 1.00 11.36 ? 47  ASP A O   1 
ATOM   327  C CB  . ASP A 1 73  ? -2.410  -5.164  -15.614 1.00 14.82 ? 47  ASP A CB  1 
ATOM   328  C CG  . ASP A 1 73  ? -1.675  -6.177  -16.488 1.00 17.53 ? 47  ASP A CG  1 
ATOM   329  O OD1 . ASP A 1 73  ? -0.492  -6.465  -16.228 1.00 22.60 ? 47  ASP A OD1 1 
ATOM   330  O OD2 . ASP A 1 73  ? -2.286  -6.677  -17.457 1.00 24.05 ? 47  ASP A OD2 1 
ATOM   331  N N   . GLY A 1 74  ? -3.213  -3.590  -12.919 1.00 11.67 ? 48  GLY A N   1 
ATOM   332  C CA  . GLY A 1 74  ? -3.675  -2.389  -12.240 1.00 10.60 ? 48  GLY A CA  1 
ATOM   333  C C   . GLY A 1 74  ? -2.642  -1.836  -11.276 1.00 9.90  ? 48  GLY A C   1 
ATOM   334  O O   . GLY A 1 74  ? -2.464  -0.622  -11.171 1.00 10.41 ? 48  GLY A O   1 
ATOM   335  N N   . ALA A 1 75  ? -1.950  -2.725  -10.554 1.00 10.30 ? 49  ALA A N   1 
ATOM   336  C CA  . ALA A 1 75  ? -0.911  -2.293  -9.623  1.00 9.76  ? 49  ALA A CA  1 
ATOM   337  C C   . ALA A 1 75  ? 0.233   -1.604  -10.359 1.00 10.08 ? 49  ALA A C   1 
ATOM   338  O O   . ALA A 1 75  ? 0.707   -0.540  -9.939  1.00 10.81 ? 49  ALA A O   1 
ATOM   339  C CB  . ALA A 1 75  ? -0.414  -3.492  -8.822  1.00 13.06 ? 49  ALA A CB  1 
ATOM   340  N N   . ARG A 1 76  ? 0.662   -2.186  -11.483 1.00 10.82 ? 50  ARG A N   1 
ATOM   341  C CA  . ARG A 1 76  ? 1.727   -1.583  -12.273 1.00 11.30 ? 50  ARG A CA  1 
ATOM   342  C C   . ARG A 1 76  ? 1.297   -0.231  -12.822 1.00 10.43 ? 50  ARG A C   1 
ATOM   343  O O   . ARG A 1 76  ? 2.061   0.742   -12.794 1.00 11.36 ? 50  ARG A O   1 
ATOM   344  C CB  . ARG A 1 76  ? 2.091   -2.534  -13.408 1.00 13.69 ? 50  ARG A CB  1 
ATOM   345  C CG  . ARG A 1 76  ? 3.201   -2.050  -14.316 1.00 16.62 ? 50  ARG A CG  1 
ATOM   346  C CD  . ARG A 1 76  ? 3.570   -3.122  -15.334 1.00 17.29 ? 50  ARG A CD  1 
ATOM   347  N NE  . ARG A 1 76  ? 3.963   -4.362  -14.676 1.00 18.39 ? 50  ARG A NE  1 
ATOM   348  C CZ  . ARG A 1 76  ? 3.228   -5.467  -14.657 1.00 19.07 ? 50  ARG A CZ  1 
ATOM   349  N NH1 . ARG A 1 76  ? 2.053   -5.497  -15.271 1.00 23.08 ? 50  ARG A NH1 1 
ATOM   350  N NH2 . ARG A 1 76  ? 3.669   -6.544  -14.019 1.00 23.57 ? 50  ARG A NH2 1 
ATOM   351  N N   . ARG A 1 77  ? 0.048   -0.148  -13.291 1.00 11.30 ? 51  ARG A N   1 
ATOM   352  C CA  . ARG A 1 77  ? -0.456  1.107   -13.835 1.00 11.83 ? 51  ARG A CA  1 
ATOM   353  C C   . ARG A 1 77  ? -0.502  2.193   -12.768 1.00 11.90 ? 51  ARG A C   1 
ATOM   354  O O   . ARG A 1 77  ? -0.092  3.334   -13.006 1.00 12.38 ? 51  ARG A O   1 
ATOM   355  C CB  . ARG A 1 77  ? -1.852  0.898   -14.431 1.00 13.55 ? 51  ARG A CB  1 
ATOM   356  C CG  . ARG A 1 77  ? -2.553  2.190   -14.822 1.00 12.88 ? 51  ARG A CG  1 
ATOM   357  C CD  . ARG A 1 77  ? -3.963  1.944   -15.372 1.00 14.66 ? 51  ARG A CD  1 
ATOM   358  N NE  . ARG A 1 77  ? -4.772  1.140   -14.459 1.00 13.19 ? 51  ARG A NE  1 
ATOM   359  C CZ  . ARG A 1 77  ? -5.363  1.610   -13.368 1.00 14.13 ? 51  ARG A CZ  1 
ATOM   360  N NH1 . ARG A 1 77  ? -5.234  2.888   -13.025 1.00 14.91 ? 51  ARG A NH1 1 
ATOM   361  N NH2 . ARG A 1 77  ? -6.060  0.791   -12.603 1.00 13.25 ? 51  ARG A NH2 1 
ATOM   362  N N   . GLU A 1 78  ? -1.019  1.860   -11.584 1.00 11.58 ? 52  GLU A N   1 
ATOM   363  C CA  . GLU A 1 78  ? -1.117  2.858   -10.525 1.00 13.05 ? 52  GLU A CA  1 
ATOM   364  C C   . GLU A 1 78  ? 0.254   3.295   -10.022 1.00 11.71 ? 52  GLU A C   1 
ATOM   365  O O   . GLU A 1 78  ? 0.441   4.463   -9.678  1.00 11.86 ? 52  GLU A O   1 
ATOM   366  C CB  . GLU A 1 78  ? -1.977  2.335   -9.376  1.00 14.12 ? 52  GLU A CB  1 
ATOM   367  C CG  . GLU A 1 78  ? -3.467  2.314   -9.690  1.00 18.33 ? 52  GLU A CG  1 
ATOM   368  C CD  . GLU A 1 78  ? -4.103  3.697   -9.710  1.00 21.06 ? 52  GLU A CD  1 
ATOM   369  O OE1 . GLU A 1 78  ? -5.336  3.757   -9.906  1.00 32.75 ? 52  GLU A OE1 1 
ATOM   370  O OE2 . GLU A 1 78  ? -3.396  4.717   -9.534  1.00 25.33 ? 52  GLU A OE2 1 
ATOM   371  N N   . LEU A 1 79  ? 1.224   2.380   -9.964  1.00 10.87 ? 53  LEU A N   1 
ATOM   372  C CA  . LEU A 1 79  ? 2.565   2.808   -9.567  1.00 11.21 ? 53  LEU A CA  1 
ATOM   373  C C   . LEU A 1 79  ? 3.085   3.889   -10.508 1.00 10.01 ? 53  LEU A C   1 
ATOM   374  O O   . LEU A 1 79  ? 3.625   4.909   -10.069 1.00 12.37 ? 53  LEU A O   1 
ATOM   375  C CB  . LEU A 1 79  ? 3.530   1.625   -9.518  1.00 13.01 ? 53  LEU A CB  1 
ATOM   376  C CG  . LEU A 1 79  ? 4.970   2.010   -9.148  1.00 12.08 ? 53  LEU A CG  1 
ATOM   377  C CD1 . LEU A 1 79  ? 5.047   2.497   -7.710  1.00 11.66 ? 53  LEU A CD1 1 
ATOM   378  C CD2 . LEU A 1 79  ? 5.906   0.837   -9.367  1.00 14.24 ? 53  LEU A CD2 1 
ATOM   379  N N   . GLN A 1 80  ? 2.903   3.697   -11.812 1.00 12.76 ? 54  GLN A N   1 
ATOM   380  C CA  . GLN A 1 80  ? 3.321   4.719   -12.769 1.00 12.67 ? 54  GLN A CA  1 
ATOM   381  C C   . GLN A 1 80  ? 2.538   6.014   -12.587 1.00 13.45 ? 54  GLN A C   1 
ATOM   382  O O   . GLN A 1 80  ? 3.123   7.100   -12.517 1.00 14.67 ? 54  GLN A O   1 
ATOM   383  C CB  . GLN A 1 80  ? 3.191   4.188   -14.197 1.00 15.55 ? 54  GLN A CB  1 
ATOM   384  C CG  . GLN A 1 80  ? 3.189   5.264   -15.272 1.00 21.47 ? 54  GLN A CG  1 
ATOM   385  C CD  . GLN A 1 80  ? 4.469   6.063   -15.281 1.00 21.10 ? 54  GLN A CD  1 
ATOM   386  O OE1 . GLN A 1 80  ? 5.566   5.499   -15.335 1.00 28.31 ? 54  GLN A OE1 1 
ATOM   387  N NE2 . GLN A 1 80  ? 4.342   7.390   -15.216 1.00 23.33 ? 54  GLN A NE2 1 
ATOM   388  N N   . GLU A 1 81  ? 1.213   5.920   -12.488 1.00 13.81 ? 55  GLU A N   1 
ATOM   389  C CA  . GLU A 1 81  ? 0.395   7.126   -12.394 1.00 12.07 ? 55  GLU A CA  1 
ATOM   390  C C   . GLU A 1 81  ? 0.765   7.971   -11.179 1.00 16.48 ? 55  GLU A C   1 
ATOM   391  O O   . GLU A 1 81  ? 0.828   9.202   -11.267 1.00 16.81 ? 55  GLU A O   1 
ATOM   392  C CB  . GLU A 1 81  ? -1.086  6.747   -12.346 1.00 15.39 ? 55  GLU A CB  1 
ATOM   393  C CG  . GLU A 1 81  ? -1.617  6.094   -13.616 1.00 22.60 ? 55  GLU A CG  1 
ATOM   394  C CD  . GLU A 1 81  ? -3.108  5.792   -13.543 1.00 23.13 ? 55  GLU A CD  1 
ATOM   395  O OE1 . GLU A 1 81  ? -3.729  6.093   -12.505 1.00 30.00 ? 55  GLU A OE1 1 
ATOM   396  O OE2 . GLU A 1 81  ? -3.655  5.245   -14.521 1.00 25.46 ? 55  GLU A OE2 1 
ATOM   397  N N   . GLU A 1 82  ? 1.027   7.333   -10.042 1.00 12.04 ? 56  GLU A N   1 
ATOM   398  C CA  . GLU A 1 82  ? 1.193   8.062   -8.794  1.00 14.17 ? 56  GLU A CA  1 
ATOM   399  C C   . GLU A 1 82  ? 2.638   8.383   -8.451  1.00 14.38 ? 56  GLU A C   1 
ATOM   400  O O   . GLU A 1 82  ? 2.876   9.288   -7.641  1.00 15.15 ? 56  GLU A O   1 
ATOM   401  C CB  . GLU A 1 82  ? 0.582   7.263   -7.643  1.00 13.69 ? 56  GLU A CB  1 
ATOM   402  C CG  . GLU A 1 82  ? -0.922  7.147   -7.730  1.00 14.43 ? 56  GLU A CG  1 
ATOM   403  C CD  . GLU A 1 82  ? -1.528  6.655   -6.440  1.00 16.11 ? 56  GLU A CD  1 
ATOM   404  O OE1 . GLU A 1 82  ? -0.842  5.930   -5.691  1.00 13.51 ? 56  GLU A OE1 1 
ATOM   405  O OE2 . GLU A 1 82  ? -2.683  7.026   -6.139  1.00 18.91 ? 56  GLU A OE2 1 
ATOM   406  N N   . SER A 1 83  ? 3.599   7.643   -9.009  1.00 14.90 ? 57  SER A N   1 
ATOM   407  C CA  . SER A 1 83  ? 5.000   7.829   -8.659  1.00 13.33 ? 57  SER A CA  1 
ATOM   408  C C   . SER A 1 83  ? 5.917   8.076   -9.844  1.00 14.96 ? 57  SER A C   1 
ATOM   409  O O   . SER A 1 83  ? 7.070   8.478   -9.631  1.00 15.02 ? 57  SER A O   1 
ATOM   410  C CB  . SER A 1 83  ? 5.538   6.606   -7.899  1.00 13.54 ? 57  SER A CB  1 
ATOM   411  O OG  . SER A 1 83  ? 5.881   5.567   -8.794  1.00 12.49 ? 57  SER A OG  1 
ATOM   412  N N   . GLY A 1 84  ? 5.467   7.843   -11.070 1.00 12.98 ? 58  GLY A N   1 
ATOM   413  C CA  . GLY A 1 84  ? 6.318   8.008   -12.233 1.00 14.19 ? 58  GLY A CA  1 
ATOM   414  C C   . GLY A 1 84  ? 7.225   6.835   -12.524 1.00 13.75 ? 58  GLY A C   1 
ATOM   415  O O   . GLY A 1 84  ? 7.977   6.879   -13.510 1.00 14.19 ? 58  GLY A O   1 
ATOM   416  N N   . LEU A 1 85  ? 7.172   5.781   -11.720 1.00 12.98 ? 59  LEU A N   1 
ATOM   417  C CA  . LEU A 1 85  ? 8.101   4.667   -11.833 1.00 12.32 ? 59  LEU A CA  1 
ATOM   418  C C   . LEU A 1 85  ? 7.500   3.533   -12.648 1.00 11.66 ? 59  LEU A C   1 
ATOM   419  O O   . LEU A 1 85  ? 6.302   3.229   -12.538 1.00 12.74 ? 59  LEU A O   1 
ATOM   420  C CB  . LEU A 1 85  ? 8.472   4.125   -10.460 1.00 12.10 ? 59  LEU A CB  1 
ATOM   421  C CG  . LEU A 1 85  ? 9.168   5.121   -9.548  1.00 12.00 ? 59  LEU A CG  1 
ATOM   422  C CD1 . LEU A 1 85  ? 9.339   4.478   -8.193  1.00 15.21 ? 59  LEU A CD1 1 
ATOM   423  C CD2 . LEU A 1 85  ? 10.502  5.546   -10.151 1.00 13.13 ? 59  LEU A CD2 1 
ATOM   424  N N   . THR A 1 86  ? 8.356   2.878   -13.423 1.00 11.37 ? 60  THR A N   1 
ATOM   425  C CA  . THR A 1 86  ? 8.002   1.692   -14.190 1.00 11.76 ? 60  THR A CA  1 
ATOM   426  C C   . THR A 1 86  ? 8.499   0.456   -13.452 1.00 12.11 ? 60  THR A C   1 
ATOM   427  O O   . THR A 1 86  ? 9.693   0.358   -13.150 1.00 12.87 ? 60  THR A O   1 
ATOM   428  C CB  . THR A 1 86  ? 8.667   1.750   -15.565 1.00 12.76 ? 60  THR A CB  1 
ATOM   429  O OG1 . THR A 1 86  ? 8.230   2.921   -16.266 1.00 13.61 ? 60  THR A OG1 1 
ATOM   430  C CG2 . THR A 1 86  ? 8.331   0.519   -16.380 1.00 14.09 ? 60  THR A CG2 1 
ATOM   431  N N   . VAL A 1 87  ? 7.589   -0.482  -13.161 1.00 12.54 ? 61  VAL A N   1 
ATOM   432  C CA  . VAL A 1 87  ? 7.934   -1.783  -12.586 1.00 14.69 ? 61  VAL A CA  1 
ATOM   433  C C   . VAL A 1 87  ? 7.598   -2.869  -13.601 1.00 17.00 ? 61  VAL A C   1 
ATOM   434  O O   . VAL A 1 87  ? 6.606   -2.765  -14.333 1.00 17.00 ? 61  VAL A O   1 
ATOM   435  C CB  . VAL A 1 87  ? 7.220   -2.069  -11.244 1.00 13.59 ? 61  VAL A CB  1 
ATOM   436  C CG1 . VAL A 1 87  ? 5.715   -2.136  -11.431 1.00 15.53 ? 61  VAL A CG1 1 
ATOM   437  C CG2 . VAL A 1 87  ? 7.741   -3.365  -10.609 1.00 15.37 ? 61  VAL A CG2 1 
ATOM   438  N N   . ASP A 1 88  ? 8.426   -3.913  -13.640 1.00 16.71 ? 62  ASP A N   1 
ATOM   439  C CA  . ASP A 1 88  ? 8.098   -5.101  -14.413 1.00 19.14 ? 62  ASP A CA  1 
ATOM   440  C C   . ASP A 1 88  ? 7.386   -6.089  -13.498 1.00 19.64 ? 62  ASP A C   1 
ATOM   441  O O   . ASP A 1 88  ? 6.196   -5.923  -13.212 1.00 23.25 ? 62  ASP A O   1 
ATOM   442  C CB  . ASP A 1 88  ? 9.364   -5.717  -15.012 1.00 23.43 ? 62  ASP A CB  1 
ATOM   443  C CG  . ASP A 1 88  ? 10.034  -4.801  -16.024 1.00 26.61 ? 62  ASP A CG  1 
ATOM   444  O OD1 . ASP A 1 88  ? 9.329   -4.006  -16.685 1.00 21.51 ? 62  ASP A OD1 1 
ATOM   445  O OD2 . ASP A 1 88  ? 11.273  -4.869  -16.149 1.00 25.20 ? 62  ASP A OD2 1 
ATOM   446  N N   . ALA A 1 89  ? 8.104   -7.095  -13.010 1.00 22.99 ? 63  ALA A N   1 
ATOM   447  C CA  . ALA A 1 89  ? 7.490   -8.102  -12.155 1.00 24.27 ? 63  ALA A CA  1 
ATOM   448  C C   . ALA A 1 89  ? 7.146   -7.513  -10.791 1.00 19.81 ? 63  ALA A C   1 
ATOM   449  O O   . ALA A 1 89  ? 7.969   -6.848  -10.160 1.00 19.42 ? 63  ALA A O   1 
ATOM   450  C CB  . ALA A 1 89  ? 8.432   -9.291  -11.985 1.00 30.76 ? 63  ALA A CB  1 
ATOM   451  N N   . LEU A 1 90  ? 5.918   -7.748  -10.348 1.00 19.20 ? 64  LEU A N   1 
ATOM   452  C CA  . LEU A 1 90  ? 5.488   -7.407  -9.004  1.00 15.86 ? 64  LEU A CA  1 
ATOM   453  C C   . LEU A 1 90  ? 5.291   -8.695  -8.227  1.00 17.17 ? 64  LEU A C   1 
ATOM   454  O O   . LEU A 1 90  ? 4.800   -9.690  -8.771  1.00 22.82 ? 64  LEU A O   1 
ATOM   455  C CB  . LEU A 1 90  ? 4.164   -6.647  -9.042  1.00 16.32 ? 64  LEU A CB  1 
ATOM   456  C CG  . LEU A 1 90  ? 4.304   -5.185  -9.438  1.00 15.59 ? 64  LEU A CG  1 
ATOM   457  C CD1 . LEU A 1 90  ? 2.977   -4.619  -9.920  1.00 20.28 ? 64  LEU A CD1 1 
ATOM   458  C CD2 . LEU A 1 90  ? 4.862   -4.379  -8.281  1.00 16.48 ? 64  LEU A CD2 1 
ATOM   459  N N   . HIS A 1 91  ? 5.679   -8.682  -6.963  1.00 11.61 ? 65  HIS A N   1 
ATOM   460  C CA  . HIS A 1 91  ? 5.549   -9.850  -6.110  1.00 12.04 ? 65  HIS A CA  1 
ATOM   461  C C   . HIS A 1 91  ? 4.382   -9.663  -5.161  1.00 10.54 ? 65  HIS A C   1 
ATOM   462  O O   . HIS A 1 91  ? 4.286   -8.638  -4.474  1.00 10.11 ? 65  HIS A O   1 
ATOM   463  C CB  . HIS A 1 91  ? 6.845   -10.074 -5.341  1.00 15.00 ? 65  HIS A CB  1 
ATOM   464  C CG  . HIS A 1 91  ? 8.031   -10.216 -6.240  1.00 19.85 ? 65  HIS A CG  1 
ATOM   465  N ND1 . HIS A 1 91  ? 8.235   -11.333 -7.023  1.00 27.36 ? 65  HIS A ND1 1 
ATOM   466  C CD2 . HIS A 1 91  ? 9.058   -9.375  -6.509  1.00 23.47 ? 65  HIS A CD2 1 
ATOM   467  C CE1 . HIS A 1 91  ? 9.345   -11.180 -7.724  1.00 29.75 ? 65  HIS A CE1 1 
ATOM   468  N NE2 . HIS A 1 91  ? 9.865   -10.002 -7.428  1.00 28.47 ? 65  HIS A NE2 1 
ATOM   469  N N   . LYS A 1 92  ? 3.494   -10.653 -5.129  1.00 12.40 ? 66  LYS A N   1 
ATOM   470  C CA  . LYS A 1 92  ? 2.364   -10.611 -4.212  1.00 11.44 ? 66  LYS A CA  1 
ATOM   471  C C   . LYS A 1 92  ? 2.880   -10.766 -2.797  1.00 11.79 ? 66  LYS A C   1 
ATOM   472  O O   . LYS A 1 92  ? 3.633   -11.701 -2.499  1.00 13.73 ? 66  LYS A O   1 
ATOM   473  C CB  . LYS A 1 92  ? 1.408   -11.764 -4.527  1.00 13.94 ? 66  LYS A CB  1 
ATOM   474  C CG  . LYS A 1 92  ? 0.644   -11.577 -5.817  1.00 14.04 ? 66  LYS A CG  1 
ATOM   475  C CD  . LYS A 1 92  ? -0.202  -12.793 -6.152  1.00 17.44 ? 66  LYS A CD  1 
ATOM   476  C CE  . LYS A 1 92  ? 0.665   -14.019 -6.394  1.00 22.21 ? 66  LYS A CE  1 
ATOM   477  N N   . VAL A 1 93  ? 2.493   -9.856  -1.915  1.00 9.51  ? 67  VAL A N   1 
ATOM   478  C CA  . VAL A 1 93  ? 2.894   -9.983  -0.528  1.00 11.55 ? 67  VAL A CA  1 
ATOM   479  C C   . VAL A 1 93  ? 1.739   -10.051 0.448   1.00 8.78  ? 67  VAL A C   1 
ATOM   480  O O   . VAL A 1 93  ? 1.923   -10.614 1.536   1.00 10.40 ? 67  VAL A O   1 
ATOM   481  C CB  . VAL A 1 93  ? 3.924   -8.926  -0.105  1.00 14.76 ? 67  VAL A CB  1 
ATOM   482  C CG1 . VAL A 1 93  ? 5.172   -9.056  -0.968  1.00 18.68 ? 67  VAL A CG1 1 
ATOM   483  C CG2 . VAL A 1 93  ? 3.331   -7.573  -0.206  1.00 12.33 ? 67  VAL A CG2 1 
ATOM   484  N N   . GLY A 1 94  ? 0.551   -9.558  0.120   1.00 8.41  ? 68  GLY A N   1 
ATOM   485  C CA  . GLY A 1 94  ? -0.517  -9.694  1.091   1.00 9.78  ? 68  GLY A CA  1 
ATOM   486  C C   . GLY A 1 94  ? -1.852  -9.310  0.507   1.00 8.39  ? 68  GLY A C   1 
ATOM   487  O O   . GLY A 1 94  ? -1.957  -8.807  -0.617  1.00 8.33  ? 68  GLY A O   1 
ATOM   488  N N   . GLN A 1 95  ? -2.883  -9.563  1.301   1.00 8.90  ? 69  GLN A N   1 
ATOM   489  C CA  . GLN A 1 95  ? -4.227  -9.095  1.025   1.00 9.15  ? 69  GLN A CA  1 
ATOM   490  C C   . GLN A 1 95  ? -4.756  -8.539  2.327   1.00 9.05  ? 69  GLN A C   1 
ATOM   491  O O   . GLN A 1 95  ? -4.624  -9.190  3.372   1.00 10.40 ? 69  GLN A O   1 
ATOM   492  C CB  . GLN A 1 95  ? -5.094  -10.262 0.576   1.00 12.05 ? 69  GLN A CB  1 
ATOM   493  C CG  . GLN A 1 95  ? -6.495  -9.880  0.173   1.00 17.15 ? 69  GLN A CG  1 
ATOM   494  C CD  . GLN A 1 95  ? -7.317  -11.082 -0.265  1.00 24.55 ? 69  GLN A CD  1 
ATOM   495  O OE1 . GLN A 1 95  ? -7.128  -12.194 0.232   1.00 32.66 ? 69  GLN A OE1 1 
ATOM   496  N NE2 . GLN A 1 95  ? -8.245  -10.861 -1.186  1.00 22.36 ? 69  GLN A NE2 1 
ATOM   497  N N   . ILE A 1 96  ? -5.322  -7.340  2.285   1.00 8.20  ? 70  ILE A N   1 
ATOM   498  C CA  . ILE A 1 96  ? -5.913  -6.725  3.466   1.00 9.40  ? 70  ILE A CA  1 
ATOM   499  C C   . ILE A 1 96  ? -7.301  -6.260  3.088   1.00 8.76  ? 70  ILE A C   1 
ATOM   500  O O   . ILE A 1 96  ? -7.464  -5.528  2.106   1.00 9.78  ? 70  ILE A O   1 
ATOM   501  C CB  . ILE A 1 96  ? -5.113  -5.513  3.969   1.00 10.23 ? 70  ILE A CB  1 
ATOM   502  C CG1 . ILE A 1 96  ? -3.630  -5.838  4.100   1.00 12.21 ? 70  ILE A CG1 1 
ATOM   503  C CG2 . ILE A 1 96  ? -5.705  -5.037  5.290   1.00 12.18 ? 70  ILE A CG2 1 
ATOM   504  C CD1 . ILE A 1 96  ? -2.764  -4.636  4.394   1.00 13.88 ? 70  ILE A CD1 1 
ATOM   505  N N   . VAL A 1 97  ? -8.290  -6.669  3.866   1.00 9.04  ? 71  VAL A N   1 
ATOM   506  C CA  . VAL A 1 97  ? -9.659  -6.198  3.703   1.00 8.74  ? 71  VAL A CA  1 
ATOM   507  C C   . VAL A 1 97  ? -9.929  -5.121  4.741   1.00 8.44  ? 71  VAL A C   1 
ATOM   508  O O   . VAL A 1 97  ? -9.674  -5.325  5.936   1.00 10.00 ? 71  VAL A O   1 
ATOM   509  C CB  . VAL A 1 97  ? -10.656 -7.359  3.847   1.00 11.22 ? 71  VAL A CB  1 
ATOM   510  C CG1 . VAL A 1 97  ? -12.092 -6.842  3.760   1.00 12.93 ? 71  VAL A CG1 1 
ATOM   511  C CG2 . VAL A 1 97  ? -10.397 -8.413  2.786   1.00 13.25 ? 71  VAL A CG2 1 
ATOM   512  N N   . PHE A 1 98  ? -10.426 -3.975  4.294   1.00 8.56  ? 72  PHE A N   1 
ATOM   513  C CA  . PHE A 1 98  ? -10.790 -2.882  5.179   1.00 8.67  ? 72  PHE A CA  1 
ATOM   514  C C   . PHE A 1 98  ? -12.297 -2.705  5.194   1.00 9.39  ? 72  PHE A C   1 
ATOM   515  O O   . PHE A 1 98  ? -12.942 -2.647  4.135   1.00 9.60  ? 72  PHE A O   1 
ATOM   516  C CB  . PHE A 1 98  ? -10.138 -1.574  4.741   1.00 9.77  ? 72  PHE A CB  1 
ATOM   517  C CG  . PHE A 1 98  ? -8.647  -1.585  4.841   1.00 10.01 ? 72  PHE A CG  1 
ATOM   518  C CD1 . PHE A 1 98  ? -8.020  -1.498  6.075   1.00 10.48 ? 72  PHE A CD1 1 
ATOM   519  C CD2 . PHE A 1 98  ? -7.870  -1.720  3.711   1.00 11.58 ? 72  PHE A CD2 1 
ATOM   520  C CE1 . PHE A 1 98  ? -6.630  -1.524  6.174   1.00 10.13 ? 72  PHE A CE1 1 
ATOM   521  C CE2 . PHE A 1 98  ? -6.490  -1.751  3.805   1.00 11.28 ? 72  PHE A CE2 1 
ATOM   522  C CZ  . PHE A 1 98  ? -5.874  -1.643  5.036   1.00 9.61  ? 72  PHE A CZ  1 
ATOM   523  N N   . GLU A 1 99  ? -12.841 -2.599  6.391   1.00 9.77  ? 73  GLU A N   1 
ATOM   524  C CA  . GLU A 1 99  ? -14.221 -2.229  6.625   1.00 8.94  ? 73  GLU A CA  1 
ATOM   525  C C   . GLU A 1 99  ? -14.228 -0.873  7.310   1.00 10.19 ? 73  GLU A C   1 
ATOM   526  O O   . GLU A 1 99  ? -13.501 -0.667  8.287   1.00 10.79 ? 73  GLU A O   1 
ATOM   527  C CB  . GLU A 1 99  ? -14.856 -3.271  7.536   1.00 11.05 ? 73  GLU A CB  1 
ATOM   528  C CG  . GLU A 1 99  ? -16.282 -3.003  7.900   1.00 13.36 ? 73  GLU A CG  1 
ATOM   529  C CD  . GLU A 1 99  ? -16.765 -3.930  8.995   1.00 15.93 ? 73  GLU A CD  1 
ATOM   530  O OE1 . GLU A 1 99  ? -16.231 -5.047  9.139   1.00 21.62 ? 73  GLU A OE1 1 
ATOM   531  O OE2 . GLU A 1 99  ? -17.677 -3.528  9.722   1.00 17.54 ? 73  GLU A OE2 1 
ATOM   532  N N   . PHE A 1 100 ? -15.022 0.056   6.794   1.00 9.79  ? 74  PHE A N   1 
ATOM   533  C CA  . PHE A 1 100 ? -15.279 1.315   7.476   1.00 10.55 ? 74  PHE A CA  1 
ATOM   534  C C   . PHE A 1 100 ? -16.726 1.304   7.938   1.00 11.42 ? 74  PHE A C   1 
ATOM   535  O O   . PHE A 1 100 ? -17.639 1.160   7.120   1.00 12.62 ? 74  PHE A O   1 
ATOM   536  C CB  . PHE A 1 100 ? -14.983 2.494   6.552   1.00 12.40 ? 74  PHE A CB  1 
ATOM   537  C CG  . PHE A 1 100 ? -13.524 2.659   6.292   1.00 12.51 ? 74  PHE A CG  1 
ATOM   538  C CD1 . PHE A 1 100 ? -12.908 1.974   5.264   1.00 15.30 ? 74  PHE A CD1 1 
ATOM   539  C CD2 . PHE A 1 100 ? -12.753 3.452   7.120   1.00 14.08 ? 74  PHE A CD2 1 
ATOM   540  C CE1 . PHE A 1 100 ? -11.537 2.102   5.052   1.00 17.72 ? 74  PHE A CE1 1 
ATOM   541  C CE2 . PHE A 1 100 ? -11.394 3.589   6.912   1.00 15.41 ? 74  PHE A CE2 1 
ATOM   542  C CZ  . PHE A 1 100 ? -10.786 2.907   5.882   1.00 17.90 ? 74  PHE A CZ  1 
ATOM   543  N N   . VAL A 1 101 ? -16.935 1.392   9.253   1.00 11.99 ? 75  VAL A N   1 
ATOM   544  C CA  . VAL A 1 101 ? -18.300 1.361   9.764   1.00 15.36 ? 75  VAL A CA  1 
ATOM   545  C C   . VAL A 1 101 ? -19.122 2.476   9.123   1.00 15.88 ? 75  VAL A C   1 
ATOM   546  O O   . VAL A 1 101 ? -18.648 3.602   8.936   1.00 17.70 ? 75  VAL A O   1 
ATOM   547  C CB  . VAL A 1 101 ? -18.326 1.408   11.302  1.00 17.02 ? 75  VAL A CB  1 
ATOM   548  C CG1 . VAL A 1 101 ? -17.487 0.289   11.869  1.00 18.83 ? 75  VAL A CG1 1 
ATOM   549  C CG2 . VAL A 1 101 ? -17.834 2.748   11.825  1.00 25.41 ? 75  VAL A CG2 1 
ATOM   550  N N   . GLY A 1 102 ? -20.343 2.138   8.728   1.00 20.24 ? 76  GLY A N   1 
ATOM   551  C CA  . GLY A 1 102 ? -21.205 3.074   8.045   1.00 21.26 ? 76  GLY A CA  1 
ATOM   552  C C   . GLY A 1 102 ? -21.044 3.113   6.541   1.00 19.97 ? 76  GLY A C   1 
ATOM   553  O O   . GLY A 1 102 ? -21.775 3.864   5.879   1.00 23.79 ? 76  GLY A O   1 
ATOM   554  N N   . GLU A 1 103 ? -20.113 2.338   5.981   1.00 14.76 ? 77  GLU A N   1 
ATOM   555  C CA  . GLU A 1 103 ? -19.861 2.297   4.552   1.00 13.80 ? 77  GLU A CA  1 
ATOM   556  C C   . GLU A 1 103 ? -20.111 0.887   4.031   1.00 12.46 ? 77  GLU A C   1 
ATOM   557  O O   . GLU A 1 103 ? -19.561 -0.083  4.576   1.00 12.69 ? 77  GLU A O   1 
ATOM   558  C CB  . GLU A 1 103 ? -18.426 2.715   4.251   1.00 14.46 ? 77  GLU A CB  1 
ATOM   559  C CG  . GLU A 1 103 ? -18.149 4.177   4.587   1.00 20.88 ? 77  GLU A CG  1 
ATOM   560  C CD  . GLU A 1 103 ? -16.742 4.618   4.233   1.00 26.65 ? 77  GLU A CD  1 
ATOM   561  O OE1 . GLU A 1 103 ? -16.074 3.925   3.437   1.00 24.08 ? 77  GLU A OE1 1 
ATOM   562  O OE2 . GLU A 1 103 ? -16.302 5.668   4.748   1.00 32.77 ? 77  GLU A OE2 1 
ATOM   563  N N   . PRO A 1 104 ? -20.926 0.729   2.987   1.00 11.97 ? 78  PRO A N   1 
ATOM   564  C CA  . PRO A 1 104 ? -21.313 -0.626  2.572   1.00 12.75 ? 78  PRO A CA  1 
ATOM   565  C C   . PRO A 1 104 ? -20.189 -1.438  1.971   1.00 12.37 ? 78  PRO A C   1 
ATOM   566  O O   . PRO A 1 104 ? -20.152 -2.657  2.165   1.00 12.88 ? 78  PRO A O   1 
ATOM   567  C CB  . PRO A 1 104 ? -22.430 -0.375  1.545   1.00 13.52 ? 78  PRO A CB  1 
ATOM   568  C CG  . PRO A 1 104 ? -22.187 1.020   1.061   1.00 17.82 ? 78  PRO A CG  1 
ATOM   569  C CD  . PRO A 1 104 ? -21.687 1.766   2.269   1.00 13.33 ? 78  PRO A CD  1 
ATOM   570  N N   . GLU A 1 105 ? -19.302 -0.824  1.201   1.00 12.74 ? 79  GLU A N   1 
ATOM   571  C CA  . GLU A 1 105 ? -18.334 -1.596  0.438   1.00 12.20 ? 79  GLU A CA  1 
ATOM   572  C C   . GLU A 1 105 ? -17.063 -1.840  1.248   1.00 10.94 ? 79  GLU A C   1 
ATOM   573  O O   . GLU A 1 105 ? -16.492 -0.902  1.815   1.00 12.59 ? 79  GLU A O   1 
ATOM   574  C CB  . GLU A 1 105 ? -18.000 -0.887  -0.871  1.00 16.56 ? 79  GLU A CB  1 
ATOM   575  C CG  . GLU A 1 105 ? -17.441 -1.803  -1.953  1.00 20.14 ? 79  GLU A CG  1 
ATOM   576  C CD  . GLU A 1 105 ? -18.477 -2.756  -2.535  1.00 28.42 ? 79  GLU A CD  1 
ATOM   577  O OE1 . GLU A 1 105 ? -18.084 -3.652  -3.311  1.00 28.20 ? 79  GLU A OE1 1 
ATOM   578  O OE2 . GLU A 1 105 ? -19.678 -2.616  -2.224  1.00 28.99 ? 79  GLU A OE2 1 
ATOM   579  N N   . LEU A 1 106 ? -16.625 -3.090  1.294   1.00 11.41 ? 80  LEU A N   1 
ATOM   580  C CA  . LEU A 1 106 ? -15.313 -3.406  1.841   1.00 10.91 ? 80  LEU A CA  1 
ATOM   581  C C   . LEU A 1 106 ? -14.248 -3.128  0.788   1.00 11.52 ? 80  LEU A C   1 
ATOM   582  O O   . LEU A 1 106 ? -14.488 -3.272  -0.415  1.00 12.17 ? 80  LEU A O   1 
ATOM   583  C CB  . LEU A 1 106 ? -15.245 -4.885  2.196   1.00 12.45 ? 80  LEU A CB  1 
ATOM   584  C CG  . LEU A 1 106 ? -16.292 -5.403  3.183   1.00 12.53 ? 80  LEU A CG  1 
ATOM   585  C CD1 . LEU A 1 106 ? -16.109 -6.897  3.367   1.00 14.81 ? 80  LEU A CD1 1 
ATOM   586  C CD2 . LEU A 1 106 ? -16.225 -4.679  4.507   1.00 13.38 ? 80  LEU A CD2 1 
ATOM   587  N N   . MET A 1 107 ? -13.061 -2.730  1.236   1.00 10.07 ? 81  MET A N   1 
ATOM   588  C CA  . MET A 1 107 ? -11.932 -2.541  0.335   1.00 10.90 ? 81  MET A CA  1 
ATOM   589  C C   . MET A 1 107 ? -11.071 -3.790  0.395   1.00 10.33 ? 81  MET A C   1 
ATOM   590  O O   . MET A 1 107 ? -10.566 -4.138  1.470   1.00 12.14 ? 81  MET A O   1 
ATOM   591  C CB  . MET A 1 107 ? -11.083 -1.362  0.778   1.00 12.55 ? 81  MET A CB  1 
ATOM   592  C CG  . MET A 1 107 ? -11.742 -0.028  0.692   1.00 14.51 ? 81  MET A CG  1 
ATOM   593  S SD  . MET A 1 107 ? -10.638 1.233   1.376   1.00 20.84 ? 81  MET A SD  1 
ATOM   594  C CE  . MET A 1 107 ? -9.106  0.879   0.535   1.00 20.30 ? 81  MET A CE  1 
ATOM   595  N N   . ASP A 1 108 ? -10.886 -4.450  -0.743  1.00 9.57  ? 82  ASP A N   1 
ATOM   596  C CA  . ASP A 1 108 ? -10.090 -5.668  -0.842  1.00 10.15 ? 82  ASP A CA  1 
ATOM   597  C C   . ASP A 1 108 ? -8.763  -5.276  -1.481  1.00 8.80  ? 82  ASP A C   1 
ATOM   598  O O   . ASP A 1 108 ? -8.660  -5.170  -2.705  1.00 9.53  ? 82  ASP A O   1 
ATOM   599  C CB  . ASP A 1 108 ? -10.857 -6.680  -1.687  1.00 12.77 ? 82  ASP A CB  1 
ATOM   600  C CG  . ASP A 1 108 ? -10.114 -7.976  -1.883  1.00 17.96 ? 82  ASP A CG  1 
ATOM   601  O OD1 . ASP A 1 108 ? -9.024  -8.153  -1.307  1.00 18.39 ? 82  ASP A OD1 1 
ATOM   602  O OD2 . ASP A 1 108 ? -10.635 -8.831  -2.635  1.00 24.38 ? 82  ASP A OD2 1 
ATOM   603  N N   . VAL A 1 109 ? -7.757  -5.010  -0.648  1.00 9.48  ? 83  VAL A N   1 
ATOM   604  C CA  . VAL A 1 109 ? -6.497  -4.430  -1.110  1.00 8.76  ? 83  VAL A CA  1 
ATOM   605  C C   . VAL A 1 109 ? -5.476  -5.533  -1.339  1.00 7.59  ? 83  VAL A C   1 
ATOM   606  O O   . VAL A 1 109 ? -5.112  -6.267  -0.410  1.00 8.67  ? 83  VAL A O   1 
ATOM   607  C CB  . VAL A 1 109 ? -5.960  -3.397  -0.111  1.00 9.00  ? 83  VAL A CB  1 
ATOM   608  C CG1 . VAL A 1 109 ? -4.683  -2.782  -0.632  1.00 10.05 ? 83  VAL A CG1 1 
ATOM   609  C CG2 . VAL A 1 109 ? -7.006  -2.333  0.173   1.00 10.70 ? 83  VAL A CG2 1 
ATOM   610  N N   . HIS A 1 110 ? -5.002  -5.640  -2.566  1.00 7.92  ? 84  HIS A N   1 
ATOM   611  C CA  . HIS A 1 110 ? -3.953  -6.578  -2.928  1.00 7.97  ? 84  HIS A CA  1 
ATOM   612  C C   . HIS A 1 110 ? -2.618  -5.853  -2.885  1.00 7.95  ? 84  HIS A C   1 
ATOM   613  O O   . HIS A 1 110 ? -2.416  -4.882  -3.624  1.00 8.31  ? 84  HIS A O   1 
ATOM   614  C CB  . HIS A 1 110 ? -4.238  -7.133  -4.318  1.00 8.36  ? 84  HIS A CB  1 
ATOM   615  C CG  . HIS A 1 110 ? -5.401  -8.071  -4.329  1.00 10.63 ? 84  HIS A CG  1 
ATOM   616  N ND1 . HIS A 1 110 ? -5.279  -9.404  -4.655  1.00 14.08 ? 84  HIS A ND1 1 
ATOM   617  C CD2 . HIS A 1 110 ? -6.702  -7.877  -4.007  1.00 11.63 ? 84  HIS A CD2 1 
ATOM   618  C CE1 . HIS A 1 110 ? -6.458  -9.989  -4.545  1.00 16.02 ? 84  HIS A CE1 1 
ATOM   619  N NE2 . HIS A 1 110 ? -7.336  -9.088  -4.148  1.00 13.05 ? 84  HIS A NE2 1 
ATOM   620  N N   . VAL A 1 111 ? -1.739  -6.303  -1.990  1.00 7.83  ? 85  VAL A N   1 
ATOM   621  C CA  . VAL A 1 111 ? -0.471  -5.642  -1.709  1.00 7.34  ? 85  VAL A CA  1 
ATOM   622  C C   . VAL A 1 111 ? 0.644   -6.340  -2.473  1.00 7.22  ? 85  VAL A C   1 
ATOM   623  O O   . VAL A 1 111 ? 0.739   -7.575  -2.476  1.00 7.84  ? 85  VAL A O   1 
ATOM   624  C CB  . VAL A 1 111 ? -0.177  -5.617  -0.200  1.00 7.66  ? 85  VAL A CB  1 
ATOM   625  C CG1 . VAL A 1 111 ? 1.054   -4.759  0.071   1.00 8.92  ? 85  VAL A CG1 1 
ATOM   626  C CG2 . VAL A 1 111 ? -1.388  -5.104  0.559   1.00 8.62  ? 85  VAL A CG2 1 
ATOM   627  N N   . PHE A 1 112 ? 1.520   -5.552  -3.081  1.00 7.63  ? 86  PHE A N   1 
ATOM   628  C CA  . PHE A 1 112 ? 2.645   -6.055  -3.853  1.00 7.96  ? 86  PHE A CA  1 
ATOM   629  C C   . PHE A 1 112 ? 3.907   -5.317  -3.447  1.00 8.45  ? 86  PHE A C   1 
ATOM   630  O O   . PHE A 1 112 ? 3.867   -4.187  -2.948  1.00 8.60  ? 86  PHE A O   1 
ATOM   631  C CB  . PHE A 1 112 ? 2.469   -5.790  -5.354  1.00 9.01  ? 86  PHE A CB  1 
ATOM   632  C CG  . PHE A 1 112 ? 1.273   -6.457  -5.962  1.00 8.89  ? 86  PHE A CG  1 
ATOM   633  C CD1 . PHE A 1 112 ? 0.026   -5.867  -5.892  1.00 9.50  ? 86  PHE A CD1 1 
ATOM   634  C CD2 . PHE A 1 112 ? 1.406   -7.655  -6.646  1.00 10.52 ? 86  PHE A CD2 1 
ATOM   635  C CE1 . PHE A 1 112 ? -1.082  -6.471  -6.474  1.00 11.47 ? 86  PHE A CE1 1 
ATOM   636  C CE2 . PHE A 1 112 ? 0.300   -8.266  -7.239  1.00 13.04 ? 86  PHE A CE2 1 
ATOM   637  C CZ  . PHE A 1 112 ? -0.942  -7.677  -7.149  1.00 12.01 ? 86  PHE A CZ  1 
ATOM   638  N N   A CYS A 1 113 ? 5.038   -5.967  -3.701  0.26 8.73  ? 87  CYS A N   1 
ATOM   639  N N   B CYS A 1 113 ? 5.048   -5.958  -3.654  0.54 8.65  ? 87  CYS A N   1 
ATOM   640  N N   C CYS A 1 113 ? 5.040   -5.948  -3.746  0.20 8.76  ? 87  CYS A N   1 
ATOM   641  C CA  A CYS A 1 113 ? 6.342   -5.361  -3.516  0.26 9.04  ? 87  CYS A CA  1 
ATOM   642  C CA  B CYS A 1 113 ? 6.305   -5.245  -3.532  0.54 8.88  ? 87  CYS A CA  1 
ATOM   643  C CA  C CYS A 1 113 ? 6.352   -5.387  -3.480  0.20 9.10  ? 87  CYS A CA  1 
ATOM   644  C C   A CYS A 1 113 ? 7.145   -5.469  -4.800  0.26 10.00 ? 87  CYS A C   1 
ATOM   645  C C   B CYS A 1 113 ? 7.165   -5.481  -4.755  0.54 9.94  ? 87  CYS A C   1 
ATOM   646  C C   C CYS A 1 113 ? 7.241   -5.557  -4.704  0.20 10.04 ? 87  CYS A C   1 
ATOM   647  O O   A CYS A 1 113 ? 6.873   -6.304  -5.667  0.26 10.06 ? 87  CYS A O   1 
ATOM   648  O O   B CYS A 1 113 ? 6.953   -6.415  -5.531  0.54 9.97  ? 87  CYS A O   1 
ATOM   649  O O   C CYS A 1 113 ? 7.110   -6.531  -5.450  0.20 10.15 ? 87  CYS A O   1 
ATOM   650  C CB  A CYS A 1 113 ? 7.122   -6.042  -2.389  0.26 11.86 ? 87  CYS A CB  1 
ATOM   651  C CB  B CYS A 1 113 ? 7.084   -5.623  -2.269  0.54 11.07 ? 87  CYS A CB  1 
ATOM   652  C CB  C CYS A 1 113 ? 6.993   -6.105  -2.291  0.20 11.90 ? 87  CYS A CB  1 
ATOM   653  S SG  A CYS A 1 113 ? 6.643   -5.507  -0.745  0.26 10.55 ? 87  CYS A SG  1 
ATOM   654  S SG  B CYS A 1 113 ? 7.816   -7.266  -2.325  0.54 14.34 ? 87  CYS A SG  1 
ATOM   655  S SG  C CYS A 1 113 ? 8.558   -5.419  -1.751  0.20 16.21 ? 87  CYS A SG  1 
ATOM   656  N N   . THR A 1 114 ? 8.139   -4.596  -4.913  1.00 10.56 ? 88  THR A N   1 
ATOM   657  C CA  . THR A 1 114 ? 9.165   -4.718  -5.931  1.00 10.84 ? 88  THR A CA  1 
ATOM   658  C C   . THR A 1 114 ? 10.430  -4.073  -5.389  1.00 11.59 ? 88  THR A C   1 
ATOM   659  O O   . THR A 1 114 ? 10.377  -3.124  -4.602  1.00 12.31 ? 88  THR A O   1 
ATOM   660  C CB  . THR A 1 114 ? 8.766   -4.047  -7.252  1.00 13.45 ? 88  THR A CB  1 
ATOM   661  O OG1 . THR A 1 114 ? 9.833   -4.205  -8.195  1.00 16.54 ? 88  THR A OG1 1 
ATOM   662  C CG2 . THR A 1 114 ? 8.476   -2.567  -7.062  1.00 14.48 ? 88  THR A CG2 1 
ATOM   663  N N   A ASP A 1 115 ? 11.575  -4.596  -5.834  0.51 13.54 ? 89  ASP A N   1 
ATOM   664  N N   B ASP A 1 115 ? 11.572  -4.624  -5.784  0.49 13.49 ? 89  ASP A N   1 
ATOM   665  C CA  A ASP A 1 115 ? 12.868  -3.996  -5.538  0.51 15.76 ? 89  ASP A CA  1 
ATOM   666  C CA  B ASP A 1 115 ? 12.848  -3.959  -5.578  0.49 15.75 ? 89  ASP A CA  1 
ATOM   667  C C   A ASP A 1 115 ? 13.581  -3.456  -6.771  0.51 20.87 ? 89  ASP A C   1 
ATOM   668  C C   B ASP A 1 115 ? 13.246  -3.126  -6.784  0.49 16.95 ? 89  ASP A C   1 
ATOM   669  O O   A ASP A 1 115 ? 14.645  -2.840  -6.626  0.51 18.56 ? 89  ASP A O   1 
ATOM   670  O O   B ASP A 1 115 ? 13.687  -1.981  -6.634  0.49 25.07 ? 89  ASP A O   1 
ATOM   671  C CB  A ASP A 1 115 ? 13.769  -4.972  -4.763  0.51 15.35 ? 89  ASP A CB  1 
ATOM   672  C CB  B ASP A 1 115 ? 13.934  -5.005  -5.302  0.49 19.68 ? 89  ASP A CB  1 
ATOM   673  C CG  A ASP A 1 115 ? 14.222  -6.161  -5.601  0.51 17.32 ? 89  ASP A CG  1 
ATOM   674  C CG  B ASP A 1 115 ? 15.185  -4.411  -4.686  0.49 18.96 ? 89  ASP A CG  1 
ATOM   675  O OD1 A ASP A 1 115 ? 13.696  -6.363  -6.715  0.51 24.15 ? 89  ASP A OD1 1 
ATOM   676  O OD1 B ASP A 1 115 ? 15.418  -3.200  -4.844  0.49 18.01 ? 89  ASP A OD1 1 
ATOM   677  O OD2 A ASP A 1 115 ? 15.105  -6.909  -5.131  0.51 23.70 ? 89  ASP A OD2 1 
ATOM   678  O OD2 B ASP A 1 115 ? 15.937  -5.169  -4.038  0.49 29.35 ? 89  ASP A OD2 1 
ATOM   679  N N   . SER A 1 116 ? 13.035  -3.668  -7.974  1.00 20.87 ? 90  SER A N   1 
ATOM   680  C CA  . SER A 1 116 ? 13.627  -3.168  -9.212  1.00 24.08 ? 90  SER A CA  1 
ATOM   681  C C   . SER A 1 116 ? 12.628  -2.291  -9.958  1.00 23.06 ? 90  SER A C   1 
ATOM   682  O O   . SER A 1 116 ? 11.602  -2.777  -10.450 1.00 26.38 ? 90  SER A O   1 
ATOM   683  C CB  . SER A 1 116 ? 14.066  -4.334  -10.094 1.00 30.89 ? 90  SER A CB  1 
ATOM   684  O OG  . SER A 1 116 ? 12.961  -5.150  -10.442 1.00 43.17 ? 90  SER A OG  1 
ATOM   685  N N   . ILE A 1 117 ? 12.955  -1.009  -10.078 1.00 19.22 ? 91  ILE A N   1 
ATOM   686  C CA  . ILE A 1 117 ? 12.131  -0.034  -10.773 1.00 16.54 ? 91  ILE A CA  1 
ATOM   687  C C   . ILE A 1 117 ? 12.998  0.690   -11.796 1.00 15.13 ? 91  ILE A C   1 
ATOM   688  O O   . ILE A 1 117 ? 14.230  0.625   -11.762 1.00 16.12 ? 91  ILE A O   1 
ATOM   689  C CB  . ILE A 1 117 ? 11.518  0.978   -9.790  1.00 16.15 ? 91  ILE A CB  1 
ATOM   690  C CG1 . ILE A 1 117 ? 12.602  1.423   -8.807  1.00 24.41 ? 91  ILE A CG1 1 
ATOM   691  C CG2 . ILE A 1 117 ? 10.342  0.347   -9.051  1.00 20.61 ? 91  ILE A CG2 1 
ATOM   692  C CD1 . ILE A 1 117 ? 12.462  2.834   -8.309  1.00 32.50 ? 91  ILE A CD1 1 
ATOM   693  N N   . GLN A 1 118 ? 12.331  1.400   -12.706 1.00 12.82 ? 92  GLN A N   1 
ATOM   694  C CA  . GLN A 1 118 ? 12.987  2.302   -13.641 1.00 12.55 ? 92  GLN A CA  1 
ATOM   695  C C   . GLN A 1 118 ? 12.302  3.654   -13.572 1.00 13.95 ? 92  GLN A C   1 
ATOM   696  O O   . GLN A 1 118 ? 11.123  3.755   -13.230 1.00 14.03 ? 92  GLN A O   1 
ATOM   697  C CB  . GLN A 1 118 ? 12.925  1.779   -15.080 1.00 13.52 ? 92  GLN A CB  1 
ATOM   698  C CG  . GLN A 1 118 ? 13.707  0.503   -15.261 1.00 15.48 ? 92  GLN A CG  1 
ATOM   699  C CD  . GLN A 1 118 ? 13.436  -0.136  -16.604 1.00 17.99 ? 92  GLN A CD  1 
ATOM   700  O OE1 . GLN A 1 118 ? 12.500  -0.924  -16.750 1.00 20.57 ? 92  GLN A OE1 1 
ATOM   701  N NE2 . GLN A 1 118 ? 14.248  0.208   -17.599 1.00 19.61 ? 92  GLN A NE2 1 
ATOM   702  N N   . GLY A 1 119 ? 13.050  4.692   -13.918 1.00 14.78 ? 93  GLY A N   1 
ATOM   703  C CA  . GLY A 1 119 ? 12.624  6.056   -13.706 1.00 16.76 ? 93  GLY A CA  1 
ATOM   704  C C   . GLY A 1 119 ? 13.030  6.552   -12.332 1.00 14.39 ? 93  GLY A C   1 
ATOM   705  O O   . GLY A 1 119 ? 13.568  5.823   -11.499 1.00 18.07 ? 93  GLY A O   1 
ATOM   706  N N   . THR A 1 120 ? 12.778  7.813   -12.111 1.00 14.59 ? 94  THR A N   1 
ATOM   707  C CA  . THR A 1 120 ? 13.008  8.495   -10.855 1.00 14.89 ? 94  THR A CA  1 
ATOM   708  C C   . THR A 1 120 ? 11.668  8.947   -10.304 1.00 12.86 ? 94  THR A C   1 
ATOM   709  O O   . THR A 1 120 ? 10.796  9.345   -11.083 1.00 14.40 ? 94  THR A O   1 
ATOM   710  C CB  . THR A 1 120 ? 13.883  9.731   -11.134 1.00 21.16 ? 94  THR A CB  1 
ATOM   711  O OG1 . THR A 1 120 ? 15.205  9.311   -11.501 1.00 32.59 ? 94  THR A OG1 1 
ATOM   712  C CG2 . THR A 1 120 ? 13.968  10.658  -9.924  1.00 23.33 ? 94  THR A CG2 1 
ATOM   713  N N   . PRO A 1 121 ? 11.450  8.892   -8.991  1.00 11.62 ? 95  PRO A N   1 
ATOM   714  C CA  . PRO A 1 121 ? 10.131  9.256   -8.465  1.00 11.66 ? 95  PRO A CA  1 
ATOM   715  C C   . PRO A 1 121 ? 9.774   10.688  -8.830  1.00 12.64 ? 95  PRO A C   1 
ATOM   716  O O   . PRO A 1 121 ? 10.619  11.585  -8.794  1.00 16.14 ? 95  PRO A O   1 
ATOM   717  C CB  . PRO A 1 121 ? 10.295  9.084   -6.954  1.00 13.65 ? 95  PRO A CB  1 
ATOM   718  C CG  . PRO A 1 121 ? 11.419  8.121   -6.798  1.00 14.31 ? 95  PRO A CG  1 
ATOM   719  C CD  . PRO A 1 121 ? 12.351  8.401   -7.931  1.00 14.18 ? 95  PRO A CD  1 
ATOM   720  N N   . VAL A 1 122 ? 8.502   10.891  -9.166  1.00 12.15 ? 96  VAL A N   1 
ATOM   721  C CA  . VAL A 1 122 ? 7.977   12.152  -9.688  1.00 13.23 ? 96  VAL A CA  1 
ATOM   722  C C   . VAL A 1 122 ? 6.992   12.721  -8.677  1.00 12.50 ? 96  VAL A C   1 
ATOM   723  O O   . VAL A 1 122 ? 6.043   12.032  -8.288  1.00 14.58 ? 96  VAL A O   1 
ATOM   724  C CB  . VAL A 1 122 ? 7.266   11.916  -11.035 1.00 14.47 ? 96  VAL A CB  1 
ATOM   725  C CG1 . VAL A 1 122 ? 6.528   13.167  -11.477 1.00 18.38 ? 96  VAL A CG1 1 
ATOM   726  C CG2 . VAL A 1 122 ? 8.265   11.478  -12.085 1.00 19.06 ? 96  VAL A CG2 1 
ATOM   727  N N   . GLU A 1 123 ? 7.197   13.973  -8.259  1.00 11.81 ? 97  GLU A N   1 
ATOM   728  C CA  . GLU A 1 123 ? 6.170   14.676  -7.494  1.00 12.38 ? 97  GLU A CA  1 
ATOM   729  C C   . GLU A 1 123 ? 5.142   15.284  -8.438  1.00 10.25 ? 97  GLU A C   1 
ATOM   730  O O   . GLU A 1 123 ? 5.491   15.932  -9.435  1.00 12.84 ? 97  GLU A O   1 
ATOM   731  C CB  . GLU A 1 123 ? 6.740   15.771  -6.584  1.00 12.94 ? 97  GLU A CB  1 
ATOM   732  C CG  . GLU A 1 123 ? 5.617   16.550  -5.847  1.00 14.24 ? 97  GLU A CG  1 
ATOM   733  C CD  . GLU A 1 123 ? 6.127   17.521  -4.798  1.00 13.36 ? 97  GLU A CD  1 
ATOM   734  O OE1 . GLU A 1 123 ? 7.341   17.741  -4.758  1.00 15.58 ? 97  GLU A OE1 1 
ATOM   735  O OE2 . GLU A 1 123 ? 5.313   18.042  -4.013  1.00 15.11 ? 97  GLU A OE2 1 
ATOM   736  N N   . SER A 1 124 ? 3.875   15.093  -8.115  1.00 11.35 ? 98  SER A N   1 
ATOM   737  C CA  . SER A 1 124 ? 2.777   15.627  -8.897  1.00 12.69 ? 98  SER A CA  1 
ATOM   738  C C   . SER A 1 124 ? 1.808   16.345  -7.971  1.00 14.00 ? 98  SER A C   1 
ATOM   739  O O   . SER A 1 124 ? 2.015   16.433  -6.755  1.00 14.51 ? 98  SER A O   1 
ATOM   740  C CB  . SER A 1 124 ? 2.022   14.486  -9.570  1.00 13.57 ? 98  SER A CB  1 
ATOM   741  O OG  . SER A 1 124 ? 1.372   13.705  -8.572  1.00 15.45 ? 98  SER A OG  1 
ATOM   742  N N   . ASP A 1 125 ? 0.715   16.845  -8.549  1.00 14.77 ? 99  ASP A N   1 
ATOM   743  C CA  . ASP A 1 125 ? -0.309  17.494  -7.744  1.00 16.98 ? 99  ASP A CA  1 
ATOM   744  C C   . ASP A 1 125 ? -0.963  16.531  -6.765  1.00 16.35 ? 99  ASP A C   1 
ATOM   745  O O   . ASP A 1 125 ? -1.567  16.980  -5.783  1.00 22.99 ? 99  ASP A O   1 
ATOM   746  C CB  . ASP A 1 125 ? -1.373  18.138  -8.643  1.00 17.66 ? 99  ASP A CB  1 
ATOM   747  C CG  . ASP A 1 125 ? -2.128  17.120  -9.493  1.00 18.00 ? 99  ASP A CG  1 
ATOM   748  O OD1 . ASP A 1 125 ? -1.552  16.085  -9.886  1.00 17.10 ? 99  ASP A OD1 1 
ATOM   749  O OD2 . ASP A 1 125 ? -3.321  17.360  -9.780  1.00 20.65 ? 99  ASP A OD2 1 
ATOM   750  N N   . GLU A 1 126 ? -0.857  15.227  -7.003  1.00 14.83 ? 100 GLU A N   1 
ATOM   751  C CA  . GLU A 1 126 ? -1.531  14.228  -6.186  1.00 19.19 ? 100 GLU A CA  1 
ATOM   752  C C   . GLU A 1 126 ? -0.650  13.604  -5.111  1.00 15.58 ? 100 GLU A C   1 
ATOM   753  O O   . GLU A 1 126 ? -1.169  13.224  -4.059  1.00 17.20 ? 100 GLU A O   1 
ATOM   754  C CB  . GLU A 1 126 ? -2.087  13.102  -7.068  1.00 19.86 ? 100 GLU A CB  1 
ATOM   755  C CG  . GLU A 1 126 ? -3.142  13.543  -8.084  1.00 25.59 ? 100 GLU A CG  1 
ATOM   756  C CD  . GLU A 1 126 ? -4.449  13.990  -7.445  1.00 37.33 ? 100 GLU A CD  1 
ATOM   757  O OE1 . GLU A 1 126 ? -4.734  13.572  -6.301  1.00 34.95 ? 100 GLU A OE1 1 
ATOM   758  O OE2 . GLU A 1 126 ? -5.198  14.751  -8.098  1.00 32.33 ? 100 GLU A OE2 1 
ATOM   759  N N   . MET A 1 127 ? 0.654   13.441  -5.345  1.00 14.66 ? 101 MET A N   1 
ATOM   760  C CA  . MET A 1 127 ? 1.482   12.716  -4.378  1.00 13.30 ? 101 MET A CA  1 
ATOM   761  C C   . MET A 1 127 ? 2.923   13.245  -4.446  1.00 12.24 ? 101 MET A C   1 
ATOM   762  O O   . MET A 1 127 ? 3.427   13.648  -5.508  1.00 12.70 ? 101 MET A O   1 
ATOM   763  C CB  . MET A 1 127 ? 1.339   11.151  -4.501  1.00 31.24 ? 101 MET A CB  1 
ATOM   764  C CG  . MET A 1 127 ? 1.468   10.130  -3.182  1.00 12.79 ? 101 MET A CG  1 
ATOM   765  S SD  . MET A 1 127 ? 0.462   8.666   -3.422  1.00 52.09 ? 101 MET A SD  1 
ATOM   766  C CE  . MET A 1 127 ? 1.174   7.638   -2.155  1.00 23.49 ? 101 MET A CE  1 
ATOM   767  N N   . ARG A 1 128 ? 3.554   13.294  -3.274  1.00 11.21 ? 102 ARG A N   1 
ATOM   768  C CA  . ARG A 1 128 ? 4.955   13.675  -3.100  1.00 11.25 ? 102 ARG A CA  1 
ATOM   769  C C   . ARG A 1 128 ? 5.743   12.456  -2.624  1.00 10.11 ? 102 ARG A C   1 
ATOM   770  O O   . ARG A 1 128 ? 5.660   12.093  -1.443  1.00 9.98  ? 102 ARG A O   1 
ATOM   771  C CB  . ARG A 1 128 ? 5.035   14.797  -2.061  1.00 13.24 ? 102 ARG A CB  1 
ATOM   772  C CG  . ARG A 1 128 ? 6.442   15.266  -1.725  1.00 13.58 ? 102 ARG A CG  1 
ATOM   773  C CD  . ARG A 1 128 ? 6.438   16.558  -0.890  1.00 17.15 ? 102 ARG A CD  1 
ATOM   774  N NE  . ARG A 1 128 ? 5.765   16.442  0.407   1.00 16.71 ? 102 ARG A NE  1 
ATOM   775  C CZ  . ARG A 1 128 ? 6.373   16.161  1.559   1.00 17.57 ? 102 ARG A CZ  1 
ATOM   776  N NH1 . ARG A 1 128 ? 7.678   15.952  1.596   1.00 18.05 ? 102 ARG A NH1 1 
ATOM   777  N NH2 . ARG A 1 128 ? 5.678   16.096  2.687   1.00 19.63 ? 102 ARG A NH2 1 
ATOM   778  N N   A PRO A 1 129 ? 6.483   11.788  -3.503  0.57 11.36 ? 103 PRO A N   1 
ATOM   779  N N   B PRO A 1 129 ? 6.486   11.764  -3.489  0.43 11.34 ? 103 PRO A N   1 
ATOM   780  C CA  A PRO A 1 129 ? 7.286   10.635  -3.083  0.57 11.61 ? 103 PRO A CA  1 
ATOM   781  C CA  B PRO A 1 129 ? 7.224   10.578  -3.023  0.43 11.58 ? 103 PRO A CA  1 
ATOM   782  C C   A PRO A 1 129 ? 8.487   11.046  -2.241  0.57 10.41 ? 103 PRO A C   1 
ATOM   783  C C   B PRO A 1 129 ? 8.554   10.930  -2.366  0.43 10.44 ? 103 PRO A C   1 
ATOM   784  O O   A PRO A 1 129 ? 8.993   12.169  -2.314  0.57 11.55 ? 103 PRO A O   1 
ATOM   785  O O   B PRO A 1 129 ? 9.288   11.802  -2.838  0.43 9.86  ? 103 PRO A O   1 
ATOM   786  C CB  A PRO A 1 129 ? 7.746   10.034  -4.416  0.57 10.01 ? 103 PRO A CB  1 
ATOM   787  C CB  B PRO A 1 129 ? 7.452   9.765   -4.309  0.43 11.33 ? 103 PRO A CB  1 
ATOM   788  C CG  A PRO A 1 129 ? 7.762   11.189  -5.362  0.57 17.51 ? 103 PRO A CG  1 
ATOM   789  C CG  B PRO A 1 129 ? 6.902   10.578  -5.453  0.43 12.22 ? 103 PRO A CG  1 
ATOM   790  C CD  A PRO A 1 129 ? 6.590   12.039  -4.954  0.57 17.00 ? 103 PRO A CD  1 
ATOM   791  C CD  B PRO A 1 129 ? 6.633   11.969  -4.940  0.43 16.92 ? 103 PRO A CD  1 
ATOM   792  N N   A CYS A 1 130 ? 8.966   10.087  -1.448  0.57 10.21 ? 104 CYS A N   1 
ATOM   793  N N   B CYS A 1 130 ? 8.860   10.234  -1.260  0.43 8.75  ? 104 CYS A N   1 
ATOM   794  C CA  A CYS A 1 130 ? 10.152  10.289  -0.625  0.57 10.75 ? 104 CYS A CA  1 
ATOM   795  C CA  B CYS A 1 130 ? 10.159  10.305  -0.594  0.43 10.74 ? 104 CYS A CA  1 
ATOM   796  C C   A CYS A 1 130 ? 10.642  8.941   -0.113  0.57 8.94  ? 104 CYS A C   1 
ATOM   797  C C   B CYS A 1 130 ? 10.641  8.898   -0.264  0.43 9.20  ? 104 CYS A C   1 
ATOM   798  O O   A CYS A 1 130 ? 9.836   8.095   0.294   0.57 7.96  ? 104 CYS A O   1 
ATOM   799  O O   B CYS A 1 130 ? 9.842   7.973   -0.096  0.43 8.03  ? 104 CYS A O   1 
ATOM   800  C CB  A CYS A 1 130 ? 9.846   11.222  0.552   0.57 10.99 ? 104 CYS A CB  1 
ATOM   801  C CB  B CYS A 1 130 ? 10.094  11.079  0.734   0.43 9.62  ? 104 CYS A CB  1 
ATOM   802  S SG  A CYS A 1 130 ? 11.266  11.689  1.541   0.57 16.64 ? 104 CYS A SG  1 
ATOM   803  S SG  B CYS A 1 130 ? 9.951   12.878  0.630   0.43 16.68 ? 104 CYS A SG  1 
ATOM   804  N N   . TRP A 1 131 ? 11.962  8.743   -0.163  1.00 10.46 ? 105 TRP A N   1 
ATOM   805  C CA  . TRP A 1 131 ? 12.570  7.507   0.317   1.00 10.20 ? 105 TRP A CA  1 
ATOM   806  C C   . TRP A 1 131 ? 12.745  7.586   1.824   1.00 11.41 ? 105 TRP A C   1 
ATOM   807  O O   . TRP A 1 131 ? 13.061  8.655   2.358   1.00 14.82 ? 105 TRP A O   1 
ATOM   808  C CB  . TRP A 1 131 ? 13.952  7.323   -0.313  1.00 12.14 ? 105 TRP A CB  1 
ATOM   809  C CG  . TRP A 1 131 ? 13.943  6.984   -1.749  1.00 10.82 ? 105 TRP A CG  1 
ATOM   810  C CD1 . TRP A 1 131 ? 14.237  7.815   -2.786  1.00 12.85 ? 105 TRP A CD1 1 
ATOM   811  C CD2 . TRP A 1 131 ? 13.652  5.708   -2.327  1.00 12.00 ? 105 TRP A CD2 1 
ATOM   812  N NE1 . TRP A 1 131 ? 14.134  7.145   -3.975  1.00 14.35 ? 105 TRP A NE1 1 
ATOM   813  C CE2 . TRP A 1 131 ? 13.770  5.847   -3.723  1.00 12.38 ? 105 TRP A CE2 1 
ATOM   814  C CE3 . TRP A 1 131 ? 13.294  4.464   -1.797  1.00 11.43 ? 105 TRP A CE3 1 
ATOM   815  C CZ2 . TRP A 1 131 ? 13.558  4.784   -4.600  1.00 14.35 ? 105 TRP A CZ2 1 
ATOM   816  C CZ3 . TRP A 1 131 ? 13.080  3.409   -2.671  1.00 13.01 ? 105 TRP A CZ3 1 
ATOM   817  C CH2 . TRP A 1 131 ? 13.212  3.577   -4.057  1.00 13.75 ? 105 TRP A CH2 1 
ATOM   818  N N   . PHE A 1 132 ? 12.557  6.452   2.503   1.00 10.57 ? 106 PHE A N   1 
ATOM   819  C CA  . PHE A 1 132 ? 12.749  6.354   3.943   1.00 11.78 ? 106 PHE A CA  1 
ATOM   820  C C   . PHE A 1 132 ? 13.668  5.191   4.249   1.00 10.90 ? 106 PHE A C   1 
ATOM   821  O O   . PHE A 1 132 ? 13.458  4.083   3.757   1.00 12.23 ? 106 PHE A O   1 
ATOM   822  C CB  . PHE A 1 132 ? 11.418  6.134   4.648   1.00 11.03 ? 106 PHE A CB  1 
ATOM   823  C CG  . PHE A 1 132 ? 10.516  7.317   4.568   1.00 10.25 ? 106 PHE A CG  1 
ATOM   824  C CD1 . PHE A 1 132 ? 9.677   7.485   3.475   1.00 10.49 ? 106 PHE A CD1 1 
ATOM   825  C CD2 . PHE A 1 132 ? 10.533  8.295   5.553   1.00 11.92 ? 106 PHE A CD2 1 
ATOM   826  C CE1 . PHE A 1 132 ? 8.868   8.601   3.376   1.00 11.46 ? 106 PHE A CE1 1 
ATOM   827  C CE2 . PHE A 1 132 ? 9.712   9.404   5.449   1.00 11.82 ? 106 PHE A CE2 1 
ATOM   828  C CZ  . PHE A 1 132 ? 8.878   9.550   4.367   1.00 11.50 ? 106 PHE A CZ  1 
ATOM   829  N N   . GLN A 1 133 ? 14.686  5.447   5.066   1.00 12.40 ? 107 GLN A N   1 
ATOM   830  C CA  . GLN A 1 133 ? 15.444  4.352   5.646   1.00 13.18 ? 107 GLN A CA  1 
ATOM   831  C C   . GLN A 1 133 ? 14.501  3.508   6.484   1.00 11.91 ? 107 GLN A C   1 
ATOM   832  O O   . GLN A 1 133 ? 13.537  4.013   7.059   1.00 13.06 ? 107 GLN A O   1 
ATOM   833  C CB  . GLN A 1 133 ? 16.576  4.895   6.521   1.00 15.03 ? 107 GLN A CB  1 
ATOM   834  C CG  . GLN A 1 133 ? 17.570  5.757   5.769   1.00 18.06 ? 107 GLN A CG  1 
ATOM   835  C CD  . GLN A 1 133 ? 18.326  4.968   4.723   1.00 28.06 ? 107 GLN A CD  1 
ATOM   836  O OE1 . GLN A 1 133 ? 19.089  4.057   5.048   1.00 31.20 ? 107 GLN A OE1 1 
ATOM   837  N NE2 . GLN A 1 133 ? 18.103  5.300   3.456   1.00 26.40 ? 107 GLN A NE2 1 
ATOM   838  N N   . LEU A 1 134 ? 14.775  2.204   6.543   1.00 12.75 ? 108 LEU A N   1 
ATOM   839  C CA  . LEU A 1 134 ? 13.793  1.290   7.112   1.00 14.75 ? 108 LEU A CA  1 
ATOM   840  C C   . LEU A 1 134 ? 13.536  1.572   8.589   1.00 18.50 ? 108 LEU A C   1 
ATOM   841  O O   . LEU A 1 134 ? 12.401  1.432   9.059   1.00 20.76 ? 108 LEU A O   1 
ATOM   842  C CB  . LEU A 1 134 ? 14.216  -0.156  6.863   1.00 15.46 ? 108 LEU A CB  1 
ATOM   843  C CG  . LEU A 1 134 ? 14.373  -0.495  5.374   1.00 16.09 ? 108 LEU A CG  1 
ATOM   844  C CD1 . LEU A 1 134 ? 14.648  -1.971  5.154   1.00 23.33 ? 108 LEU A CD1 1 
ATOM   845  C CD2 . LEU A 1 134 ? 13.161  -0.066  4.549   1.00 13.79 ? 108 LEU A CD2 1 
ATOM   846  N N   . ASP A 1 135 ? 14.551  2.025   9.321   1.00 18.61 ? 109 ASP A N   1 
ATOM   847  C CA  . ASP A 1 135 ? 14.364  2.366   10.727  1.00 22.67 ? 109 ASP A CA  1 
ATOM   848  C C   . ASP A 1 135 ? 13.721  3.732   10.935  1.00 24.98 ? 109 ASP A C   1 
ATOM   849  O O   . ASP A 1 135 ? 13.559  4.153   12.086  1.00 24.69 ? 109 ASP A O   1 
ATOM   850  C CB  . ASP A 1 135 ? 15.685  2.261   11.506  1.00 22.53 ? 109 ASP A CB  1 
ATOM   851  C CG  . ASP A 1 135 ? 16.769  3.196   10.981  1.00 39.81 ? 109 ASP A CG  1 
ATOM   852  O OD1 . ASP A 1 135 ? 16.494  4.014   10.075  1.00 41.45 ? 109 ASP A OD1 1 
ATOM   853  O OD2 . ASP A 1 135 ? 17.910  3.106   11.481  1.00 49.86 ? 109 ASP A OD2 1 
ATOM   854  N N   . GLN A 1 136 ? 13.349  4.430   9.858   1.00 16.87 ? 110 GLN A N   1 
ATOM   855  C CA  . GLN A 1 136 ? 12.739  5.749   9.954   1.00 17.93 ? 110 GLN A CA  1 
ATOM   856  C C   . GLN A 1 136 ? 11.394  5.809   9.238   1.00 13.01 ? 110 GLN A C   1 
ATOM   857  O O   . GLN A 1 136 ? 10.963  6.889   8.826   1.00 15.75 ? 110 GLN A O   1 
ATOM   858  C CB  . GLN A 1 136 ? 13.699  6.814   9.421   1.00 19.48 ? 110 GLN A CB  1 
ATOM   859  C CG  . GLN A 1 136 ? 15.000  6.878   10.216  1.00 23.51 ? 110 GLN A CG  1 
ATOM   860  C CD  . GLN A 1 136 ? 15.997  7.871   9.658   1.00 30.86 ? 110 GLN A CD  1 
ATOM   861  O OE1 . GLN A 1 136 ? 16.017  8.146   8.458   1.00 40.12 ? 110 GLN A OE1 1 
ATOM   862  N NE2 . GLN A 1 136 ? 16.844  8.409   10.529  1.00 46.77 ? 110 GLN A NE2 1 
ATOM   863  N N   . ILE A 1 137 ? 10.724  4.674   9.093   1.00 13.73 ? 111 ILE A N   1 
ATOM   864  C CA  . ILE A 1 137 ? 9.414   4.676   8.441   1.00 11.51 ? 111 ILE A CA  1 
ATOM   865  C C   . ILE A 1 137 ? 8.442   5.486   9.284   1.00 11.50 ? 111 ILE A C   1 
ATOM   866  O O   . ILE A 1 137 ? 8.370   5.290   10.515  1.00 12.14 ? 111 ILE A O   1 
ATOM   867  C CB  . ILE A 1 137 ? 8.939   3.236   8.229   1.00 12.73 ? 111 ILE A CB  1 
ATOM   868  C CG1 . ILE A 1 137 ? 9.855   2.618   7.162   1.00 14.53 ? 111 ILE A CG1 1 
ATOM   869  C CG2 . ILE A 1 137 ? 7.469   3.189   7.802   1.00 13.16 ? 111 ILE A CG2 1 
ATOM   870  C CD1 . ILE A 1 137 ? 9.659   1.156   6.943   1.00 15.41 ? 111 ILE A CD1 1 
ATOM   871  N N   . PRO A 1 138 ? 7.699   6.417   8.699   1.00 10.69 ? 112 PRO A N   1 
ATOM   872  C CA  . PRO A 1 138 ? 6.955   7.417   9.489   1.00 11.46 ? 112 PRO A CA  1 
ATOM   873  C C   . PRO A 1 138 ? 5.571   6.942   9.919   1.00 10.52 ? 112 PRO A C   1 
ATOM   874  O O   . PRO A 1 138 ? 4.549   7.504   9.531   1.00 10.72 ? 112 PRO A O   1 
ATOM   875  C CB  . PRO A 1 138 ? 6.882   8.602   8.521   1.00 13.71 ? 112 PRO A CB  1 
ATOM   876  C CG  . PRO A 1 138 ? 6.847   7.984   7.178   1.00 13.68 ? 112 PRO A CG  1 
ATOM   877  C CD  . PRO A 1 138 ? 7.733   6.767   7.263   1.00 11.27 ? 112 PRO A CD  1 
ATOM   878  N N   . PHE A 1 139 ? 5.540   5.925   10.787  1.00 10.68 ? 113 PHE A N   1 
ATOM   879  C CA  . PHE A 1 139 ? 4.277   5.272   11.125  1.00 12.08 ? 113 PHE A CA  1 
ATOM   880  C C   . PHE A 1 139 ? 3.264   6.231   11.739  1.00 12.14 ? 113 PHE A C   1 
ATOM   881  O O   . PHE A 1 139 ? 2.054   6.049   11.560  1.00 13.10 ? 113 PHE A O   1 
ATOM   882  C CB  . PHE A 1 139 ? 4.534   4.101   12.071  1.00 12.72 ? 113 PHE A CB  1 
ATOM   883  C CG  . PHE A 1 139 ? 5.159   2.924   11.397  1.00 11.89 ? 113 PHE A CG  1 
ATOM   884  C CD1 . PHE A 1 139 ? 4.450   2.195   10.449  1.00 12.27 ? 113 PHE A CD1 1 
ATOM   885  C CD2 . PHE A 1 139 ? 6.456   2.551   11.692  1.00 13.64 ? 113 PHE A CD2 1 
ATOM   886  C CE1 . PHE A 1 139 ? 5.027   1.111   9.822   1.00 16.13 ? 113 PHE A CE1 1 
ATOM   887  C CE2 . PHE A 1 139 ? 7.041   1.469   11.072  1.00 14.78 ? 113 PHE A CE2 1 
ATOM   888  C CZ  . PHE A 1 139 ? 6.327   0.751   10.128  1.00 15.07 ? 113 PHE A CZ  1 
ATOM   889  N N   . LYS A 1 140 ? 3.729   7.251   12.464  1.00 13.11 ? 114 LYS A N   1 
ATOM   890  C CA  . LYS A 1 140 ? 2.801   8.198   13.066  1.00 14.80 ? 114 LYS A CA  1 
ATOM   891  C C   . LYS A 1 140 ? 2.054   9.003   12.019  1.00 14.90 ? 114 LYS A C   1 
ATOM   892  O O   . LYS A 1 140 ? 0.976   9.529   12.310  1.00 16.72 ? 114 LYS A O   1 
ATOM   893  C CB  . LYS A 1 140 ? 3.556   9.137   14.010  1.00 20.72 ? 114 LYS A CB  1 
ATOM   894  N N   A ASP A 1 141 ? 2.603   9.111   10.807  0.58 13.17 ? 115 ASP A N   1 
ATOM   895  N N   B ASP A 1 141 ? 2.595   9.111   10.813  0.42 13.17 ? 115 ASP A N   1 
ATOM   896  C CA  A ASP A 1 141 ? 1.981   9.832   9.703   0.58 11.31 ? 115 ASP A CA  1 
ATOM   897  C CA  B ASP A 1 141 ? 1.945   9.816   9.717   0.42 11.31 ? 115 ASP A CA  1 
ATOM   898  C C   A ASP A 1 141 ? 1.503   8.885   8.602   0.58 9.95  ? 115 ASP A C   1 
ATOM   899  C C   B ASP A 1 141 ? 1.564   8.857   8.594   0.42 9.99  ? 115 ASP A C   1 
ATOM   900  O O   A ASP A 1 141 ? 1.463   9.263   7.432   0.58 10.67 ? 115 ASP A O   1 
ATOM   901  O O   B ASP A 1 141 ? 1.659   9.185   7.412   0.42 10.30 ? 115 ASP A O   1 
ATOM   902  C CB  A ASP A 1 141 ? 2.942   10.878  9.128   0.58 13.88 ? 115 ASP A CB  1 
ATOM   903  C CB  B ASP A 1 141 ? 2.826   10.945  9.195   0.42 13.71 ? 115 ASP A CB  1 
ATOM   904  C CG  A ASP A 1 141 ? 3.101   12.098  10.026  0.58 16.97 ? 115 ASP A CG  1 
ATOM   905  C CG  B ASP A 1 141 ? 2.039   11.985  8.439   0.42 18.26 ? 115 ASP A CG  1 
ATOM   906  O OD1 A ASP A 1 141 ? 2.101   12.525  10.639  0.58 20.85 ? 115 ASP A OD1 1 
ATOM   907  O OD1 B ASP A 1 141 ? 0.798   12.007  8.583   0.42 16.54 ? 115 ASP A OD1 1 
ATOM   908  O OD2 A ASP A 1 141 ? 4.227   12.637  10.103  0.58 18.38 ? 115 ASP A OD2 1 
ATOM   909  O OD2 B ASP A 1 141 ? 2.661   12.768  7.696   0.42 19.73 ? 115 ASP A OD2 1 
ATOM   910  N N   . MET A 1 142 ? 1.146   7.653   8.969   1.00 10.63 ? 116 MET A N   1 
ATOM   911  C CA  . MET A 1 142 ? 0.648   6.639   8.053   1.00 10.32 ? 116 MET A CA  1 
ATOM   912  C C   . MET A 1 142 ? -0.669  6.110   8.605   1.00 10.24 ? 116 MET A C   1 
ATOM   913  O O   . MET A 1 142 ? -1.005  6.335   9.774   1.00 11.92 ? 116 MET A O   1 
ATOM   914  C CB  . MET A 1 142 ? 1.661   5.495   7.931   1.00 9.44  ? 116 MET A CB  1 
ATOM   915  C CG  . MET A 1 142 ? 2.925   5.926   7.238   1.00 9.87  ? 116 MET A CG  1 
ATOM   916  S SD  . MET A 1 142 ? 4.336   4.810   7.378   1.00 10.93 ? 116 MET A SD  1 
ATOM   917  C CE  . MET A 1 142 ? 3.886   3.457   6.300   1.00 13.39 ? 116 MET A CE  1 
ATOM   918  N N   . TRP A 1 143 ? -1.419  5.397   7.774   1.00 9.94  ? 117 TRP A N   1 
ATOM   919  C CA  . TRP A 1 143 ? -2.610  4.727   8.273   1.00 10.44 ? 117 TRP A CA  1 
ATOM   920  C C   . TRP A 1 143 ? -2.220  3.838   9.449   1.00 10.34 ? 117 TRP A C   1 
ATOM   921  O O   . TRP A 1 143 ? -1.166  3.195   9.412   1.00 9.54  ? 117 TRP A O   1 
ATOM   922  C CB  . TRP A 1 143 ? -3.195  3.846   7.170   1.00 11.16 ? 117 TRP A CB  1 
ATOM   923  C CG  . TRP A 1 143 ? -3.988  4.563   6.122   1.00 11.36 ? 117 TRP A CG  1 
ATOM   924  C CD1 . TRP A 1 143 ? -3.537  5.054   4.926   1.00 11.87 ? 117 TRP A CD1 1 
ATOM   925  C CD2 . TRP A 1 143 ? -5.392  4.845   6.167   1.00 13.28 ? 117 TRP A CD2 1 
ATOM   926  N NE1 . TRP A 1 143 ? -4.580  5.622   4.224   1.00 15.07 ? 117 TRP A NE1 1 
ATOM   927  C CE2 . TRP A 1 143 ? -5.724  5.507   4.969   1.00 12.83 ? 117 TRP A CE2 1 
ATOM   928  C CE3 . TRP A 1 143 ? -6.404  4.593   7.104   1.00 14.10 ? 117 TRP A CE3 1 
ATOM   929  C CZ2 . TRP A 1 143 ? -7.024  5.929   4.689   1.00 19.25 ? 117 TRP A CZ2 1 
ATOM   930  C CZ3 . TRP A 1 143 ? -7.692  5.010   6.820   1.00 16.66 ? 117 TRP A CZ3 1 
ATOM   931  C CH2 . TRP A 1 143 ? -7.990  5.671   5.626   1.00 18.87 ? 117 TRP A CH2 1 
ATOM   932  N N   . PRO A 1 144 ? -3.043  3.766   10.502  1.00 10.49 ? 118 PRO A N   1 
ATOM   933  C CA  . PRO A 1 144 ? -2.605  3.059   11.715  1.00 11.13 ? 118 PRO A CA  1 
ATOM   934  C C   . PRO A 1 144 ? -2.408  1.568   11.522  1.00 10.46 ? 118 PRO A C   1 
ATOM   935  O O   . PRO A 1 144 ? -1.622  0.960   12.252  1.00 12.06 ? 118 PRO A O   1 
ATOM   936  C CB  . PRO A 1 144 ? -3.706  3.362   12.747  1.00 13.30 ? 118 PRO A CB  1 
ATOM   937  C CG  . PRO A 1 144 ? -4.860  3.844   11.960  1.00 15.53 ? 118 PRO A CG  1 
ATOM   938  C CD  . PRO A 1 144 ? -4.322  4.472   10.698  1.00 11.97 ? 118 PRO A CD  1 
ATOM   939  N N   . ASP A 1 145 ? -3.089  0.941   10.568  1.00 9.43  ? 119 ASP A N   1 
ATOM   940  C CA  . ASP A 1 145 ? -2.884  -0.489  10.384  1.00 10.84 ? 119 ASP A CA  1 
ATOM   941  C C   . ASP A 1 145 ? -1.483  -0.810  9.886   1.00 9.22  ? 119 ASP A C   1 
ATOM   942  O O   . ASP A 1 145 ? -1.017  -1.937  10.078  1.00 8.94  ? 119 ASP A O   1 
ATOM   943  C CB  . ASP A 1 145 ? -3.901  -1.062  9.404   1.00 11.76 ? 119 ASP A CB  1 
ATOM   944  C CG  . ASP A 1 145 ? -3.934  -0.302  8.111   1.00 10.83 ? 119 ASP A CG  1 
ATOM   945  O OD1 . ASP A 1 145 ? -4.421  0.851   8.136   1.00 11.12 ? 119 ASP A OD1 1 
ATOM   946  O OD2 . ASP A 1 145 ? -3.469  -0.827  7.078   1.00 11.78 ? 119 ASP A OD2 1 
ATOM   947  N N   . ASP A 1 146 ? -0.804  0.147   9.246   1.00 8.91  ? 120 ASP A N   1 
ATOM   948  C CA  . ASP A 1 146 ? 0.490   -0.145  8.642   1.00 8.36  ? 120 ASP A CA  1 
ATOM   949  C C   . ASP A 1 146 ? 1.509   -0.576  9.677   1.00 8.22  ? 120 ASP A C   1 
ATOM   950  O O   . ASP A 1 146 ? 2.415   -1.351  9.363   1.00 8.86  ? 120 ASP A O   1 
ATOM   951  C CB  . ASP A 1 146 ? 0.990   1.075   7.871   1.00 9.22  ? 120 ASP A CB  1 
ATOM   952  C CG  . ASP A 1 146 ? 0.092   1.410   6.679   1.00 10.59 ? 120 ASP A CG  1 
ATOM   953  O OD1 . ASP A 1 146 ? -1.091  0.998   6.685   1.00 12.48 ? 120 ASP A OD1 1 
ATOM   954  O OD2 . ASP A 1 146 ? 0.554   2.085   5.731   1.00 14.58 ? 120 ASP A OD2 1 
ATOM   955  N N   A SER A 1 147 ? 1.370   -0.082  10.909  0.62 9.46  ? 121 SER A N   1 
ATOM   956  N N   B SER A 1 147 ? 1.411   -0.086  10.907  0.38 9.53  ? 121 SER A N   1 
ATOM   957  C CA  A SER A 1 147 ? 2.261   -0.476  11.995  0.62 11.80 ? 121 SER A CA  1 
ATOM   958  C CA  B SER A 1 147 ? 2.397   -0.532  11.882  0.38 11.48 ? 121 SER A CA  1 
ATOM   959  C C   A SER A 1 147 ? 2.211   -1.976  12.240  0.62 10.39 ? 121 SER A C   1 
ATOM   960  C C   B SER A 1 147 ? 2.215   -1.994  12.274  0.38 10.44 ? 121 SER A C   1 
ATOM   961  O O   A SER A 1 147 ? 3.199   -2.567  12.694  0.62 10.93 ? 121 SER A O   1 
ATOM   962  O O   B SER A 1 147 ? 3.124   -2.570  12.881  0.38 11.17 ? 121 SER A O   1 
ATOM   963  C CB  A SER A 1 147 ? 1.868   0.279   13.267  0.62 11.60 ? 121 SER A CB  1 
ATOM   964  C CB  B SER A 1 147 ? 2.384   0.372   13.109  0.38 13.37 ? 121 SER A CB  1 
ATOM   965  O OG  A SER A 1 147 ? 2.101   1.665   13.108  0.62 13.80 ? 121 SER A OG  1 
ATOM   966  O OG  B SER A 1 147 ? 1.124   0.315   13.736  0.38 13.52 ? 121 SER A OG  1 
ATOM   967  N N   . TYR A 1 148 ? 1.074   -2.604  11.942  1.00 9.47  ? 122 TYR A N   1 
ATOM   968  C CA  . TYR A 1 148 ? 0.897   -4.037  12.147  1.00 10.86 ? 122 TYR A CA  1 
ATOM   969  C C   . TYR A 1 148 ? 1.530   -4.865  11.034  1.00 9.52  ? 122 TYR A C   1 
ATOM   970  O O   . TYR A 1 148 ? 2.220   -5.854  11.311  1.00 10.89 ? 122 TYR A O   1 
ATOM   971  C CB  . TYR A 1 148 ? -0.590  -4.376  12.250  1.00 10.87 ? 122 TYR A CB  1 
ATOM   972  C CG  . TYR A 1 148 ? -1.213  -3.937  13.538  1.00 14.17 ? 122 TYR A CG  1 
ATOM   973  C CD1 . TYR A 1 148 ? -1.098  -4.727  14.673  1.00 18.72 ? 122 TYR A CD1 1 
ATOM   974  C CD2 . TYR A 1 148 ? -1.925  -2.755  13.630  1.00 14.59 ? 122 TYR A CD2 1 
ATOM   975  C CE1 . TYR A 1 148 ? -1.668  -4.351  15.869  1.00 19.86 ? 122 TYR A CE1 1 
ATOM   976  C CE2 . TYR A 1 148 ? -2.512  -2.364  14.833  1.00 16.76 ? 122 TYR A CE2 1 
ATOM   977  C CZ  . TYR A 1 148 ? -2.371  -3.169  15.946  1.00 18.55 ? 122 TYR A CZ  1 
ATOM   978  O OH  . TYR A 1 148 ? -2.944  -2.805  17.147  1.00 19.51 ? 122 TYR A OH  1 
ATOM   979  N N   . TRP A 1 149 ? 1.281   -4.517  9.768   1.00 9.48  ? 123 TRP A N   1 
ATOM   980  C CA  . TRP A 1 149 ? 1.706   -5.387  8.677   1.00 9.32  ? 123 TRP A CA  1 
ATOM   981  C C   . TRP A 1 149 ? 3.003   -4.973  7.997   1.00 8.80  ? 123 TRP A C   1 
ATOM   982  O O   . TRP A 1 149 ? 3.654   -5.824  7.382   1.00 9.43  ? 123 TRP A O   1 
ATOM   983  C CB  . TRP A 1 149 ? 0.591   -5.584  7.645   1.00 8.84  ? 123 TRP A CB  1 
ATOM   984  C CG  . TRP A 1 149 ? 0.046   -4.323  7.031   1.00 9.04  ? 123 TRP A CG  1 
ATOM   985  C CD1 . TRP A 1 149 ? -1.053  -3.632  7.432   1.00 9.35  ? 123 TRP A CD1 1 
ATOM   986  C CD2 . TRP A 1 149 ? 0.568   -3.631  5.896   1.00 8.25  ? 123 TRP A CD2 1 
ATOM   987  N NE1 . TRP A 1 149 ? -1.250  -2.549  6.615   1.00 9.90  ? 123 TRP A NE1 1 
ATOM   988  C CE2 . TRP A 1 149 ? -0.269  -2.527  5.665   1.00 9.91  ? 123 TRP A CE2 1 
ATOM   989  C CE3 . TRP A 1 149 ? 1.655   -3.841  5.050   1.00 9.43  ? 123 TRP A CE3 1 
ATOM   990  C CZ2 . TRP A 1 149 ? -0.057  -1.634  4.619   1.00 11.28 ? 123 TRP A CZ2 1 
ATOM   991  C CZ3 . TRP A 1 149 ? 1.863   -2.947  4.008   1.00 11.47 ? 123 TRP A CZ3 1 
ATOM   992  C CH2 . TRP A 1 149 ? 1.014   -1.856  3.812   1.00 12.04 ? 123 TRP A CH2 1 
ATOM   993  N N   . PHE A 1 150 ? 3.396   -3.702  8.073   1.00 9.98  ? 124 PHE A N   1 
ATOM   994  C CA  . PHE A 1 150 ? 4.689   -3.315  7.504   1.00 11.27 ? 124 PHE A CA  1 
ATOM   995  C C   . PHE A 1 150 ? 5.838   -4.136  8.037   1.00 13.27 ? 124 PHE A C   1 
ATOM   996  O O   . PHE A 1 150 ? 6.702   -4.527  7.230   1.00 13.60 ? 124 PHE A O   1 
ATOM   997  C CB  . PHE A 1 150 ? 5.020   -1.839  7.752   1.00 16.58 ? 124 PHE A CB  1 
ATOM   998  C CG  . PHE A 1 150 ? 4.970   -1.014  6.537   1.00 12.81 ? 124 PHE A CG  1 
ATOM   999  C CD1 . PHE A 1 150 ? 3.741   -0.647  6.033   1.00 21.44 ? 124 PHE A CD1 1 
ATOM   1000 C CD2 . PHE A 1 150 ? 6.118   -0.590  5.900   1.00 21.69 ? 124 PHE A CD2 1 
ATOM   1001 C CE1 . PHE A 1 150 ? 3.640   0.115   4.920   1.00 21.86 ? 124 PHE A CE1 1 
ATOM   1002 C CE2 . PHE A 1 150 ? 6.022   0.193   4.763   1.00 22.49 ? 124 PHE A CE2 1 
ATOM   1003 C CZ  . PHE A 1 150 ? 4.777   0.540   4.279   1.00 15.72 ? 124 PHE A CZ  1 
ATOM   1004 N N   . PRO A 1 151 ? 5.930   -4.414  9.338   1.00 12.27 ? 125 PRO A N   1 
ATOM   1005 C CA  . PRO A 1 151 ? 7.044   -5.241  9.818   1.00 14.60 ? 125 PRO A CA  1 
ATOM   1006 C C   . PRO A 1 151 ? 7.094   -6.615  9.185   1.00 12.11 ? 125 PRO A C   1 
ATOM   1007 O O   . PRO A 1 151 ? 8.187   -7.183  9.046   1.00 14.06 ? 125 PRO A O   1 
ATOM   1008 C CB  . PRO A 1 151 ? 6.795   -5.321  11.330  1.00 19.32 ? 125 PRO A CB  1 
ATOM   1009 C CG  . PRO A 1 151 ? 6.053   -4.068  11.643  1.00 18.48 ? 125 PRO A CG  1 
ATOM   1010 C CD  . PRO A 1 151 ? 5.144   -3.867  10.466  1.00 14.27 ? 125 PRO A CD  1 
ATOM   1011 N N   . LEU A 1 152 ? 5.943   -7.172  8.807   1.00 11.17 ? 126 LEU A N   1 
ATOM   1012 C CA  . LEU A 1 152 ? 5.936   -8.444  8.103   1.00 11.63 ? 126 LEU A CA  1 
ATOM   1013 C C   . LEU A 1 152 ? 6.511   -8.283  6.708   1.00 10.45 ? 126 LEU A C   1 
ATOM   1014 O O   . LEU A 1 152 ? 7.339   -9.090  6.268   1.00 11.55 ? 126 LEU A O   1 
ATOM   1015 C CB  . LEU A 1 152 ? 4.511   -8.984  8.025   1.00 9.98  ? 126 LEU A CB  1 
ATOM   1016 C CG  . LEU A 1 152 ? 3.811   -9.153  9.368   1.00 11.40 ? 126 LEU A CG  1 
ATOM   1017 C CD1 . LEU A 1 152 ? 2.395   -9.697  9.177   1.00 13.31 ? 126 LEU A CD1 1 
ATOM   1018 C CD2 . LEU A 1 152 ? 4.614   -10.055 10.285  1.00 17.25 ? 126 LEU A CD2 1 
ATOM   1019 N N   . LEU A 1 153 ? 6.082   -7.236  6.001   1.00 10.63 ? 127 LEU A N   1 
ATOM   1020 C CA  . LEU A 1 153 ? 6.625   -6.931  4.681   1.00 12.48 ? 127 LEU A CA  1 
ATOM   1021 C C   . LEU A 1 153 ? 8.142   -6.773  4.731   1.00 11.66 ? 127 LEU A C   1 
ATOM   1022 O O   . LEU A 1 153 ? 8.857   -7.295  3.865   1.00 12.35 ? 127 LEU A O   1 
ATOM   1023 C CB  . LEU A 1 153 ? 5.949   -5.663  4.154   1.00 15.84 ? 127 LEU A CB  1 
ATOM   1024 C CG  . LEU A 1 153 ? 6.047   -5.239  2.693   1.00 26.65 ? 127 LEU A CG  1 
ATOM   1025 C CD1 . LEU A 1 153 ? 4.674   -4.802  2.211   1.00 27.15 ? 127 LEU A CD1 1 
ATOM   1026 C CD2 . LEU A 1 153 ? 7.025   -4.105  2.561   1.00 29.82 ? 127 LEU A CD2 1 
ATOM   1027 N N   . LEU A 1 154 ? 8.655   -6.091  5.758   1.00 11.10 ? 128 LEU A N   1 
ATOM   1028 C CA  . LEU A 1 154 ? 10.089  -5.834  5.846   1.00 11.82 ? 128 LEU A CA  1 
ATOM   1029 C C   . LEU A 1 154 ? 10.892  -7.115  6.024   1.00 14.12 ? 128 LEU A C   1 
ATOM   1030 O O   . LEU A 1 154 ? 12.046  -7.186  5.583   1.00 15.34 ? 128 LEU A O   1 
ATOM   1031 C CB  . LEU A 1 154 ? 10.386  -4.872  6.992   1.00 13.45 ? 128 LEU A CB  1 
ATOM   1032 C CG  . LEU A 1 154 ? 9.849   -3.447  6.883   1.00 15.37 ? 128 LEU A CG  1 
ATOM   1033 C CD1 . LEU A 1 154 ? 10.368  -2.629  8.042   1.00 20.94 ? 128 LEU A CD1 1 
ATOM   1034 C CD2 . LEU A 1 154 ? 10.236  -2.813  5.563   1.00 17.38 ? 128 LEU A CD2 1 
ATOM   1035 N N   . GLN A 1 155 ? 10.311  -8.135  6.654   1.00 12.21 ? 129 GLN A N   1 
ATOM   1036 C CA  . GLN A 1 155 ? 10.970  -9.422  6.813   1.00 12.69 ? 129 GLN A CA  1 
ATOM   1037 C C   . GLN A 1 155 ? 10.537  -10.428 5.755   1.00 11.90 ? 129 GLN A C   1 
ATOM   1038 O O   . GLN A 1 155 ? 10.745  -11.633 5.931   1.00 14.20 ? 129 GLN A O   1 
ATOM   1039 C CB  . GLN A 1 155 ? 10.784  -9.952  8.236   1.00 13.18 ? 129 GLN A CB  1 
ATOM   1040 C CG  . GLN A 1 155 ? 11.611  -9.161  9.254   1.00 14.32 ? 129 GLN A CG  1 
ATOM   1041 C CD  . GLN A 1 155 ? 11.436  -9.633  10.695  1.00 13.70 ? 129 GLN A CD  1 
ATOM   1042 O OE1 . GLN A 1 155 ? 10.574  -10.456 10.996  1.00 14.46 ? 129 GLN A OE1 1 
ATOM   1043 N NE2 . GLN A 1 155 ? 12.255  -9.100  11.593  1.00 14.66 ? 129 GLN A NE2 1 
ATOM   1044 N N   . LYS A 1 156 ? 9.941   -9.952  4.658   1.00 12.06 ? 130 LYS A N   1 
ATOM   1045 C CA  . LYS A 1 156 ? 9.609   -10.784 3.500   1.00 14.22 ? 130 LYS A CA  1 
ATOM   1046 C C   . LYS A 1 156 ? 8.608   -11.879 3.849   1.00 13.75 ? 130 LYS A C   1 
ATOM   1047 O O   . LYS A 1 156 ? 8.663   -12.996 3.330   1.00 16.57 ? 130 LYS A O   1 
ATOM   1048 C CB  . LYS A 1 156 ? 10.865  -11.349 2.832   1.00 17.33 ? 130 LYS A CB  1 
ATOM   1049 C CG  . LYS A 1 156 ? 11.869  -10.278 2.442   1.00 21.24 ? 130 LYS A CG  1 
ATOM   1050 N N   . LYS A 1 157 ? 7.691   -11.559 4.742   1.00 11.42 ? 131 LYS A N   1 
ATOM   1051 C CA  . LYS A 1 157 ? 6.597   -12.447 5.081   1.00 12.02 ? 131 LYS A CA  1 
ATOM   1052 C C   . LYS A 1 157 ? 5.366   -12.018 4.298   1.00 11.56 ? 131 LYS A C   1 
ATOM   1053 O O   . LYS A 1 157 ? 5.239   -10.857 3.890   1.00 16.87 ? 131 LYS A O   1 
ATOM   1054 C CB  . LYS A 1 157 ? 6.312   -12.415 6.586   1.00 14.29 ? 131 LYS A CB  1 
ATOM   1055 C CG  . LYS A 1 157 ? 7.515   -12.769 7.436   1.00 16.84 ? 131 LYS A CG  1 
ATOM   1056 C CD  . LYS A 1 157 ? 8.044   -14.133 7.047   1.00 21.07 ? 131 LYS A CD  1 
ATOM   1057 C CE  . LYS A 1 157 ? 9.005   -14.661 8.080   1.00 30.33 ? 131 LYS A CE  1 
ATOM   1058 N NZ  . LYS A 1 157 ? 9.513   -16.011 7.718   1.00 25.02 ? 131 LYS A NZ  1 
ATOM   1059 N N   . LYS A 1 158 ? 4.476   -12.969 4.055   1.00 11.37 ? 132 LYS A N   1 
ATOM   1060 C CA  . LYS A 1 158 ? 3.230   -12.728 3.347   1.00 10.97 ? 132 LYS A CA  1 
ATOM   1061 C C   . LYS A 1 158 ? 2.087   -12.830 4.344   1.00 10.10 ? 132 LYS A C   1 
ATOM   1062 O O   . LYS A 1 158 ? 2.193   -13.536 5.351   1.00 10.89 ? 132 LYS A O   1 
ATOM   1063 C CB  . LYS A 1 158 ? 3.054   -13.746 2.225   1.00 12.72 ? 132 LYS A CB  1 
ATOM   1064 C CG  . LYS A 1 158 ? 4.158   -13.671 1.192   1.00 14.19 ? 132 LYS A CG  1 
ATOM   1065 C CD  . LYS A 1 158 ? 4.135   -14.852 0.259   1.00 21.64 ? 132 LYS A CD  1 
ATOM   1066 C CE  . LYS A 1 158 ? 5.332   -14.825 -0.678  1.00 34.84 ? 132 LYS A CE  1 
ATOM   1067 N NZ  . LYS A 1 158 ? 5.300   -15.952 -1.648  1.00 39.73 ? 132 LYS A NZ  1 
ATOM   1068 N N   . PHE A 1 159 ? 0.987   -12.123 4.076   1.00 9.53  ? 133 PHE A N   1 
ATOM   1069 C CA  . PHE A 1 159 ? -0.038  -12.017 5.102   1.00 10.52 ? 133 PHE A CA  1 
ATOM   1070 C C   . PHE A 1 159 ? -1.430  -11.823 4.516   1.00 8.71  ? 133 PHE A C   1 
ATOM   1071 O O   . PHE A 1 159 ? -1.610  -11.373 3.381   1.00 9.10  ? 133 PHE A O   1 
ATOM   1072 C CB  . PHE A 1 159 ? 0.255   -10.870 6.077   1.00 11.02 ? 133 PHE A CB  1 
ATOM   1073 C CG  . PHE A 1 159 ? 0.417   -9.542  5.403   1.00 10.35 ? 133 PHE A CG  1 
ATOM   1074 C CD1 . PHE A 1 159 ? -0.677  -8.753  5.088   1.00 12.30 ? 133 PHE A CD1 1 
ATOM   1075 C CD2 . PHE A 1 159 ? 1.674   -9.103  5.048   1.00 12.57 ? 133 PHE A CD2 1 
ATOM   1076 C CE1 . PHE A 1 159 ? -0.505  -7.540  4.442   1.00 13.06 ? 133 PHE A CE1 1 
ATOM   1077 C CE2 . PHE A 1 159 ? 1.850   -7.896  4.416   1.00 16.73 ? 133 PHE A CE2 1 
ATOM   1078 C CZ  . PHE A 1 159 ? 0.755   -7.120  4.111   1.00 12.50 ? 133 PHE A CZ  1 
ATOM   1079 N N   . HIS A 1 160 ? -2.423  -12.168 5.338   1.00 9.43  ? 134 HIS A N   1 
ATOM   1080 C CA  . HIS A 1 160 ? -3.822  -11.819 5.140   1.00 9.54  ? 134 HIS A CA  1 
ATOM   1081 C C   . HIS A 1 160 ? -4.268  -11.031 6.357   1.00 10.99 ? 134 HIS A C   1 
ATOM   1082 O O   . HIS A 1 160 ? -4.092  -11.490 7.495   1.00 10.80 ? 134 HIS A O   1 
ATOM   1083 C CB  . HIS A 1 160 ? -4.710  -13.060 5.042   1.00 11.08 ? 134 HIS A CB  1 
ATOM   1084 C CG  . HIS A 1 160 ? -4.629  -13.773 3.732   1.00 13.36 ? 134 HIS A CG  1 
ATOM   1085 N ND1 . HIS A 1 160 ? -5.339  -14.923 3.477   1.00 17.52 ? 134 HIS A ND1 1 
ATOM   1086 C CD2 . HIS A 1 160 ? -3.928  -13.508 2.605   1.00 11.64 ? 134 HIS A CD2 1 
ATOM   1087 C CE1 . HIS A 1 160 ? -5.079  -15.335 2.249   1.00 18.96 ? 134 HIS A CE1 1 
ATOM   1088 N NE2 . HIS A 1 160 ? -4.229  -14.490 1.695   1.00 15.84 ? 134 HIS A NE2 1 
ATOM   1089 N N   . GLY A 1 161 ? -4.865  -9.862  6.135   1.00 9.73  ? 135 GLY A N   1 
ATOM   1090 C CA  . GLY A 1 161 ? -5.353  -9.052  7.226   1.00 12.27 ? 135 GLY A CA  1 
ATOM   1091 C C   . GLY A 1 161 ? -6.763  -8.554  6.979   1.00 9.24  ? 135 GLY A C   1 
ATOM   1092 O O   . GLY A 1 161 ? -7.253  -8.513  5.848   1.00 9.73  ? 135 GLY A O   1 
ATOM   1093 N N   A TYR A 1 162 ? -7.410  -8.187  8.079   0.51 10.02 ? 136 TYR A N   1 
ATOM   1094 N N   B TYR A 1 162 ? -7.417  -8.169  8.074   0.49 10.02 ? 136 TYR A N   1 
ATOM   1095 C CA  A TYR A 1 162 ? -8.712  -7.544  8.067   0.51 10.27 ? 136 TYR A CA  1 
ATOM   1096 C CA  B TYR A 1 162 ? -8.743  -7.554  8.043   0.49 10.27 ? 136 TYR A CA  1 
ATOM   1097 C C   A TYR A 1 162 ? -8.653  -6.468  9.132   0.51 10.11 ? 136 TYR A C   1 
ATOM   1098 C C   B TYR A 1 162 ? -8.750  -6.503  9.137   0.49 10.11 ? 136 TYR A C   1 
ATOM   1099 O O   A TYR A 1 162 ? -8.204  -6.735  10.252  0.51 10.46 ? 136 TYR A O   1 
ATOM   1100 O O   B TYR A 1 162 ? -8.448  -6.826  10.289  0.49 10.73 ? 136 TYR A O   1 
ATOM   1101 C CB  A TYR A 1 162 ? -9.822  -8.544  8.413   0.51 11.86 ? 136 TYR A CB  1 
ATOM   1102 C CB  B TYR A 1 162 ? -9.842  -8.596  8.313   0.49 11.97 ? 136 TYR A CB  1 
ATOM   1103 C CG  A TYR A 1 162 ? -11.100 -7.877  8.847   0.51 9.79  ? 136 TYR A CG  1 
ATOM   1104 C CG  B TYR A 1 162 ? -11.265 -8.096  8.113   0.49 10.60 ? 136 TYR A CG  1 
ATOM   1105 C CD1 A TYR A 1 162 ? -11.992 -7.372  7.912   0.51 12.35 ? 136 TYR A CD1 1 
ATOM   1106 C CD1 B TYR A 1 162 ? -11.849 -7.217  9.018   0.49 13.42 ? 136 TYR A CD1 1 
ATOM   1107 C CD2 A TYR A 1 162 ? -11.413 -7.741  10.191  0.51 10.75 ? 136 TYR A CD2 1 
ATOM   1108 C CD2 B TYR A 1 162 ? -12.020 -8.501  7.020   0.49 11.23 ? 136 TYR A CD2 1 
ATOM   1109 C CE1 A TYR A 1 162 ? -13.161 -6.758  8.308   0.51 12.82 ? 136 TYR A CE1 1 
ATOM   1110 C CE1 B TYR A 1 162 ? -13.138 -6.761  8.844   0.49 13.17 ? 136 TYR A CE1 1 
ATOM   1111 C CE2 A TYR A 1 162 ? -12.576 -7.125  10.595  0.51 13.68 ? 136 TYR A CE2 1 
ATOM   1112 C CE2 B TYR A 1 162 ? -13.313 -8.047  6.840   0.49 11.73 ? 136 TYR A CE2 1 
ATOM   1113 C CZ  A TYR A 1 162 ? -13.442 -6.637  9.650   0.51 11.99 ? 136 TYR A CZ  1 
ATOM   1114 C CZ  B TYR A 1 162 ? -13.860 -7.173  7.752   0.49 11.35 ? 136 TYR A CZ  1 
ATOM   1115 O OH  A TYR A 1 162 ? -14.599 -6.025  10.056  0.51 16.50 ? 136 TYR A OH  1 
ATOM   1116 O OH  B TYR A 1 162 ? -15.147 -6.724  7.577   0.49 12.38 ? 136 TYR A OH  1 
ATOM   1117 N N   . PHE A 1 163 ? -9.080  -5.257  8.793   1.00 8.93  ? 137 PHE A N   1 
ATOM   1118 C CA  . PHE A 1 163 ? -9.133  -4.168  9.762   1.00 9.58  ? 137 PHE A CA  1 
ATOM   1119 C C   . PHE A 1 163 ? -10.486 -3.484  9.678   1.00 9.67  ? 137 PHE A C   1 
ATOM   1120 O O   . PHE A 1 163 ? -10.899 -3.047  8.601   1.00 10.07 ? 137 PHE A O   1 
ATOM   1121 C CB  . PHE A 1 163 ? -8.027  -3.128  9.532   1.00 10.12 ? 137 PHE A CB  1 
ATOM   1122 C CG  . PHE A 1 163 ? -6.642  -3.660  9.783   1.00 9.01  ? 137 PHE A CG  1 
ATOM   1123 C CD1 . PHE A 1 163 ? -5.965  -4.360  8.807   1.00 10.80 ? 137 PHE A CD1 1 
ATOM   1124 C CD2 . PHE A 1 163 ? -6.037  -3.491  11.008  1.00 9.58  ? 137 PHE A CD2 1 
ATOM   1125 C CE1 . PHE A 1 163 ? -4.702  -4.883  9.065   1.00 11.56 ? 137 PHE A CE1 1 
ATOM   1126 C CE2 . PHE A 1 163 ? -4.787  -4.012  11.263  1.00 11.07 ? 137 PHE A CE2 1 
ATOM   1127 C CZ  . PHE A 1 163 ? -4.121  -4.695  10.303  1.00 11.79 ? 137 PHE A CZ  1 
ATOM   1128 N N   . LYS A 1 164 ? -11.155 -3.369  10.821  1.00 9.22  ? 138 LYS A N   1 
ATOM   1129 C CA  . LYS A 1 164 ? -12.415 -2.650  10.937  1.00 9.90  ? 138 LYS A CA  1 
ATOM   1130 C C   . LYS A 1 164 ? -12.123 -1.289  11.557  1.00 9.85  ? 138 LYS A C   1 
ATOM   1131 O O   . LYS A 1 164 ? -11.647 -1.208  12.697  1.00 10.41 ? 138 LYS A O   1 
ATOM   1132 C CB  . LYS A 1 164 ? -13.373 -3.435  11.832  1.00 11.23 ? 138 LYS A CB  1 
ATOM   1133 C CG  . LYS A 1 164 ? -14.728 -2.764  12.036  1.00 11.98 ? 138 LYS A CG  1 
ATOM   1134 C CD  . LYS A 1 164 ? -15.615 -3.550  13.022  1.00 14.06 ? 138 LYS A CD  1 
ATOM   1135 C CE  . LYS A 1 164 ? -16.964 -2.869  13.251  1.00 16.33 ? 138 LYS A CE  1 
ATOM   1136 N NZ  . LYS A 1 164 ? -17.887 -3.603  14.166  1.00 15.90 ? 138 LYS A NZ  1 
ATOM   1137 N N   . PHE A 1 165 ? -12.412 -0.237  10.809  1.00 9.00  ? 139 PHE A N   1 
ATOM   1138 C CA  . PHE A 1 165 ? -12.132 1.140   11.177  1.00 9.69  ? 139 PHE A CA  1 
ATOM   1139 C C   . PHE A 1 165 ? -13.419 1.878   11.528  1.00 11.45 ? 139 PHE A C   1 
ATOM   1140 O O   . PHE A 1 165 ? -14.483 1.644   10.942  1.00 12.05 ? 139 PHE A O   1 
ATOM   1141 C CB  . PHE A 1 165 ? -11.533 1.893   9.979   1.00 10.45 ? 139 PHE A CB  1 
ATOM   1142 C CG  . PHE A 1 165 ? -10.031 1.832   9.886   1.00 9.76  ? 139 PHE A CG  1 
ATOM   1143 C CD1 . PHE A 1 165 ? -9.385  0.739   9.335   1.00 11.33 ? 139 PHE A CD1 1 
ATOM   1144 C CD2 . PHE A 1 165 ? -9.265  2.885   10.347  1.00 11.83 ? 139 PHE A CD2 1 
ATOM   1145 C CE1 . PHE A 1 165 ? -7.985  0.711   9.247   1.00 10.60 ? 139 PHE A CE1 1 
ATOM   1146 C CE2 . PHE A 1 165 ? -7.880  2.855   10.252  1.00 12.78 ? 139 PHE A CE2 1 
ATOM   1147 C CZ  . PHE A 1 165 ? -7.247  1.766   9.697   1.00 11.06 ? 139 PHE A CZ  1 
ATOM   1148 N N   . GLN A 1 166 ? -13.305 2.800   12.473  1.00 11.63 ? 140 GLN A N   1 
ATOM   1149 C CA  . GLN A 1 166 ? -14.298 3.851   12.660  1.00 14.02 ? 140 GLN A CA  1 
ATOM   1150 C C   . GLN A 1 166 ? -13.624 5.162   12.293  1.00 17.37 ? 140 GLN A C   1 
ATOM   1151 O O   . GLN A 1 166 ? -12.682 5.590   12.969  1.00 17.78 ? 140 GLN A O   1 
ATOM   1152 C CB  . GLN A 1 166 ? -14.802 3.891   14.098  1.00 17.19 ? 140 GLN A CB  1 
ATOM   1153 C CG  . GLN A 1 166 ? -15.947 4.879   14.308  1.00 25.38 ? 140 GLN A CG  1 
ATOM   1154 C CD  . GLN A 1 166 ? -16.565 4.770   15.687  1.00 36.23 ? 140 GLN A CD  1 
ATOM   1155 O OE1 . GLN A 1 166 ? -15.931 5.104   16.688  1.00 41.46 ? 140 GLN A OE1 1 
ATOM   1156 N NE2 . GLN A 1 166 ? -17.807 4.305   15.746  1.00 42.90 ? 140 GLN A NE2 1 
ATOM   1157 N N   . GLY A 1 167 ? -14.096 5.791   11.220  1.00 16.23 ? 141 GLY A N   1 
ATOM   1158 C CA  . GLY A 1 167 ? -13.380 6.938   10.715  1.00 18.97 ? 141 GLY A CA  1 
ATOM   1159 C C   . GLY A 1 167 ? -12.045 6.503   10.130  1.00 16.57 ? 141 GLY A C   1 
ATOM   1160 O O   . GLY A 1 167 ? -11.823 5.332   9.804   1.00 19.87 ? 141 GLY A O   1 
ATOM   1161 N N   . GLN A 1 168 ? -11.136 7.462   10.015  1.00 17.44 ? 142 GLN A N   1 
ATOM   1162 C CA  . GLN A 1 168 ? -9.837  7.191   9.416   1.00 16.20 ? 142 GLN A CA  1 
ATOM   1163 C C   . GLN A 1 168 ? -8.744  6.913   10.438  1.00 17.36 ? 142 GLN A C   1 
ATOM   1164 O O   . GLN A 1 168 ? -7.627  6.566   10.048  1.00 16.18 ? 142 GLN A O   1 
ATOM   1165 C CB  . GLN A 1 168 ? -9.424  8.341   8.486   1.00 24.85 ? 142 GLN A CB  1 
ATOM   1166 C CG  . GLN A 1 168 ? -10.154 8.323   7.150   1.00 32.67 ? 142 GLN A CG  1 
ATOM   1167 C CD  . GLN A 1 168 ? -9.511  9.219   6.111   1.00 41.39 ? 142 GLN A CD  1 
ATOM   1168 O OE1 . GLN A 1 168 ? -8.416  8.939   5.626   1.00 42.49 ? 142 GLN A OE1 1 
ATOM   1169 N NE2 . GLN A 1 168 ? -10.198 10.298  5.751   1.00 52.94 ? 142 GLN A NE2 1 
ATOM   1170 N N   . ASP A 1 169 ? -9.043  7.007   11.736  1.00 14.97 ? 143 ASP A N   1 
ATOM   1171 C CA  . ASP A 1 169 ? -8.005  6.962   12.754  1.00 16.95 ? 143 ASP A CA  1 
ATOM   1172 C C   . ASP A 1 169 ? -8.120  5.813   13.740  1.00 14.49 ? 143 ASP A C   1 
ATOM   1173 O O   . ASP A 1 169 ? -7.130  5.514   14.414  1.00 21.12 ? 143 ASP A O   1 
ATOM   1174 C CB  . ASP A 1 169 ? -7.981  8.271   13.561  1.00 18.40 ? 143 ASP A CB  1 
ATOM   1175 C CG  . ASP A 1 169 ? -7.650  9.481   12.713  1.00 24.42 ? 143 ASP A CG  1 
ATOM   1176 O OD1 . ASP A 1 169 ? -7.006  9.320   11.656  1.00 25.52 ? 143 ASP A OD1 1 
ATOM   1177 O OD2 . ASP A 1 169 ? -8.039  10.600  13.111  1.00 32.40 ? 143 ASP A OD2 1 
ATOM   1178 N N   . THR A 1 170 ? -9.275  5.166   13.854  1.00 13.15 ? 144 THR A N   1 
ATOM   1179 C CA  . THR A 1 170 ? -9.531  4.229   14.940  1.00 11.69 ? 144 THR A CA  1 
ATOM   1180 C C   . THR A 1 170 ? -9.732  2.827   14.395  1.00 9.46  ? 144 THR A C   1 
ATOM   1181 O O   . THR A 1 170 ? -10.662 2.584   13.619  1.00 11.56 ? 144 THR A O   1 
ATOM   1182 C CB  . THR A 1 170 ? -10.770 4.650   15.733  1.00 13.13 ? 144 THR A CB  1 
ATOM   1183 O OG1 . THR A 1 170 ? -10.590 5.981   16.222  1.00 15.95 ? 144 THR A OG1 1 
ATOM   1184 C CG2 . THR A 1 170 ? -10.993 3.713   16.902  1.00 14.65 ? 144 THR A CG2 1 
ATOM   1185 N N   . ILE A 1 171 ? -8.882  1.907   14.823  1.00 9.58  ? 145 ILE A N   1 
ATOM   1186 C CA  . ILE A 1 171 ? -9.069  0.492   14.533  1.00 9.94  ? 145 ILE A CA  1 
ATOM   1187 C C   . ILE A 1 171 ? -9.914  -0.099  15.655  1.00 9.69  ? 145 ILE A C   1 
ATOM   1188 O O   . ILE A 1 171 ? -9.484  -0.166  16.811  1.00 10.71 ? 145 ILE A O   1 
ATOM   1189 C CB  . ILE A 1 171 ? -7.729  -0.239  14.420  1.00 9.94  ? 145 ILE A CB  1 
ATOM   1190 C CG1 . ILE A 1 171 ? -6.894  0.344   13.277  1.00 11.13 ? 145 ILE A CG1 1 
ATOM   1191 C CG2 . ILE A 1 171 ? -7.959  -1.732  14.254  1.00 10.90 ? 145 ILE A CG2 1 
ATOM   1192 C CD1 . ILE A 1 171 ? -5.450  -0.132  13.278  1.00 13.51 ? 145 ILE A CD1 1 
ATOM   1193 N N   . LEU A 1 172 ? -11.119 -0.529  15.313  1.00 9.56  ? 146 LEU A N   1 
ATOM   1194 C CA  . LEU A 1 172 ? -12.001 -1.153  16.292  1.00 9.70  ? 146 LEU A CA  1 
ATOM   1195 C C   . LEU A 1 172 ? -11.606 -2.597  16.551  1.00 11.23 ? 146 LEU A C   1 
ATOM   1196 O O   . LEU A 1 172 ? -11.619 -3.043  17.704  1.00 12.12 ? 146 LEU A O   1 
ATOM   1197 C CB  . LEU A 1 172 ? -13.445 -1.087  15.793  1.00 11.68 ? 146 LEU A CB  1 
ATOM   1198 C CG  . LEU A 1 172 ? -14.058 0.308   15.620  1.00 11.65 ? 146 LEU A CG  1 
ATOM   1199 C CD1 . LEU A 1 172 ? -15.446 0.192   15.035  1.00 14.80 ? 146 LEU A CD1 1 
ATOM   1200 C CD2 . LEU A 1 172 ? -14.096 1.056   16.942  1.00 14.34 ? 146 LEU A CD2 1 
ATOM   1201 N N   . ASP A 1 173 ? -11.276 -3.344  15.501  1.00 10.06 ? 147 ASP A N   1 
ATOM   1202 C CA  . ASP A 1 173 ? -10.930 -4.755  15.600  1.00 10.27 ? 147 ASP A CA  1 
ATOM   1203 C C   . ASP A 1 173 ? -10.091 -5.094  14.383  1.00 9.14  ? 147 ASP A C   1 
ATOM   1204 O O   . ASP A 1 173 ? -10.171 -4.416  13.354  1.00 10.15 ? 147 ASP A O   1 
ATOM   1205 C CB  . ASP A 1 173 ? -12.167 -5.670  15.571  1.00 15.21 ? 147 ASP A CB  1 
ATOM   1206 C CG  . ASP A 1 173 ? -13.221 -5.284  16.582  1.00 14.39 ? 147 ASP A CG  1 
ATOM   1207 O OD1 . ASP A 1 173 ? -14.054 -4.425  16.240  1.00 14.96 ? 147 ASP A OD1 1 
ATOM   1208 O OD2 . ASP A 1 173 ? -13.238 -5.853  17.690  1.00 14.89 ? 147 ASP A OD2 1 
ATOM   1209 N N   . TYR A 1 174 ? -9.315  -6.162  14.482  1.00 9.76  ? 148 TYR A N   1 
ATOM   1210 C CA  . TYR A 1 174 ? -8.544  -6.591  13.326  1.00 10.29 ? 148 TYR A CA  1 
ATOM   1211 C C   . TYR A 1 174 ? -8.159  -8.047  13.485  1.00 11.44 ? 148 TYR A C   1 
ATOM   1212 O O   . TYR A 1 174 ? -8.196  -8.602  14.588  1.00 13.13 ? 148 TYR A O   1 
ATOM   1213 C CB  . TYR A 1 174 ? -7.280  -5.751  13.131  1.00 11.07 ? 148 TYR A CB  1 
ATOM   1214 C CG  . TYR A 1 174 ? -6.154  -6.135  14.054  1.00 13.13 ? 148 TYR A CG  1 
ATOM   1215 C CD1 . TYR A 1 174 ? -6.138  -5.704  15.375  1.00 14.38 ? 148 TYR A CD1 1 
ATOM   1216 C CD2 . TYR A 1 174 ? -5.114  -6.943  13.617  1.00 13.70 ? 148 TYR A CD2 1 
ATOM   1217 C CE1 . TYR A 1 174 ? -5.116  -6.057  16.233  1.00 18.33 ? 148 TYR A CE1 1 
ATOM   1218 C CE2 . TYR A 1 174 ? -4.087  -7.304  14.466  1.00 16.27 ? 148 TYR A CE2 1 
ATOM   1219 C CZ  . TYR A 1 174 ? -4.094  -6.857  15.769  1.00 18.35 ? 148 TYR A CZ  1 
ATOM   1220 O OH  . TYR A 1 174 ? -3.070  -7.219  16.618  1.00 22.64 ? 148 TYR A OH  1 
ATOM   1221 N N   . THR A 1 175 ? -7.777  -8.657  12.370  1.00 11.44 ? 149 THR A N   1 
ATOM   1222 C CA  . THR A 1 175 ? -7.057  -9.919  12.377  1.00 12.08 ? 149 THR A CA  1 
ATOM   1223 C C   . THR A 1 175 ? -5.911  -9.811  11.389  1.00 11.48 ? 149 THR A C   1 
ATOM   1224 O O   . THR A 1 175 ? -5.992  -9.080  10.399  1.00 11.29 ? 149 THR A O   1 
ATOM   1225 C CB  . THR A 1 175 ? -7.939  -11.114 11.980  1.00 13.73 ? 149 THR A CB  1 
ATOM   1226 O OG1 . THR A 1 175 ? -8.448  -10.925 10.658  1.00 17.83 ? 149 THR A OG1 1 
ATOM   1227 C CG2 . THR A 1 175 ? -9.090  -11.294 12.959  1.00 19.25 ? 149 THR A CG2 1 
ATOM   1228 N N   . LEU A 1 176 ? -4.838  -10.538 11.665  1.00 11.98 ? 150 LEU A N   1 
ATOM   1229 C CA  . LEU A 1 176 ? -3.669  -10.504 10.791  1.00 11.64 ? 150 LEU A CA  1 
ATOM   1230 C C   . LEU A 1 176 ? -2.909  -11.800 10.996  1.00 12.52 ? 150 LEU A C   1 
ATOM   1231 O O   . LEU A 1 176 ? -2.559  -12.140 12.136  1.00 15.97 ? 150 LEU A O   1 
ATOM   1232 C CB  . LEU A 1 176 ? -2.791  -9.313  11.142  1.00 13.35 ? 150 LEU A CB  1 
ATOM   1233 C CG  . LEU A 1 176 ? -1.555  -9.095  10.264  1.00 12.78 ? 150 LEU A CG  1 
ATOM   1234 C CD1 . LEU A 1 176 ? -1.932  -8.897  8.802   1.00 12.18 ? 150 LEU A CD1 1 
ATOM   1235 C CD2 . LEU A 1 176 ? -0.730  -7.922  10.760  1.00 14.71 ? 150 LEU A CD2 1 
ATOM   1236 N N   . ARG A 1 177 ? -2.680  -12.528 9.917   1.00 10.99 ? 151 ARG A N   1 
ATOM   1237 C CA  . ARG A 1 177 ? -1.980  -13.799 9.996   1.00 12.69 ? 151 ARG A CA  1 
ATOM   1238 C C   . ARG A 1 177 ? -1.015  -13.915 8.825   1.00 11.86 ? 151 ARG A C   1 
ATOM   1239 O O   . ARG A 1 177 ? -1.289  -13.417 7.725   1.00 12.13 ? 151 ARG A O   1 
ATOM   1240 C CB  . ARG A 1 177 ? -2.963  -14.978 10.010  1.00 20.44 ? 151 ARG A CB  1 
ATOM   1241 C CG  . ARG A 1 177 ? -3.296  -15.559 8.653   1.00 20.70 ? 151 ARG A CG  1 
ATOM   1242 C CD  . ARG A 1 177 ? -4.297  -16.701 8.778   1.00 27.03 ? 151 ARG A CD  1 
ATOM   1243 N NE  . ARG A 1 177 ? -4.043  -17.763 7.808   1.00 33.49 ? 151 ARG A NE  1 
ATOM   1244 C CZ  . ARG A 1 177 ? -4.696  -17.902 6.659   1.00 32.99 ? 151 ARG A CZ  1 
ATOM   1245 N NH1 . ARG A 1 177 ? -5.647  -17.043 6.323   1.00 42.26 ? 151 ARG A NH1 1 
ATOM   1246 N NH2 . ARG A 1 177 ? -4.393  -18.899 5.841   1.00 40.02 ? 151 ARG A NH2 1 
ATOM   1247 N N   . GLU A 1 178 ? 0.128   -14.545 9.070   1.00 12.20 ? 152 GLU A N   1 
ATOM   1248 C CA  . GLU A 1 178 ? 1.061   -14.838 7.996   1.00 11.23 ? 152 GLU A CA  1 
ATOM   1249 C C   . GLU A 1 178 ? 0.565   -16.038 7.208   1.00 12.33 ? 152 GLU A C   1 
ATOM   1250 O O   . GLU A 1 178 ? -0.095  -16.930 7.751   1.00 15.05 ? 152 GLU A O   1 
ATOM   1251 C CB  . GLU A 1 178 ? 2.448   -15.118 8.564   1.00 12.37 ? 152 GLU A CB  1 
ATOM   1252 C CG  . GLU A 1 178 ? 3.035   -13.907 9.230   1.00 16.52 ? 152 GLU A CG  1 
ATOM   1253 C CD  . GLU A 1 178 ? 4.458   -14.109 9.708   1.00 15.36 ? 152 GLU A CD  1 
ATOM   1254 O OE1 . GLU A 1 178 ? 5.120   -15.068 9.266   1.00 17.35 ? 152 GLU A OE1 1 
ATOM   1255 O OE2 . GLU A 1 178 ? 4.905   -13.287 10.528  1.00 18.48 ? 152 GLU A OE2 1 
ATOM   1256 N N   . VAL A 1 179 ? 0.853   -16.037 5.909   1.00 11.48 ? 153 VAL A N   1 
ATOM   1257 C CA  . VAL A 1 179 ? 0.419   -17.094 5.007   1.00 12.54 ? 153 VAL A CA  1 
ATOM   1258 C C   . VAL A 1 179 ? 1.593   -17.496 4.129   1.00 13.16 ? 153 VAL A C   1 
ATOM   1259 O O   . VAL A 1 179 ? 2.542   -16.735 3.928   1.00 13.84 ? 153 VAL A O   1 
ATOM   1260 C CB  . VAL A 1 179 ? -0.772  -16.660 4.117   1.00 13.23 ? 153 VAL A CB  1 
ATOM   1261 C CG1 . VAL A 1 179 ? -1.987  -16.306 4.964   1.00 16.63 ? 153 VAL A CG1 1 
ATOM   1262 C CG2 . VAL A 1 179 ? -0.375  -15.494 3.205   1.00 13.47 ? 153 VAL A CG2 1 
ATOM   1263 N N   . ASP A 1 180 ? 1.513   -18.712 3.592   1.00 15.47 ? 154 ASP A N   1 
ATOM   1264 C CA  . ASP A 1 180 ? 2.467   -19.136 2.580   1.00 16.17 ? 154 ASP A CA  1 
ATOM   1265 C C   . ASP A 1 180 ? 2.039   -18.747 1.177   1.00 14.71 ? 154 ASP A C   1 
ATOM   1266 O O   . ASP A 1 180 ? 2.893   -18.574 0.303   1.00 18.05 ? 154 ASP A O   1 
ATOM   1267 C CB  . ASP A 1 180 ? 2.648   -20.653 2.628   1.00 20.17 ? 154 ASP A CB  1 
ATOM   1268 C CG  . ASP A 1 180 ? 3.415   -21.103 3.843   1.00 24.54 ? 154 ASP A CG  1 
ATOM   1269 O OD1 . ASP A 1 180 ? 4.302   -20.348 4.291   1.00 26.10 ? 154 ASP A OD1 1 
ATOM   1270 O OD2 . ASP A 1 180 ? 3.137   -22.212 4.341   1.00 32.48 ? 154 ASP A OD2 1 
ATOM   1271 N N   . THR A 1 181 ? 0.735   -18.618 0.937   1.00 15.62 ? 155 THR A N   1 
ATOM   1272 C CA  . THR A 1 181 ? 0.215   -18.248 -0.371  1.00 15.71 ? 155 THR A CA  1 
ATOM   1273 C C   . THR A 1 181 ? -0.722  -17.065 -0.184  1.00 12.92 ? 155 THR A C   1 
ATOM   1274 O O   . THR A 1 181 ? -1.673  -17.138 0.595   1.00 15.36 ? 155 THR A O   1 
ATOM   1275 C CB  . THR A 1 181 ? -0.519  -19.424 -1.034  1.00 18.33 ? 155 THR A CB  1 
ATOM   1276 O OG1 . THR A 1 181 ? 0.234   -20.631 -0.844  1.00 23.94 ? 155 THR A OG1 1 
ATOM   1277 C CG2 . THR A 1 181 ? -0.689  -19.169 -2.520  1.00 21.33 ? 155 THR A CG2 1 
ATOM   1278 N N   . VAL A 1 182 ? -0.443  -15.972 -0.881  1.00 13.73 ? 156 VAL A N   1 
ATOM   1279 C CA  . VAL A 1 182 ? -1.295  -14.802 -0.806  1.00 13.33 ? 156 VAL A CA  1 
ATOM   1280 C C   . VAL A 1 182 ? -2.637  -15.078 -1.474  1.00 16.23 ? 156 VAL A C   1 
ATOM   1281 O O   . VAL A 1 182 ? -2.685  -15.679 -2.552  1.00 17.58 ? 156 VAL A O   1 
ATOM   1282 C CB  . VAL A 1 182 ? -0.589  -13.596 -1.438  1.00 12.44 ? 156 VAL A CB  1 
ATOM   1283 C CG1 . VAL A 1 182 ? -1.512  -12.379 -1.457  1.00 15.43 ? 156 VAL A CG1 1 
ATOM   1284 C CG2 . VAL A 1 182 ? 0.699   -13.284 -0.690  1.00 13.74 ? 156 VAL A CG2 1 
ATOM   1285 O OXT . VAL A 1 182 ? -3.696  -14.719 -0.953  1.00 18.70 ? 156 VAL A OXT 1 
HETATM 1286 C C02 . BU8 B 2 .   ? -2.587  1.745   3.687   1.00 13.52 ? 201 BU8 A C02 1 
HETATM 1287 C C04 . BU8 B 2 .   ? -4.740  2.027   3.561   1.00 13.39 ? 201 BU8 A C04 1 
HETATM 1288 C C05 . BU8 B 2 .   ? -6.109  2.267   3.267   1.00 14.17 ? 201 BU8 A C05 1 
HETATM 1289 C C06 . BU8 B 2 .   ? -7.047  2.080   4.285   1.00 17.10 ? 201 BU8 A C06 1 
HETATM 1290 C C07 . BU8 B 2 .   ? -6.618  1.676   5.546   1.00 15.55 ? 201 BU8 A C07 1 
HETATM 1291 C C09 . BU8 B 2 .   ? -4.403  1.619   4.823   1.00 12.06 ? 201 BU8 A C09 1 
HETATM 1292 N N01 . BU8 B 2 .   ? -1.187  1.688   3.358   1.00 14.70 ? 201 BU8 A N01 1 
HETATM 1293 N N03 . BU8 B 2 .   ? -3.576  2.096   2.864   1.00 13.05 ? 201 BU8 A N03 1 
HETATM 1294 N N08 . BU8 B 2 .   ? -5.332  1.466   5.786   1.00 15.10 ? 201 BU8 A N08 1 
HETATM 1295 N N10 . BU8 B 2 .   ? -3.062  1.459   4.878   1.00 13.26 ? 201 BU8 A N10 1 
HETATM 1296 S S   . SO4 C 3 .   ? 4.845   -13.915 -6.807  0.50 16.08 ? 202 SO4 A S   1 
HETATM 1297 O O1  . SO4 C 3 .   ? 4.464   -14.964 -5.869  0.50 20.76 ? 202 SO4 A O1  1 
HETATM 1298 O O2  . SO4 C 3 .   ? 4.947   -14.477 -8.151  0.50 24.98 ? 202 SO4 A O2  1 
HETATM 1299 O O3  . SO4 C 3 .   ? 6.139   -13.364 -6.426  0.50 22.54 ? 202 SO4 A O3  1 
HETATM 1300 O O4  . SO4 C 3 .   ? 3.849   -12.849 -6.820  0.50 12.95 ? 202 SO4 A O4  1 
HETATM 1301 S S   . SO4 D 3 .   ? -17.141 -3.617  17.734  0.50 14.40 ? 203 SO4 A S   1 
HETATM 1302 O O1  . SO4 D 3 .   ? -17.436 -4.812  16.941  0.50 16.01 ? 203 SO4 A O1  1 
HETATM 1303 O O2  . SO4 D 3 .   ? -17.950 -3.638  18.953  0.50 19.30 ? 203 SO4 A O2  1 
HETATM 1304 O O3  . SO4 D 3 .   ? -15.724 -3.582  18.103  0.50 16.01 ? 203 SO4 A O3  1 
HETATM 1305 O O4  . SO4 D 3 .   ? -17.458 -2.428  16.940  0.50 19.30 ? 203 SO4 A O4  1 
HETATM 1306 O O   . HOH E 4 .   ? -7.509  -15.928 5.971   1.00 35.24 ? 301 HOH A O   1 
HETATM 1307 O O   . HOH E 4 .   ? -15.968 -7.103  11.429  1.00 24.43 ? 302 HOH A O   1 
HETATM 1308 O O   . HOH E 4 .   ? -3.872  -20.435 4.310   1.00 24.70 ? 303 HOH A O   1 
HETATM 1309 O O   . HOH E 4 .   ? 14.958  8.056   6.361   1.00 20.98 ? 304 HOH A O   1 
HETATM 1310 O O   . HOH E 4 .   ? -9.650  -10.485 -3.996  1.00 24.51 ? 305 HOH A O   1 
HETATM 1311 O O   . HOH E 4 .   ? -0.481  -22.640 -1.851  1.00 21.63 ? 306 HOH A O   1 
HETATM 1312 O O   . HOH E 4 .   ? 10.311  -6.331  -10.157 1.00 31.20 ? 307 HOH A O   1 
HETATM 1313 O O   . HOH E 4 .   ? 7.191   -15.768 -3.211  1.00 41.09 ? 308 HOH A O   1 
HETATM 1314 O O   . HOH E 4 .   ? 0.745   3.568   13.934  1.00 27.28 ? 309 HOH A O   1 
HETATM 1315 O O   . HOH E 4 .   ? -16.810 -8.571  7.300   1.00 25.13 ? 310 HOH A O   1 
HETATM 1316 O O   . HOH E 4 .   ? 1.212   -4.288  -17.301 1.00 34.00 ? 311 HOH A O   1 
HETATM 1317 O O   . HOH E 4 .   ? 5.187   -10.386 -11.976 1.00 35.83 ? 312 HOH A O   1 
HETATM 1318 O O   . HOH E 4 .   ? -2.563  5.076   -16.799 1.00 29.41 ? 313 HOH A O   1 
HETATM 1319 O O   . HOH E 4 .   ? 7.378   -13.468 11.052  1.00 15.98 ? 314 HOH A O   1 
HETATM 1320 O O   . HOH E 4 .   ? 12.710  -3.459  -17.723 1.00 24.55 ? 315 HOH A O   1 
HETATM 1321 O O   . HOH E 4 .   ? 11.357  -7.112  -7.427  1.00 28.26 ? 316 HOH A O   1 
HETATM 1322 O O   . HOH E 4 .   ? 17.525  7.288   -0.450  1.00 27.44 ? 317 HOH A O   1 
HETATM 1323 O O   . HOH E 4 .   ? 16.526  6.885   2.203   1.00 27.31 ? 318 HOH A O   1 
HETATM 1324 O O   . HOH E 4 .   ? 3.502   11.772  -8.635  1.00 18.55 ? 319 HOH A O   1 
HETATM 1325 O O   . HOH E 4 .   ? -11.268 7.653   13.599  1.00 22.49 ? 320 HOH A O   1 
HETATM 1326 O O   . HOH E 4 .   ? -19.795 -5.296  -4.341  1.00 29.39 ? 321 HOH A O   1 
HETATM 1327 O O   . HOH E 4 .   ? -0.833  -16.265 -4.272  1.00 23.82 ? 322 HOH A O   1 
HETATM 1328 O O   . HOH E 4 .   ? -3.531  6.214   -3.822  1.00 24.50 ? 323 HOH A O   1 
HETATM 1329 O O   . HOH E 4 .   ? -6.003  -18.296 3.879   1.00 33.36 ? 324 HOH A O   1 
HETATM 1330 O O   . HOH E 4 .   ? 2.907   -11.480 -8.898  1.00 27.74 ? 325 HOH A O   1 
HETATM 1331 O O   . HOH E 4 .   ? -16.922 -5.001  -6.547  1.00 33.93 ? 326 HOH A O   1 
HETATM 1332 O O   . HOH E 4 .   ? -4.854  -6.281  -17.748 1.00 21.64 ? 327 HOH A O   1 
HETATM 1333 O O   . HOH E 4 .   ? -4.703  15.496  -10.998 1.00 29.59 ? 328 HOH A O   1 
HETATM 1334 O O   . HOH E 4 .   ? -1.239  14.639  -12.060 1.00 21.14 ? 329 HOH A O   1 
HETATM 1335 O O   . HOH E 4 .   ? -16.411 4.854   9.565   1.00 21.92 ? 330 HOH A O   1 
HETATM 1336 O O   . HOH E 4 .   ? 11.152  -1.693  -14.615 1.00 28.81 ? 331 HOH A O   1 
HETATM 1337 O O   . HOH E 4 .   ? -18.610 -3.726  -15.257 1.00 23.13 ? 332 HOH A O   1 
HETATM 1338 O O   . HOH E 4 .   ? -9.081  -2.436  -18.892 1.00 32.77 ? 333 HOH A O   1 
HETATM 1339 O O   . HOH E 4 .   ? 7.773   17.283  -9.785  1.00 23.11 ? 334 HOH A O   1 
HETATM 1340 O O   . HOH E 4 .   ? 11.153  9.557   8.759   1.00 26.33 ? 335 HOH A O   1 
HETATM 1341 O O   . HOH E 4 .   ? -3.495  -9.898  -2.702  1.00 22.11 ? 336 HOH A O   1 
HETATM 1342 O O   . HOH E 4 .   ? 9.709   16.317  -0.135  1.00 26.31 ? 337 HOH A O   1 
HETATM 1343 O O   . HOH E 4 .   ? 17.968  1.167   6.376   1.00 31.98 ? 338 HOH A O   1 
HETATM 1344 O O   . HOH E 4 .   ? -1.825  5.261   -2.633  1.00 28.36 ? 339 HOH A O   1 
HETATM 1345 O O   . HOH E 4 .   ? -0.980  -20.294 2.191   1.00 26.57 ? 340 HOH A O   1 
HETATM 1346 O O   . HOH E 4 .   ? 4.575   -23.897 5.903   1.00 31.10 ? 341 HOH A O   1 
HETATM 1347 O O   . HOH E 4 .   ? 6.253   2.303   -2.809  1.00 10.58 ? 342 HOH A O   1 
HETATM 1348 O O   . HOH E 4 .   ? 13.293  -4.947  4.693   1.00 28.92 ? 343 HOH A O   1 
HETATM 1349 O O   . HOH E 4 .   ? -6.431  5.864   -12.579 1.00 34.32 ? 344 HOH A O   1 
HETATM 1350 O O   . HOH E 4 .   ? 5.276   -1.568  14.204  1.00 28.34 ? 345 HOH A O   1 
HETATM 1351 O O   . HOH E 4 .   ? 3.748   -14.375 -3.313  1.00 19.13 ? 346 HOH A O   1 
HETATM 1352 O O   . HOH E 4 .   ? 6.639   -2.931  -17.055 1.00 20.24 ? 347 HOH A O   1 
HETATM 1353 O O   . HOH E 4 .   ? -10.290 -4.404  19.665  1.00 25.08 ? 348 HOH A O   1 
HETATM 1354 O O   . HOH E 4 .   ? -0.385  4.642   5.233   1.00 9.60  ? 349 HOH A O   1 
HETATM 1355 O O   . HOH E 4 .   ? -10.575 -11.962 9.274   1.00 27.36 ? 350 HOH A O   1 
HETATM 1356 O O   . HOH E 4 .   ? -22.959 4.893   3.627   1.00 28.47 ? 351 HOH A O   1 
HETATM 1357 O O   . HOH E 4 .   ? -2.227  19.434  -4.745  1.00 33.76 ? 352 HOH A O   1 
HETATM 1358 O O   . HOH E 4 .   ? -6.733  4.759   -16.366 1.00 37.44 ? 353 HOH A O   1 
HETATM 1359 O O   . HOH E 4 .   ? 18.705  0.244   -0.231  1.00 22.70 ? 354 HOH A O   1 
HETATM 1360 O O   . HOH E 4 .   ? -15.552 1.423   0.692   1.00 29.97 ? 355 HOH A O   1 
HETATM 1361 O O   . HOH E 4 .   ? 14.292  -5.446  -1.155  1.00 30.24 ? 356 HOH A O   1 
HETATM 1362 O O   . HOH E 4 .   ? -3.606  -18.297 2.183   1.00 17.66 ? 357 HOH A O   1 
HETATM 1363 O O   . HOH E 4 .   ? 13.519  10.311  4.521   1.00 28.14 ? 358 HOH A O   1 
HETATM 1364 O O   . HOH E 4 .   ? 1.028   3.290   11.093  1.00 13.29 ? 359 HOH A O   1 
HETATM 1365 O O   . HOH E 4 .   ? 8.232   -7.935  1.248   1.00 19.56 ? 360 HOH A O   1 
HETATM 1366 O O   . HOH E 4 .   ? -12.747 -7.854  -4.131  1.00 30.03 ? 361 HOH A O   1 
HETATM 1367 O O   . HOH E 4 .   ? -8.379  6.775   17.692  1.00 24.34 ? 362 HOH A O   1 
HETATM 1368 O O   . HOH E 4 .   ? 16.683  2.191   -7.385  1.00 31.17 ? 363 HOH A O   1 
HETATM 1369 O O   . HOH E 4 .   ? -2.139  8.156   2.114   1.00 21.62 ? 364 HOH A O   1 
HETATM 1370 O O   . HOH E 4 .   ? -5.892  -10.365 -11.623 1.00 20.94 ? 365 HOH A O   1 
HETATM 1371 O O   . HOH E 4 .   ? -14.823 -1.175  -19.604 1.00 15.64 ? 366 HOH A O   1 
HETATM 1372 O O   . HOH E 4 .   ? -4.102  2.636   0.182   1.00 19.04 ? 367 HOH A O   1 
HETATM 1373 O O   . HOH E 4 .   ? 9.882   4.059   12.508  1.00 28.79 ? 368 HOH A O   1 
HETATM 1374 O O   . HOH E 4 .   ? -2.877  -10.245 -5.795  1.00 20.22 ? 369 HOH A O   1 
HETATM 1375 O O   . HOH E 4 .   ? -5.477  5.939   -6.717  1.00 23.25 ? 370 HOH A O   1 
HETATM 1376 O O   . HOH E 4 .   ? -4.905  -0.648  -9.437  1.00 16.13 ? 371 HOH A O   1 
HETATM 1377 O O   . HOH E 4 .   ? -3.482  -1.914  -17.442 1.00 33.42 ? 372 HOH A O   1 
HETATM 1378 O O   . HOH E 4 .   ? -0.302  -1.991  -16.409 1.00 19.97 ? 373 HOH A O   1 
HETATM 1379 O O   . HOH E 4 .   ? -14.663 0.748   -2.079  1.00 22.63 ? 374 HOH A O   1 
HETATM 1380 O O   . HOH E 4 .   ? 4.992   -15.748 4.862   1.00 15.96 ? 375 HOH A O   1 
HETATM 1381 O O   . HOH E 4 .   ? -1.152  -9.649  -15.013 1.00 24.48 ? 376 HOH A O   1 
HETATM 1382 O O   . HOH E 4 .   ? 8.998   14.016  -4.536  1.00 21.94 ? 377 HOH A O   1 
HETATM 1383 O O   . HOH E 4 .   ? -1.101  1.656   14.933  1.00 20.82 ? 378 HOH A O   1 
HETATM 1384 O O   . HOH E 4 .   ? 4.876   0.882   -13.197 1.00 12.62 ? 379 HOH A O   1 
HETATM 1385 O O   . HOH E 4 .   ? 6.800   -10.178 1.628   1.00 20.23 ? 380 HOH A O   1 
HETATM 1386 O O   . HOH E 4 .   ? -16.693 -0.700  4.636   1.00 11.91 ? 381 HOH A O   1 
HETATM 1387 O O   . HOH E 4 .   ? -11.721 -7.907  18.917  1.00 32.71 ? 382 HOH A O   1 
HETATM 1388 O O   . HOH E 4 .   ? -6.655  -12.082 8.793   1.00 19.65 ? 383 HOH A O   1 
HETATM 1389 O O   A HOH E 4 .   ? -0.694  12.011  8.908   0.55 20.14 ? 384 HOH A O   1 
HETATM 1390 O O   . HOH E 4 .   ? -0.974  6.060   12.601  1.00 23.98 ? 385 HOH A O   1 
HETATM 1391 O O   . HOH E 4 .   ? 18.760  0.711   -3.008  1.00 31.72 ? 386 HOH A O   1 
HETATM 1392 O O   . HOH E 4 .   ? 10.333  8.814   -13.840 1.00 22.99 ? 387 HOH A O   1 
HETATM 1393 O O   . HOH E 4 .   ? -11.932 -1.496  -8.377  1.00 18.27 ? 388 HOH A O   1 
HETATM 1394 O O   . HOH E 4 .   ? 14.314  -4.667  2.270   1.00 25.89 ? 389 HOH A O   1 
HETATM 1395 O O   . HOH E 4 .   ? 18.633  -4.393  -4.546  1.00 38.59 ? 390 HOH A O   1 
HETATM 1396 O O   . HOH E 4 .   ? -9.347  -12.736 -3.033  1.00 35.66 ? 391 HOH A O   1 
HETATM 1397 O O   . HOH E 4 .   ? -19.273 -7.983  2.088   1.00 37.77 ? 392 HOH A O   1 
HETATM 1398 O O   . HOH E 4 .   ? 0.331   -11.329 -9.407  1.00 26.74 ? 393 HOH A O   1 
HETATM 1399 O O   . HOH E 4 .   ? 5.303   -17.037 7.188   1.00 22.07 ? 394 HOH A O   1 
HETATM 1400 O O   . HOH E 4 .   ? -2.962  -5.353  18.797  1.00 29.28 ? 395 HOH A O   1 
HETATM 1401 O O   . HOH E 4 .   ? -12.171 -1.102  -19.194 1.00 23.50 ? 396 HOH A O   1 
HETATM 1402 O O   . HOH E 4 .   ? 3.028   17.308  0.295   1.00 20.92 ? 397 HOH A O   1 
HETATM 1403 O O   . HOH E 4 .   ? -13.113 -4.449  20.195  1.00 22.03 ? 398 HOH A O   1 
HETATM 1404 O O   . HOH E 4 .   ? -8.140  4.652   -7.735  1.00 17.69 ? 399 HOH A O   1 
HETATM 1405 O O   . HOH E 4 .   ? 0.727   -15.630 11.667  1.00 18.08 ? 400 HOH A O   1 
HETATM 1406 O O   . HOH E 4 .   ? -1.216  -9.340  -3.643  1.00 16.19 ? 401 HOH A O   1 
HETATM 1407 O O   . HOH E 4 .   ? 6.465   12.374  8.306   1.00 29.42 ? 402 HOH A O   1 
HETATM 1408 O O   . HOH E 4 .   ? 1.740   -16.123 -2.765  1.00 19.15 ? 403 HOH A O   1 
HETATM 1409 O O   . HOH E 4 .   ? 17.486  1.776   8.539   1.00 35.43 ? 404 HOH A O   1 
HETATM 1410 O O   . HOH E 4 .   ? 15.784  4.583   -14.862 1.00 26.48 ? 405 HOH A O   1 
HETATM 1411 O O   . HOH E 4 .   ? 10.377  -6.164  10.650  1.00 16.56 ? 406 HOH A O   1 
HETATM 1412 O O   . HOH E 4 .   ? -20.108 -1.736  13.909  1.00 25.70 ? 407 HOH A O   1 
HETATM 1413 O O   . HOH E 4 .   ? 6.489   7.904   13.128  1.00 25.43 ? 408 HOH A O   1 
HETATM 1414 O O   . HOH E 4 .   ? 1.576   -8.400  -14.841 1.00 33.74 ? 409 HOH A O   1 
HETATM 1415 O O   . HOH E 4 .   ? 10.892  -5.789  -2.503  1.00 21.34 ? 410 HOH A O   1 
HETATM 1416 O O   . HOH E 4 .   ? 10.856  -14.825 3.930   1.00 32.06 ? 411 HOH A O   1 
HETATM 1417 O O   . HOH E 4 .   ? -7.587  -10.924 4.238   1.00 28.38 ? 412 HOH A O   1 
HETATM 1418 O O   . HOH E 4 .   ? -13.094 0.342   -15.217 1.00 19.98 ? 413 HOH A O   1 
HETATM 1419 O O   . HOH E 4 .   ? -5.104  -11.755 14.340  1.00 21.82 ? 414 HOH A O   1 
HETATM 1420 O O   . HOH E 4 .   ? -18.829 2.029   0.598   1.00 19.39 ? 415 HOH A O   1 
HETATM 1421 O O   . HOH E 4 .   ? 14.612  -7.539  10.724  1.00 20.23 ? 416 HOH A O   1 
HETATM 1422 O O   . HOH E 4 .   ? -6.378  -10.248 16.240  1.00 27.00 ? 417 HOH A O   1 
HETATM 1423 O O   . HOH E 4 .   ? -8.467  3.081   -11.379 1.00 24.44 ? 418 HOH A O   1 
HETATM 1424 O O   . HOH E 4 .   ? 9.472   -16.882 4.881   1.00 33.39 ? 419 HOH A O   1 
HETATM 1425 O O   . HOH E 4 .   ? 10.966  2.226   11.543  1.00 34.95 ? 420 HOH A O   1 
HETATM 1426 O O   . HOH E 4 .   ? -3.253  -10.244 -11.306 1.00 18.51 ? 421 HOH A O   1 
HETATM 1427 O O   . HOH E 4 .   ? 3.488   10.532  -11.419 1.00 28.50 ? 422 HOH A O   1 
HETATM 1428 O O   . HOH E 4 .   ? 4.100   10.410  -4.652  1.00 21.33 ? 423 HOH A O   1 
HETATM 1429 O O   . HOH E 4 .   ? 17.020  0.457   -16.517 1.00 37.24 ? 424 HOH A O   1 
HETATM 1430 O O   . HOH E 4 .   ? 11.758  12.599  -11.362 1.00 34.71 ? 425 HOH A O   1 
HETATM 1431 O O   . HOH E 4 .   ? -4.795  7.211   13.634  1.00 36.06 ? 426 HOH A O   1 
HETATM 1432 O O   . HOH E 4 .   ? 9.678   15.322  -9.250  1.00 24.65 ? 427 HOH A O   1 
HETATM 1433 O O   . HOH E 4 .   ? -7.121  11.460  9.561   1.00 40.28 ? 428 HOH A O   1 
HETATM 1434 O O   . HOH E 4 .   ? -9.171  -6.932  17.380  1.00 19.97 ? 429 HOH A O   1 
HETATM 1435 O O   . HOH E 4 .   ? 3.040   3.529   15.309  1.00 29.50 ? 430 HOH A O   1 
HETATM 1436 O O   . HOH E 4 .   ? -2.978  -14.767 13.595  1.00 28.18 ? 431 HOH A O   1 
HETATM 1437 O O   . HOH E 4 .   ? -1.761  9.991   10.493  1.00 31.05 ? 432 HOH A O   1 
HETATM 1438 O O   . HOH E 4 .   ? -3.866  2.227   -2.496  1.00 25.30 ? 433 HOH A O   1 
HETATM 1439 O O   . HOH E 4 .   ? 10.894  -18.557 8.677   1.00 34.30 ? 434 HOH A O   1 
HETATM 1440 O O   . HOH E 4 .   ? 0.145   4.423   -15.855 1.00 33.64 ? 435 HOH A O   1 
HETATM 1441 O O   . HOH E 4 .   ? -11.948 10.307  10.802  1.00 24.40 ? 436 HOH A O   1 
HETATM 1442 O O   . HOH E 4 .   ? -0.834  9.142   14.752  1.00 36.77 ? 437 HOH A O   1 
HETATM 1443 O O   . HOH E 4 .   ? 10.459  14.876  -2.081  1.00 27.16 ? 438 HOH A O   1 
HETATM 1444 O O   . HOH E 4 .   ? -15.460 5.026   -9.138  1.00 39.02 ? 439 HOH A O   1 
HETATM 1445 O O   . HOH E 4 .   ? 3.356   -18.411 -2.768  1.00 35.01 ? 440 HOH A O   1 
HETATM 1446 O O   . HOH E 4 .   ? 14.369  -4.864  -16.468 1.00 37.38 ? 441 HOH A O   1 
HETATM 1447 O O   . HOH E 4 .   ? -0.248  12.085  -10.695 1.00 34.32 ? 442 HOH A O   1 
HETATM 1448 O O   . HOH E 4 .   ? -17.245 -0.546  -8.551  1.00 41.82 ? 443 HOH A O   1 
HETATM 1449 O O   . HOH E 4 .   ? 0.576   0.144   16.819  1.00 37.78 ? 444 HOH A O   1 
HETATM 1450 O O   . HOH E 4 .   ? -2.671  7.236   -0.552  1.00 35.65 ? 445 HOH A O   1 
HETATM 1451 O O   . HOH E 4 .   ? -3.808  12.892  7.722   1.00 34.39 ? 446 HOH A O   1 
HETATM 1452 O O   . HOH E 4 .   ? -5.353  5.820   1.176   1.00 34.19 ? 447 HOH A O   1 
HETATM 1453 O O   . HOH E 4 .   ? -19.278 4.782   18.530  1.00 41.34 ? 448 HOH A O   1 
HETATM 1454 O O   . HOH E 4 .   ? 10.012  16.045  -4.240  1.00 22.85 ? 449 HOH A O   1 
HETATM 1455 O O   . HOH E 4 .   ? -17.257 -9.422  -3.273  1.00 37.04 ? 450 HOH A O   1 
HETATM 1456 O O   . HOH E 4 .   ? -15.257 6.924   7.515   1.00 36.78 ? 451 HOH A O   1 
HETATM 1457 O O   . HOH E 4 .   ? -17.998 -2.962  -12.575 1.00 35.82 ? 452 HOH A O   1 
HETATM 1458 O O   . HOH E 4 .   ? 15.912  -0.179  -9.040  1.00 28.18 ? 453 HOH A O   1 
HETATM 1459 O O   . HOH E 4 .   ? 11.393  6.197   13.412  1.00 39.37 ? 454 HOH A O   1 
HETATM 1460 O O   . HOH E 4 .   ? 2.385   21.195  -3.635  1.00 30.77 ? 455 HOH A O   1 
HETATM 1461 O O   . HOH E 4 .   ? -16.597 1.483   -4.055  1.00 35.60 ? 456 HOH A O   1 
HETATM 1462 O O   . HOH E 4 .   ? 17.831  1.987   14.583  1.00 34.11 ? 457 HOH A O   1 
HETATM 1463 O O   . HOH E 4 .   ? -11.687 -10.639 11.281  1.00 32.91 ? 458 HOH A O   1 
HETATM 1464 O O   . HOH E 4 .   ? -5.150  -12.289 -2.704  1.00 26.87 ? 459 HOH A O   1 
HETATM 1465 O O   . HOH E 4 .   ? 10.763  -7.619  -4.492  1.00 30.85 ? 460 HOH A O   1 
HETATM 1466 O O   . HOH E 4 .   ? 14.218  9.651   -14.732 1.00 28.50 ? 461 HOH A O   1 
HETATM 1467 O O   . HOH E 4 .   ? -11.335 -9.626  15.541  0.50 30.50 ? 462 HOH A O   1 
HETATM 1468 O O   . HOH E 4 .   ? 6.287   -6.946  -16.500 1.00 35.38 ? 463 HOH A O   1 
HETATM 1469 O O   . HOH E 4 .   ? 12.355  13.119  -3.718  1.00 39.44 ? 464 HOH A O   1 
HETATM 1470 O O   . HOH E 4 .   ? -3.694  -13.319 -4.915  1.00 31.69 ? 465 HOH A O   1 
HETATM 1471 O O   . HOH E 4 .   ? 6.304   -18.684 1.954   1.00 30.21 ? 466 HOH A O   1 
HETATM 1472 O O   . HOH E 4 .   ? 11.191  13.678  -6.001  1.00 40.31 ? 467 HOH A O   1 
HETATM 1473 O O   . HOH E 4 .   ? -1.410  -20.417 4.647   1.00 20.79 ? 468 HOH A O   1 
HETATM 1474 O O   . HOH E 4 .   ? 0.434   12.950  13.738  1.00 44.28 ? 469 HOH A O   1 
HETATM 1475 O O   . HOH E 4 .   ? 13.172  -3.258  -13.619 1.00 34.75 ? 470 HOH A O   1 
HETATM 1476 O O   . HOH E 4 .   ? -1.565  -11.406 -13.257 1.00 30.35 ? 471 HOH A O   1 
HETATM 1477 O O   . HOH E 4 .   ? -11.432 1.276   -18.033 1.00 35.61 ? 472 HOH A O   1 
HETATM 1478 O O   . HOH E 4 .   ? 13.343  10.145  7.164   1.00 24.33 ? 473 HOH A O   1 
HETATM 1479 O O   . HOH E 4 .   ? 20.288  3.081   -3.483  1.00 33.77 ? 474 HOH A O   1 
HETATM 1480 O O   . HOH E 4 .   ? -1.321  -4.482  -20.146 1.00 38.03 ? 475 HOH A O   1 
HETATM 1481 O O   . HOH E 4 .   ? 3.064   -18.878 7.341   1.00 35.91 ? 476 HOH A O   1 
HETATM 1482 O O   . HOH E 4 .   ? -16.109 4.373   -4.266  1.00 38.91 ? 477 HOH A O   1 
HETATM 1483 O O   . HOH E 4 .   ? -11.139 15.705  -1.319  1.00 42.93 ? 478 HOH A O   1 
HETATM 1484 O O   . HOH E 4 .   ? 16.147  -6.458  -11.755 1.00 41.09 ? 479 HOH A O   1 
HETATM 1485 O O   . HOH E 4 .   ? -8.947  9.750   16.634  1.00 31.24 ? 480 HOH A O   1 
HETATM 1486 O O   . HOH E 4 .   ? -3.040  15.015  7.942   1.00 37.33 ? 481 HOH A O   1 
HETATM 1487 O O   . HOH E 4 .   ? 8.354   -1.950  10.894  1.00 30.71 ? 482 HOH A O   1 
HETATM 1488 O O   . HOH E 4 .   ? 14.152  -4.592  7.408   1.00 31.78 ? 483 HOH A O   1 
HETATM 1489 O O   . HOH E 4 .   ? -12.596 5.466   3.733   1.00 36.94 ? 484 HOH A O   1 
HETATM 1490 O O   . HOH E 4 .   ? 7.409   -16.605 3.529   1.00 34.24 ? 485 HOH A O   1 
HETATM 1491 O O   . HOH E 4 .   ? -6.084  3.666   -3.175  1.00 30.85 ? 486 HOH A O   1 
HETATM 1492 O O   . HOH E 4 .   ? -8.995  13.101  -4.930  1.00 41.02 ? 487 HOH A O   1 
HETATM 1493 O O   . HOH E 4 .   ? -5.081  1.045   -18.820 1.00 35.95 ? 488 HOH A O   1 
HETATM 1494 O O   . HOH E 4 .   ? -10.542 5.038   -1.386  1.00 39.93 ? 489 HOH A O   1 
HETATM 1495 O O   . HOH E 4 .   ? -6.736  -14.552 10.160  1.00 30.84 ? 490 HOH A O   1 
HETATM 1496 O O   . HOH E 4 .   ? 12.869  -5.517  9.803   1.00 23.24 ? 491 HOH A O   1 
HETATM 1497 O O   . HOH E 4 .   ? 17.768  7.586   -14.140 1.00 26.83 ? 492 HOH A O   1 
HETATM 1498 O O   . HOH E 4 .   ? -2.206  -10.579 -8.643  1.00 22.22 ? 493 HOH A O   1 
HETATM 1499 O O   . HOH E 4 .   ? -23.260 -0.665  -2.142  1.00 30.19 ? 494 HOH A O   1 
HETATM 1500 O O   . HOH E 4 .   ? 9.903   -14.973 -6.206  1.00 45.61 ? 495 HOH A O   1 
HETATM 1501 O O   . HOH E 4 .   ? 15.260  -9.671  8.841   1.00 32.80 ? 496 HOH A O   1 
HETATM 1502 O O   . HOH E 4 .   ? 19.920  2.382   -0.086  1.00 36.21 ? 497 HOH A O   1 
HETATM 1503 O O   . HOH E 4 .   ? 15.700  -3.091  -15.188 1.00 38.14 ? 498 HOH A O   1 
HETATM 1504 O O   . HOH E 4 .   ? -14.146 9.916   8.486   1.00 40.53 ? 499 HOH A O   1 
HETATM 1505 O O   . HOH E 4 .   ? -11.382 2.900   -11.811 1.00 30.55 ? 500 HOH A O   1 
HETATM 1506 O O   . HOH E 4 .   ? -8.400  -12.541 6.480   1.00 33.68 ? 501 HOH A O   1 
HETATM 1507 O O   . HOH E 4 .   ? 12.412  -8.803  -17.579 1.00 38.13 ? 502 HOH A O   1 
HETATM 1508 O O   . HOH E 4 .   ? -13.496 -8.682  -6.569  1.00 32.82 ? 503 HOH A O   1 
HETATM 1509 O O   . HOH E 4 .   ? 10.890  -7.462  -0.133  1.00 27.45 ? 504 HOH A O   1 
HETATM 1510 O O   . HOH E 4 .   ? -7.559  4.823   0.962   1.00 33.68 ? 505 HOH A O   1 
HETATM 1511 O O   . HOH E 4 .   ? -5.738  -14.447 14.526  1.00 35.72 ? 506 HOH A O   1 
HETATM 1512 O O   . HOH E 4 .   ? 14.735  12.511  7.737   1.00 38.21 ? 507 HOH A O   1 
HETATM 1513 O O   . HOH E 4 .   ? 1.204   17.466  2.375   1.00 40.26 ? 508 HOH A O   1 
HETATM 1514 O O   . HOH E 4 .   ? -10.021 5.534   2.141   1.00 39.73 ? 509 HOH A O   1 
HETATM 1515 O O   . HOH E 4 .   ? 21.261  -1.610  -2.418  1.00 39.20 ? 510 HOH A O   1 
HETATM 1516 O O   . HOH E 4 .   ? -13.739 -10.231 3.902   1.00 31.52 ? 511 HOH A O   1 
HETATM 1517 O O   . HOH E 4 .   ? 8.860   2.149   15.065  1.00 44.09 ? 512 HOH A O   1 
# 
